data_2XLT
#
_entry.id   2XLT
#
_cell.length_a   219.748
_cell.length_b   219.748
_cell.length_c   130.624
_cell.angle_alpha   90.00
_cell.angle_beta   90.00
_cell.angle_gamma   120.00
#
_symmetry.space_group_name_H-M   'P 61'
#
loop_
_entity.id
_entity.type
_entity.pdbx_description
1 polymer 'FLAVIN-CONTAINING MONOOXYGENASE'
2 non-polymer 'FLAVIN-ADENINE DINUCLEOTIDE'
3 non-polymer '3-ACETYLPYRIDINE ADENINE DINUCLEOTIDE PHOSPHATE'
4 non-polymer DI(HYDROXYETHYL)ETHER
5 non-polymer '4-(2-HYDROXYETHYL)-1-PIPERAZINE ETHANESULFONIC ACID'
6 water water
#
_entity_poly.entity_id   1
_entity_poly.type   'polypeptide(L)'
_entity_poly.pdbx_seq_one_letter_code
;GAMGSMATRIAILGAGPSGMAQLRAFQSAQEKGAEIPELVCFEKQADWGGQWNYTWRTGLDENGEPVHSSMYRYLWSNGP
KECLEFADYTFDEHFGKPIASYPPREVLWDYIKGRVEKAGVRKYIRFNTAVRHVEFNEDSQTFTVTVQDHTTDTIYSAAF
DYVVCCTGHFSTPYVPEFEGFEKFGGRILHAHDFRDALEFKDKTVLLVGSSYSAEDIGSQCYKYGAKKLISCYRTAPMGY
KWPENWDERPNLVRVDTENAYFADGSSEKVDAIILCTGYIHHFPFLNDDLRLVTNNRLWPLNLYKGVVWEDNPKFFYIGM
QDQWYSFNMFDAQAWYARDVIMGRLPLPSKEEMKADSMAWREKELTLVTAEEMYTYQGDYIQNLIDMTDYPSFDIPATNK
TFLEWKHHKKENIMTFRDHSYRSLMTGTMAPKHHTPWIDALDDSLEAYLSDKSEIPVAKEA
;
_entity_poly.pdbx_strand_id   A,B,C,D
#
loop_
_chem_comp.id
_chem_comp.type
_chem_comp.name
_chem_comp.formula
EPE non-polymer '4-(2-HYDROXYETHYL)-1-PIPERAZINE ETHANESULFONIC ACID' 'C8 H18 N2 O4 S'
FAD non-polymer 'FLAVIN-ADENINE DINUCLEOTIDE' 'C27 H33 N9 O15 P2'
NA0 non-polymer '3-ACETYLPYRIDINE ADENINE DINUCLEOTIDE PHOSPHATE' 'C22 H29 N6 O17 P3'
PEG non-polymer DI(HYDROXYETHYL)ETHER 'C4 H10 O3'
#
# COMPACT_ATOMS: atom_id res chain seq x y z
N ALA A 7 -2.19 18.45 21.98
CA ALA A 7 -2.84 17.61 20.92
C ALA A 7 -3.17 16.21 21.46
N THR A 8 -4.39 16.02 21.95
CA THR A 8 -4.81 14.69 22.42
C THR A 8 -4.87 13.64 21.28
N ARG A 9 -4.45 12.41 21.59
CA ARG A 9 -4.16 11.39 20.57
C ARG A 9 -4.86 10.06 20.86
N ILE A 10 -5.59 9.52 19.87
CA ILE A 10 -6.36 8.26 20.05
C ILE A 10 -5.85 7.14 19.18
N ALA A 11 -5.69 5.95 19.75
CA ALA A 11 -5.40 4.75 18.95
C ALA A 11 -6.65 3.90 18.81
N ILE A 12 -6.94 3.51 17.57
CA ILE A 12 -8.10 2.66 17.30
C ILE A 12 -7.53 1.35 16.80
N LEU A 13 -7.88 0.25 17.46
CA LEU A 13 -7.28 -1.06 17.14
C LEU A 13 -8.25 -1.87 16.27
N GLY A 14 -7.96 -1.94 14.97
CA GLY A 14 -8.80 -2.70 14.04
C GLY A 14 -9.61 -1.79 13.14
N ALA A 15 -9.74 -2.18 11.87
CA ALA A 15 -10.51 -1.45 10.89
C ALA A 15 -11.57 -2.38 10.28
N GLY A 16 -12.23 -3.14 11.13
CA GLY A 16 -13.44 -3.83 10.74
C GLY A 16 -14.59 -2.82 10.89
N PRO A 17 -15.84 -3.28 10.81
CA PRO A 17 -17.02 -2.42 11.01
C PRO A 17 -16.95 -1.53 12.25
N SER A 18 -16.40 -2.06 13.34
CA SER A 18 -16.29 -1.29 14.59
C SER A 18 -15.27 -0.14 14.50
N GLY A 19 -14.04 -0.44 14.05
CA GLY A 19 -13.03 0.61 13.90
C GLY A 19 -13.42 1.63 12.83
N MET A 20 -14.02 1.16 11.73
CA MET A 20 -14.64 2.05 10.72
C MET A 20 -15.70 2.98 11.32
N ALA A 21 -16.61 2.38 12.09
CA ALA A 21 -17.60 3.15 12.85
C ALA A 21 -16.97 4.17 13.77
N GLN A 22 -15.89 3.80 14.46
CA GLN A 22 -15.22 4.75 15.34
C GLN A 22 -14.63 5.93 14.57
N LEU A 23 -14.04 5.65 13.41
CA LEU A 23 -13.48 6.71 12.59
C LEU A 23 -14.59 7.62 12.04
N ARG A 24 -15.64 6.99 11.52
CA ARG A 24 -16.83 7.68 11.04
C ARG A 24 -17.43 8.58 12.11
N ALA A 25 -17.51 8.09 13.34
CA ALA A 25 -18.05 8.88 14.45
C ALA A 25 -17.25 10.16 14.65
N PHE A 26 -15.92 10.07 14.69
CA PHE A 26 -15.08 11.27 14.82
C PHE A 26 -15.19 12.22 13.60
N GLN A 27 -15.13 11.64 12.41
CA GLN A 27 -15.24 12.43 11.19
C GLN A 27 -16.57 13.20 11.16
N SER A 28 -17.63 12.57 11.65
CA SER A 28 -18.94 13.19 11.74
C SER A 28 -19.04 14.39 12.65
N ALA A 29 -18.37 14.34 13.79
CA ALA A 29 -18.30 15.48 14.70
C ALA A 29 -17.49 16.62 14.08
N GLN A 30 -16.35 16.28 13.48
CA GLN A 30 -15.51 17.24 12.76
C GLN A 30 -16.29 17.95 11.62
N GLU A 31 -17.04 17.20 10.84
CA GLU A 31 -17.85 17.77 9.75
C GLU A 31 -18.89 18.80 10.26
N LYS A 32 -19.40 18.56 11.47
CA LYS A 32 -20.34 19.47 12.10
C LYS A 32 -19.64 20.69 12.71
N GLY A 33 -18.31 20.71 12.66
CA GLY A 33 -17.54 21.85 13.14
C GLY A 33 -16.76 21.68 14.45
N ALA A 34 -16.84 20.50 15.08
CA ALA A 34 -16.10 20.28 16.32
C ALA A 34 -14.62 19.99 16.04
N GLU A 35 -13.77 20.39 16.98
CA GLU A 35 -12.37 20.02 16.97
C GLU A 35 -12.26 18.59 17.53
N ILE A 36 -11.58 17.71 16.81
CA ILE A 36 -11.41 16.32 17.26
C ILE A 36 -9.96 16.00 17.59
N PRO A 37 -9.71 14.92 18.37
CA PRO A 37 -8.34 14.49 18.64
C PRO A 37 -7.63 13.98 17.38
N GLU A 38 -6.32 13.79 17.45
CA GLU A 38 -5.58 13.10 16.42
C GLU A 38 -5.93 11.62 16.52
N LEU A 39 -6.04 10.95 15.38
CA LEU A 39 -6.46 9.54 15.34
C LEU A 39 -5.44 8.70 14.59
N VAL A 40 -5.09 7.56 15.16
CA VAL A 40 -4.32 6.58 14.42
C VAL A 40 -5.04 5.25 14.55
N CYS A 41 -5.32 4.61 13.42
CA CYS A 41 -5.95 3.30 13.42
C CYS A 41 -4.98 2.24 12.89
N PHE A 42 -4.85 1.14 13.60
CA PHE A 42 -3.94 0.07 13.21
C PHE A 42 -4.74 -1.16 12.72
N GLU A 43 -4.39 -1.69 11.54
CA GLU A 43 -5.11 -2.83 10.97
C GLU A 43 -4.09 -3.81 10.40
N LYS A 44 -4.17 -5.08 10.81
CA LYS A 44 -3.15 -6.04 10.38
C LYS A 44 -3.37 -6.55 8.94
N GLN A 45 -4.60 -6.48 8.44
CA GLN A 45 -4.90 -6.87 7.04
C GLN A 45 -4.49 -5.71 6.10
N ALA A 46 -4.48 -5.98 4.79
CA ALA A 46 -4.12 -5.00 3.76
C ALA A 46 -5.29 -4.08 3.42
N ASP A 47 -6.51 -4.41 3.86
CA ASP A 47 -7.68 -3.60 3.55
C ASP A 47 -8.66 -3.69 4.68
N TRP A 48 -9.61 -2.75 4.72
CA TRP A 48 -10.58 -2.69 5.81
C TRP A 48 -11.81 -3.59 5.56
N GLY A 49 -12.64 -3.73 6.58
CA GLY A 49 -13.83 -4.54 6.46
C GLY A 49 -13.87 -5.70 7.45
N GLY A 50 -12.73 -6.05 8.04
CA GLY A 50 -12.73 -7.05 9.13
C GLY A 50 -13.14 -8.46 8.70
N GLN A 51 -14.13 -9.04 9.36
CA GLN A 51 -14.70 -10.33 8.90
C GLN A 51 -15.09 -10.32 7.41
N TRP A 52 -15.63 -9.17 6.96
CA TRP A 52 -16.21 -9.05 5.63
C TRP A 52 -15.18 -9.01 4.49
N ASN A 53 -13.93 -8.73 4.83
CA ASN A 53 -12.79 -8.86 3.90
C ASN A 53 -12.38 -10.33 3.76
N TYR A 54 -12.76 -10.94 2.66
CA TYR A 54 -12.59 -12.38 2.42
C TYR A 54 -11.15 -12.75 2.14
N THR A 55 -10.70 -13.87 2.70
CA THR A 55 -9.40 -14.38 2.28
C THR A 55 -9.50 -15.88 2.00
N TRP A 56 -8.75 -16.34 1.00
CA TRP A 56 -8.57 -17.77 0.78
C TRP A 56 -7.67 -18.39 1.86
N ARG A 57 -6.92 -17.55 2.57
CA ARG A 57 -5.93 -18.01 3.57
C ARG A 57 -6.59 -18.55 4.84
N THR A 58 -5.82 -19.36 5.54
CA THR A 58 -6.35 -20.21 6.59
C THR A 58 -5.20 -20.39 7.61
N GLY A 59 -5.50 -20.41 8.92
CA GLY A 59 -4.48 -20.59 9.94
C GLY A 59 -3.71 -19.31 10.24
N LEU A 60 -2.59 -19.12 9.55
CA LEU A 60 -1.73 -17.94 9.68
C LEU A 60 -1.62 -17.18 8.33
N ASP A 61 -1.55 -15.85 8.36
CA ASP A 61 -1.59 -15.05 7.13
C ASP A 61 -0.22 -14.93 6.44
N GLU A 62 -0.11 -14.09 5.39
CA GLU A 62 1.16 -13.93 4.67
C GLU A 62 2.30 -13.42 5.56
N ASN A 63 1.96 -12.79 6.68
CA ASN A 63 2.97 -12.24 7.58
C ASN A 63 3.22 -13.09 8.82
N GLY A 64 2.55 -14.24 8.94
CA GLY A 64 2.60 -15.04 10.15
C GLY A 64 1.64 -14.65 11.27
N GLU A 65 0.72 -13.73 11.02
CA GLU A 65 -0.30 -13.38 12.02
C GLU A 65 -1.48 -14.31 11.85
N PRO A 66 -2.20 -14.61 12.94
CA PRO A 66 -3.45 -15.37 12.80
C PRO A 66 -4.40 -14.79 11.71
N VAL A 67 -4.92 -15.67 10.86
CA VAL A 67 -5.86 -15.28 9.83
C VAL A 67 -7.09 -14.80 10.57
N HIS A 68 -7.59 -13.62 10.21
CA HIS A 68 -8.68 -13.03 11.00
C HIS A 68 -10.08 -13.49 10.59
N SER A 69 -10.38 -13.36 9.29
CA SER A 69 -11.74 -13.60 8.82
C SER A 69 -12.14 -15.07 8.95
N SER A 70 -13.34 -15.32 9.46
CA SER A 70 -13.88 -16.67 9.47
C SER A 70 -14.81 -16.89 8.27
N MET A 71 -14.92 -15.89 7.39
CA MET A 71 -15.91 -15.93 6.31
C MET A 71 -15.57 -16.87 5.14
N TYR A 72 -16.61 -17.37 4.48
CA TYR A 72 -16.43 -18.41 3.49
C TYR A 72 -17.12 -18.01 2.19
N ARG A 73 -16.81 -18.73 1.12
CA ARG A 73 -17.48 -18.51 -0.16
C ARG A 73 -18.98 -18.72 0.06
N TYR A 74 -19.78 -17.91 -0.62
CA TYR A 74 -21.24 -18.08 -0.72
C TYR A 74 -21.98 -17.64 0.53
N LEU A 75 -21.25 -17.06 1.48
CA LEU A 75 -21.87 -16.50 2.68
C LEU A 75 -22.81 -15.34 2.28
N TRP A 76 -24.03 -15.39 2.79
CA TRP A 76 -24.95 -14.27 2.71
C TRP A 76 -25.31 -13.85 4.13
N SER A 77 -25.76 -12.61 4.24
CA SER A 77 -26.35 -12.06 5.45
C SER A 77 -27.18 -13.10 6.20
N ASN A 78 -26.98 -13.24 7.52
CA ASN A 78 -27.78 -14.23 8.25
C ASN A 78 -29.06 -13.68 8.85
N GLY A 79 -29.17 -12.37 8.92
CA GLY A 79 -30.37 -11.71 9.34
C GLY A 79 -30.77 -10.71 8.27
N PRO A 80 -31.90 -10.04 8.46
CA PRO A 80 -32.34 -9.06 7.45
C PRO A 80 -31.35 -7.89 7.38
N LYS A 81 -30.95 -7.48 6.17
CA LYS A 81 -30.08 -6.28 6.06
C LYS A 81 -30.71 -5.07 6.75
N GLU A 82 -32.04 -5.05 6.81
CA GLU A 82 -32.76 -3.96 7.43
C GLU A 82 -32.44 -3.79 8.91
N CYS A 83 -32.03 -4.88 9.57
CA CYS A 83 -31.62 -4.83 10.98
C CYS A 83 -30.21 -4.33 11.24
N LEU A 84 -29.40 -4.16 10.19
CA LEU A 84 -28.03 -3.68 10.35
C LEU A 84 -27.73 -2.38 9.56
N GLU A 85 -28.77 -1.80 8.93
CA GLU A 85 -28.62 -0.57 8.14
C GLU A 85 -28.07 0.55 9.01
N PHE A 86 -27.08 1.31 8.51
CA PHE A 86 -26.63 2.50 9.23
C PHE A 86 -27.71 3.62 9.23
N ALA A 87 -27.87 4.31 10.36
CA ALA A 87 -28.86 5.38 10.43
C ALA A 87 -28.40 6.64 9.69
N ASP A 88 -27.11 6.73 9.35
CA ASP A 88 -26.56 7.93 8.68
C ASP A 88 -26.09 7.65 7.25
N TYR A 89 -26.42 6.48 6.70
CA TYR A 89 -25.91 6.06 5.37
C TYR A 89 -26.68 4.85 4.89
N THR A 90 -27.76 5.12 4.16
CA THR A 90 -28.77 4.10 3.93
C THR A 90 -28.41 3.22 2.76
N PHE A 91 -29.05 2.06 2.67
CA PHE A 91 -28.92 1.23 1.49
C PHE A 91 -29.34 1.98 0.19
N ASP A 92 -30.42 2.76 0.27
CA ASP A 92 -30.83 3.62 -0.88
C ASP A 92 -29.72 4.55 -1.32
N GLU A 93 -29.13 5.27 -0.36
CA GLU A 93 -27.97 6.11 -0.66
C GLU A 93 -26.85 5.33 -1.34
N HIS A 94 -26.48 4.18 -0.78
CA HIS A 94 -25.30 3.50 -1.29
C HIS A 94 -25.51 2.89 -2.68
N PHE A 95 -26.63 2.19 -2.83
CA PHE A 95 -26.86 1.40 -4.06
C PHE A 95 -27.70 2.11 -5.12
N GLY A 96 -28.37 3.20 -4.74
CA GLY A 96 -29.19 4.01 -5.67
C GLY A 96 -30.44 3.29 -6.17
N LYS A 97 -30.76 2.14 -5.57
CA LYS A 97 -31.97 1.39 -5.89
C LYS A 97 -32.28 0.35 -4.77
N PRO A 98 -33.53 -0.19 -4.75
CA PRO A 98 -33.87 -1.27 -3.81
C PRO A 98 -33.15 -2.58 -4.15
N ILE A 99 -32.71 -3.31 -3.13
CA ILE A 99 -32.14 -4.65 -3.29
C ILE A 99 -32.79 -5.61 -2.30
N ALA A 100 -32.65 -6.92 -2.53
CA ALA A 100 -33.26 -7.88 -1.62
C ALA A 100 -32.64 -7.80 -0.21
N SER A 101 -33.21 -8.57 0.72
CA SER A 101 -32.98 -8.41 2.16
C SER A 101 -31.82 -9.18 2.80
N TYR A 102 -31.24 -10.12 2.06
CA TYR A 102 -30.13 -10.91 2.56
C TYR A 102 -28.97 -10.90 1.58
N PRO A 103 -28.21 -9.81 1.54
CA PRO A 103 -27.19 -9.74 0.51
C PRO A 103 -25.97 -10.64 0.80
N PRO A 104 -25.30 -11.12 -0.26
CA PRO A 104 -24.03 -11.84 -0.15
C PRO A 104 -22.94 -10.99 0.49
N ARG A 105 -21.97 -11.66 1.10
CA ARG A 105 -20.85 -11.00 1.76
C ARG A 105 -20.28 -9.80 0.97
N GLU A 106 -19.92 -9.99 -0.31
CA GLU A 106 -19.27 -8.92 -1.08
C GLU A 106 -20.13 -7.67 -1.20
N VAL A 107 -21.44 -7.87 -1.28
CA VAL A 107 -22.40 -6.77 -1.30
C VAL A 107 -22.44 -5.95 0.00
N LEU A 108 -22.45 -6.62 1.16
CA LEU A 108 -22.41 -5.90 2.43
C LEU A 108 -21.04 -5.26 2.70
N TRP A 109 -19.98 -5.92 2.24
CA TRP A 109 -18.62 -5.38 2.34
C TRP A 109 -18.53 -4.06 1.54
N ASP A 110 -19.09 -4.08 0.33
CA ASP A 110 -19.15 -2.89 -0.53
C ASP A 110 -19.88 -1.75 0.16
N TYR A 111 -21.01 -2.09 0.80
CA TYR A 111 -21.80 -1.16 1.62
C TYR A 111 -21.03 -0.53 2.79
N ILE A 112 -20.41 -1.33 3.65
CA ILE A 112 -19.71 -0.74 4.81
C ILE A 112 -18.52 0.12 4.38
N LYS A 113 -17.85 -0.30 3.30
CA LYS A 113 -16.77 0.49 2.75
C LYS A 113 -17.27 1.83 2.17
N GLY A 114 -18.43 1.83 1.50
CA GLY A 114 -18.99 3.06 0.88
C GLY A 114 -19.06 4.19 1.90
N ARG A 115 -19.55 3.88 3.11
CA ARG A 115 -19.68 4.93 4.13
C ARG A 115 -18.34 5.59 4.49
N VAL A 116 -17.31 4.79 4.71
CA VAL A 116 -16.01 5.34 5.14
C VAL A 116 -15.19 5.86 3.95
N GLU A 117 -15.46 5.34 2.76
CA GLU A 117 -14.96 5.99 1.53
C GLU A 117 -15.48 7.43 1.42
N LYS A 118 -16.79 7.62 1.58
CA LYS A 118 -17.42 8.95 1.58
C LYS A 118 -16.88 9.83 2.69
N ALA A 119 -16.63 9.23 3.86
CA ALA A 119 -16.15 10.00 5.01
C ALA A 119 -14.70 10.47 4.86
N GLY A 120 -13.95 9.83 3.98
CA GLY A 120 -12.53 10.14 3.79
C GLY A 120 -11.59 9.68 4.92
N VAL A 121 -11.99 8.69 5.70
CA VAL A 121 -11.19 8.30 6.89
C VAL A 121 -10.11 7.22 6.68
N ARG A 122 -9.95 6.74 5.46
CA ARG A 122 -8.85 5.82 5.17
C ARG A 122 -7.47 6.35 5.57
N LYS A 123 -7.29 7.68 5.41
CA LYS A 123 -6.03 8.37 5.71
C LYS A 123 -5.51 8.18 7.14
N TYR A 124 -6.40 7.81 8.07
CA TYR A 124 -6.00 7.60 9.47
C TYR A 124 -5.47 6.17 9.74
N ILE A 125 -5.62 5.27 8.76
CA ILE A 125 -5.33 3.84 8.98
C ILE A 125 -3.97 3.40 8.47
N ARG A 126 -3.25 2.69 9.32
CA ARG A 126 -1.97 2.08 8.96
C ARG A 126 -2.27 0.62 8.81
N PHE A 127 -2.30 0.19 7.55
CA PHE A 127 -2.64 -1.17 7.19
C PHE A 127 -1.40 -2.08 7.29
N ASN A 128 -1.61 -3.37 7.16
CA ASN A 128 -0.51 -4.34 7.22
C ASN A 128 0.31 -4.15 8.47
N THR A 129 -0.35 -3.76 9.56
CA THR A 129 0.30 -3.42 10.81
C THR A 129 -0.41 -4.14 11.97
N ALA A 130 0.33 -5.04 12.62
CA ALA A 130 -0.22 -5.81 13.71
C ALA A 130 0.11 -5.20 15.06
N VAL A 131 -0.90 -5.00 15.90
CA VAL A 131 -0.71 -4.51 17.27
C VAL A 131 -0.15 -5.63 18.14
N ARG A 132 0.98 -5.37 18.80
CA ARG A 132 1.69 -6.37 19.61
C ARG A 132 1.46 -6.20 21.09
N HIS A 133 1.39 -4.96 21.55
CA HIS A 133 1.31 -4.71 22.99
C HIS A 133 0.69 -3.33 23.23
N VAL A 134 -0.16 -3.24 24.25
CA VAL A 134 -0.67 -1.95 24.75
C VAL A 134 -0.41 -1.93 26.26
N GLU A 135 0.32 -0.93 26.74
CA GLU A 135 0.66 -0.77 28.17
C GLU A 135 0.30 0.63 28.62
N PHE A 136 -0.25 0.73 29.83
CA PHE A 136 -0.60 2.01 30.43
C PHE A 136 0.53 2.41 31.37
N ASN A 137 1.02 3.63 31.19
CA ASN A 137 2.07 4.18 32.05
C ASN A 137 1.40 5.08 33.07
N GLU A 138 1.49 4.70 34.35
CA GLU A 138 0.93 5.48 35.48
C GLU A 138 1.48 6.90 35.66
N ASP A 139 2.80 7.06 35.52
CA ASP A 139 3.45 8.35 35.69
C ASP A 139 3.02 9.39 34.63
N SER A 140 2.89 8.98 33.37
CA SER A 140 2.48 9.92 32.32
C SER A 140 0.98 9.92 32.02
N GLN A 141 0.25 8.94 32.57
CA GLN A 141 -1.18 8.72 32.26
C GLN A 141 -1.46 8.49 30.74
N THR A 142 -0.54 7.80 30.06
CA THR A 142 -0.68 7.55 28.64
C THR A 142 -0.49 6.06 28.36
N PHE A 143 -0.93 5.62 27.19
CA PHE A 143 -0.71 4.24 26.75
C PHE A 143 0.47 4.24 25.78
N THR A 144 1.29 3.20 25.84
CA THR A 144 2.29 2.94 24.80
C THR A 144 1.78 1.78 23.95
N VAL A 145 1.59 2.01 22.65
CA VAL A 145 1.11 0.98 21.75
C VAL A 145 2.30 0.57 20.87
N THR A 146 2.63 -0.73 20.89
CA THR A 146 3.76 -1.26 20.14
C THR A 146 3.18 -2.09 19.02
N VAL A 147 3.69 -1.90 17.81
CA VAL A 147 3.12 -2.53 16.65
C VAL A 147 4.21 -3.07 15.74
N GLN A 148 3.87 -4.04 14.89
CA GLN A 148 4.80 -4.48 13.87
C GLN A 148 4.27 -4.07 12.49
N ASP A 149 5.02 -3.23 11.79
CA ASP A 149 4.68 -2.80 10.43
C ASP A 149 5.26 -3.84 9.48
N HIS A 150 4.40 -4.68 8.92
CA HIS A 150 4.87 -5.74 8.05
C HIS A 150 5.28 -5.28 6.66
N THR A 151 4.93 -4.05 6.28
CA THR A 151 5.43 -3.50 5.02
C THR A 151 6.94 -3.19 5.10
N THR A 152 7.37 -2.63 6.23
CA THR A 152 8.76 -2.30 6.44
C THR A 152 9.47 -3.33 7.35
N ASP A 153 8.74 -4.34 7.82
CA ASP A 153 9.24 -5.29 8.82
C ASP A 153 9.96 -4.61 10.00
N THR A 154 9.31 -3.63 10.60
CA THR A 154 9.87 -2.82 11.67
C THR A 154 8.85 -2.86 12.79
N ILE A 155 9.35 -2.88 14.01
CA ILE A 155 8.54 -2.81 15.22
C ILE A 155 8.80 -1.47 15.90
N TYR A 156 7.74 -0.70 16.15
CA TYR A 156 7.88 0.63 16.77
C TYR A 156 6.75 0.84 17.77
N SER A 157 6.88 1.87 18.59
CA SER A 157 5.83 2.19 19.52
C SER A 157 5.45 3.66 19.45
N ALA A 158 4.26 4.00 19.94
CA ALA A 158 3.80 5.38 19.99
C ALA A 158 2.88 5.55 21.20
N ALA A 159 2.80 6.78 21.70
CA ALA A 159 2.08 7.11 22.91
C ALA A 159 0.69 7.65 22.53
N PHE A 160 -0.32 7.22 23.28
CA PHE A 160 -1.69 7.66 23.08
C PHE A 160 -2.33 8.01 24.40
N ASP A 161 -3.32 8.89 24.34
CA ASP A 161 -4.09 9.32 25.50
C ASP A 161 -5.26 8.38 25.78
N TYR A 162 -5.87 7.86 24.71
CA TYR A 162 -6.97 6.93 24.83
C TYR A 162 -6.75 5.85 23.81
N VAL A 163 -7.29 4.66 24.09
CA VAL A 163 -7.25 3.53 23.16
C VAL A 163 -8.65 2.94 23.03
N VAL A 164 -9.06 2.69 21.78
CA VAL A 164 -10.34 2.04 21.48
C VAL A 164 -10.07 0.70 20.79
N CYS A 165 -10.40 -0.39 21.48
CA CYS A 165 -10.13 -1.71 20.99
C CYS A 165 -11.30 -2.25 20.15
N CYS A 166 -11.03 -2.50 18.87
CA CYS A 166 -12.09 -2.88 17.92
C CYS A 166 -11.67 -4.14 17.18
N THR A 167 -11.06 -5.09 17.91
CA THR A 167 -10.37 -6.22 17.27
C THR A 167 -11.23 -7.48 17.13
N GLY A 168 -12.50 -7.39 17.51
CA GLY A 168 -13.44 -8.50 17.36
C GLY A 168 -13.28 -9.62 18.39
N HIS A 169 -14.17 -10.59 18.30
CA HIS A 169 -14.17 -11.74 19.21
C HIS A 169 -14.70 -13.02 18.52
N PHE A 170 -14.73 -13.03 17.19
CA PHE A 170 -15.19 -14.19 16.44
C PHE A 170 -14.09 -14.67 15.50
N SER A 171 -12.85 -14.59 15.96
CA SER A 171 -11.72 -14.94 15.12
C SER A 171 -10.76 -15.96 15.72
N THR A 172 -10.69 -16.05 17.05
CA THR A 172 -9.82 -17.02 17.73
C THR A 172 -10.69 -18.20 18.15
N PRO A 173 -10.52 -19.35 17.48
CA PRO A 173 -11.49 -20.42 17.66
C PRO A 173 -11.44 -21.13 19.01
N TYR A 174 -12.61 -21.53 19.48
CA TYR A 174 -12.73 -22.52 20.53
C TYR A 174 -12.88 -23.89 19.85
N VAL A 175 -11.91 -24.78 20.10
CA VAL A 175 -11.79 -26.02 19.38
C VAL A 175 -11.62 -27.17 20.39
N PRO A 176 -12.75 -27.79 20.82
CA PRO A 176 -12.66 -28.88 21.81
C PRO A 176 -12.12 -30.14 21.14
N GLU A 177 -11.41 -30.94 21.91
CA GLU A 177 -10.89 -32.23 21.46
C GLU A 177 -11.88 -33.35 21.77
N PHE A 178 -11.99 -34.31 20.85
CA PHE A 178 -12.76 -35.52 21.08
C PHE A 178 -11.82 -36.70 20.92
N GLU A 179 -12.10 -37.75 21.69
CA GLU A 179 -11.32 -38.99 21.64
C GLU A 179 -11.23 -39.49 20.20
N GLY A 180 -10.01 -39.79 19.76
CA GLY A 180 -9.77 -40.38 18.45
C GLY A 180 -9.40 -39.43 17.33
N PHE A 181 -9.47 -38.12 17.58
CA PHE A 181 -9.11 -37.13 16.56
C PHE A 181 -7.71 -37.39 15.95
N GLU A 182 -6.79 -37.90 16.74
CA GLU A 182 -5.44 -38.16 16.23
C GLU A 182 -5.34 -39.36 15.31
N LYS A 183 -6.37 -40.21 15.26
CA LYS A 183 -6.31 -41.35 14.34
C LYS A 183 -7.27 -41.26 13.14
N PHE A 184 -8.16 -40.27 13.17
CA PHE A 184 -9.11 -40.06 12.09
C PHE A 184 -8.41 -39.69 10.78
N GLY A 185 -8.85 -40.32 9.69
CA GLY A 185 -8.20 -40.21 8.40
C GLY A 185 -8.64 -39.05 7.53
N GLY A 186 -9.77 -38.44 7.84
CA GLY A 186 -10.27 -37.29 7.06
C GLY A 186 -9.87 -35.95 7.66
N ARG A 187 -10.27 -34.87 7.00
CA ARG A 187 -9.88 -33.54 7.47
C ARG A 187 -10.65 -33.21 8.74
N ILE A 188 -9.98 -32.62 9.72
CA ILE A 188 -10.64 -31.99 10.85
C ILE A 188 -10.30 -30.50 10.83
N LEU A 189 -11.34 -29.67 10.88
CA LEU A 189 -11.18 -28.23 10.86
C LEU A 189 -12.23 -27.58 11.77
N HIS A 190 -11.98 -26.33 12.17
CA HIS A 190 -12.96 -25.51 12.83
C HIS A 190 -13.70 -24.73 11.74
N ALA A 191 -14.91 -24.26 12.06
CA ALA A 191 -15.68 -23.34 11.18
C ALA A 191 -14.83 -22.17 10.63
N HIS A 192 -13.90 -21.68 11.44
CA HIS A 192 -13.06 -20.53 11.14
C HIS A 192 -12.20 -20.81 9.91
N ASP A 193 -11.95 -22.08 9.64
CA ASP A 193 -11.07 -22.53 8.55
C ASP A 193 -11.84 -22.94 7.29
N PHE A 194 -13.17 -22.96 7.38
CA PHE A 194 -14.03 -23.37 6.26
C PHE A 194 -14.02 -22.31 5.13
N ARG A 195 -13.77 -22.72 3.89
CA ARG A 195 -13.65 -21.76 2.79
C ARG A 195 -14.61 -22.04 1.62
N ASP A 196 -14.33 -23.05 0.80
CA ASP A 196 -15.21 -23.36 -0.34
C ASP A 196 -16.02 -24.64 -0.09
N ALA A 197 -17.35 -24.51 -0.01
CA ALA A 197 -18.21 -25.67 0.23
C ALA A 197 -17.94 -26.80 -0.78
N LEU A 198 -17.55 -26.46 -2.01
CA LEU A 198 -17.27 -27.46 -3.05
C LEU A 198 -16.14 -28.42 -2.70
N GLU A 199 -15.31 -28.05 -1.72
CA GLU A 199 -14.31 -28.97 -1.19
C GLU A 199 -14.97 -30.27 -0.71
N PHE A 200 -16.21 -30.15 -0.22
CA PHE A 200 -16.91 -31.27 0.41
C PHE A 200 -18.01 -31.88 -0.49
N LYS A 201 -18.00 -31.53 -1.78
CA LYS A 201 -18.95 -32.09 -2.74
C LYS A 201 -18.87 -33.61 -2.72
N ASP A 202 -20.02 -34.28 -2.64
CA ASP A 202 -20.08 -35.77 -2.62
C ASP A 202 -19.45 -36.42 -1.40
N LYS A 203 -19.26 -35.66 -0.32
CA LYS A 203 -18.75 -36.24 0.91
C LYS A 203 -19.79 -36.18 2.03
N THR A 204 -19.54 -36.99 3.07
CA THR A 204 -20.30 -36.94 4.32
C THR A 204 -19.55 -36.07 5.36
N VAL A 205 -20.23 -35.02 5.81
CA VAL A 205 -19.63 -34.01 6.66
C VAL A 205 -20.33 -34.05 8.02
N LEU A 206 -19.55 -34.18 9.08
CA LEU A 206 -20.06 -34.06 10.44
C LEU A 206 -19.84 -32.63 10.91
N LEU A 207 -20.90 -31.99 11.37
CA LEU A 207 -20.82 -30.66 11.92
C LEU A 207 -21.04 -30.82 13.41
N VAL A 208 -20.03 -30.47 14.20
CA VAL A 208 -20.16 -30.44 15.66
C VAL A 208 -20.63 -29.06 16.16
N GLY A 209 -21.83 -29.03 16.74
CA GLY A 209 -22.40 -27.83 17.26
C GLY A 209 -23.81 -27.67 16.71
N SER A 210 -24.51 -26.69 17.24
CA SER A 210 -25.92 -26.57 16.96
C SER A 210 -26.41 -25.11 17.04
N SER A 211 -25.57 -24.16 16.64
CA SER A 211 -25.95 -22.75 16.58
C SER A 211 -25.74 -22.22 15.12
N TYR A 212 -25.60 -20.90 14.94
CA TYR A 212 -25.55 -20.24 13.62
C TYR A 212 -24.49 -20.81 12.68
N SER A 213 -23.32 -21.08 13.22
CA SER A 213 -22.26 -21.59 12.40
C SER A 213 -22.62 -22.95 11.81
N ALA A 214 -23.17 -23.84 12.64
CA ALA A 214 -23.57 -25.16 12.15
C ALA A 214 -24.72 -25.09 11.13
N GLU A 215 -25.73 -24.27 11.41
CA GLU A 215 -26.83 -24.12 10.49
C GLU A 215 -26.32 -23.70 9.12
N ASP A 216 -25.47 -22.69 9.11
CA ASP A 216 -25.14 -22.10 7.84
C ASP A 216 -24.07 -22.84 7.08
N ILE A 217 -23.11 -23.41 7.78
CA ILE A 217 -22.09 -24.20 7.11
C ILE A 217 -22.69 -25.50 6.56
N GLY A 218 -23.59 -26.12 7.29
CA GLY A 218 -24.28 -27.29 6.74
C GLY A 218 -25.13 -26.89 5.52
N SER A 219 -25.81 -25.75 5.59
CA SER A 219 -26.59 -25.23 4.47
C SER A 219 -25.72 -25.03 3.22
N GLN A 220 -24.53 -24.45 3.40
CA GLN A 220 -23.59 -24.32 2.28
C GLN A 220 -23.18 -25.65 1.70
N CYS A 221 -22.80 -26.61 2.56
CA CYS A 221 -22.40 -27.92 2.04
C CYS A 221 -23.57 -28.58 1.31
N TYR A 222 -24.76 -28.48 1.89
CA TYR A 222 -25.97 -28.97 1.27
C TYR A 222 -26.16 -28.33 -0.12
N LYS A 223 -26.16 -27.00 -0.17
CA LYS A 223 -26.47 -26.26 -1.40
C LYS A 223 -25.52 -26.60 -2.50
N TYR A 224 -24.25 -26.83 -2.14
CA TYR A 224 -23.18 -27.06 -3.12
C TYR A 224 -22.86 -28.53 -3.35
N GLY A 225 -23.72 -29.42 -2.86
CA GLY A 225 -23.66 -30.86 -3.26
C GLY A 225 -22.93 -31.85 -2.35
N ALA A 226 -22.92 -31.65 -1.04
CA ALA A 226 -22.37 -32.66 -0.15
C ALA A 226 -23.25 -33.92 -0.26
N LYS A 227 -22.64 -35.09 -0.16
CA LYS A 227 -23.45 -36.32 -0.11
C LYS A 227 -24.40 -36.31 1.09
N LYS A 228 -23.88 -35.94 2.25
CA LYS A 228 -24.65 -36.08 3.47
C LYS A 228 -24.11 -35.21 4.59
N LEU A 229 -25.01 -34.73 5.44
CA LEU A 229 -24.65 -33.91 6.59
C LEU A 229 -25.10 -34.56 7.88
N ILE A 230 -24.25 -34.47 8.90
CA ILE A 230 -24.64 -34.87 10.22
C ILE A 230 -24.29 -33.72 11.14
N SER A 231 -25.27 -33.22 11.87
CA SER A 231 -24.96 -32.25 12.90
C SER A 231 -25.27 -32.87 14.26
N CYS A 232 -24.38 -32.66 15.22
CA CYS A 232 -24.62 -33.17 16.55
C CYS A 232 -24.62 -32.09 17.61
N TYR A 233 -25.50 -32.28 18.60
CA TYR A 233 -25.75 -31.28 19.60
C TYR A 233 -25.28 -31.74 20.97
N ARG A 234 -24.82 -30.77 21.76
CA ARG A 234 -24.38 -31.04 23.12
C ARG A 234 -25.57 -30.97 24.08
N THR A 235 -26.39 -29.92 24.01
CA THR A 235 -27.54 -29.82 24.95
C THR A 235 -28.93 -30.08 24.31
N ALA A 236 -29.25 -29.39 23.22
CA ALA A 236 -30.53 -29.64 22.50
C ALA A 236 -30.46 -29.52 20.97
N PRO A 237 -31.28 -30.31 20.24
CA PRO A 237 -31.33 -30.24 18.79
C PRO A 237 -31.71 -28.84 18.26
N MET A 238 -31.13 -28.46 17.13
CA MET A 238 -31.52 -27.23 16.44
C MET A 238 -33.03 -27.28 16.22
N GLY A 239 -33.51 -28.42 15.69
CA GLY A 239 -34.95 -28.69 15.63
C GLY A 239 -35.65 -28.20 14.36
N TYR A 240 -34.90 -27.70 13.38
CA TYR A 240 -35.53 -27.32 12.12
C TYR A 240 -35.82 -28.58 11.33
N LYS A 241 -36.72 -28.49 10.35
CA LYS A 241 -36.85 -29.60 9.44
C LYS A 241 -35.76 -29.43 8.39
N TRP A 242 -34.81 -30.36 8.39
CA TRP A 242 -33.64 -30.35 7.53
C TRP A 242 -33.94 -31.16 6.28
N PRO A 243 -33.18 -30.94 5.18
CA PRO A 243 -33.33 -31.77 3.97
C PRO A 243 -33.14 -33.26 4.26
N GLU A 244 -33.60 -34.10 3.33
CA GLU A 244 -33.47 -35.55 3.39
C GLU A 244 -32.06 -36.11 3.73
N ASN A 245 -31.01 -35.50 3.19
CA ASN A 245 -29.66 -35.99 3.42
C ASN A 245 -28.93 -35.31 4.61
N TRP A 246 -29.68 -34.89 5.62
CA TRP A 246 -29.12 -34.24 6.81
C TRP A 246 -29.69 -34.91 8.06
N ASP A 247 -28.84 -35.57 8.85
CA ASP A 247 -29.26 -36.11 10.15
C ASP A 247 -28.82 -35.20 11.31
N GLU A 248 -29.68 -35.10 12.32
CA GLU A 248 -29.33 -34.49 13.59
C GLU A 248 -29.09 -35.63 14.62
N ARG A 249 -27.92 -35.66 15.28
CA ARG A 249 -27.57 -36.67 16.31
C ARG A 249 -27.23 -36.02 17.66
N PRO A 250 -27.38 -36.76 18.78
CA PRO A 250 -26.85 -36.26 20.05
C PRO A 250 -25.32 -36.35 20.04
N ASN A 251 -24.65 -35.91 21.11
CA ASN A 251 -23.22 -35.56 20.98
C ASN A 251 -22.28 -36.66 20.50
N LEU A 252 -21.28 -36.22 19.75
CA LEU A 252 -20.18 -37.07 19.32
C LEU A 252 -19.50 -37.58 20.59
N VAL A 253 -19.24 -38.87 20.67
CA VAL A 253 -18.46 -39.36 21.81
C VAL A 253 -17.03 -39.71 21.43
N ARG A 254 -16.83 -40.20 20.22
CA ARG A 254 -15.46 -40.46 19.76
C ARG A 254 -15.46 -40.77 18.29
N VAL A 255 -14.26 -40.91 17.77
CA VAL A 255 -14.04 -41.13 16.38
C VAL A 255 -12.97 -42.21 16.25
N ASP A 256 -13.01 -43.00 15.18
CA ASP A 256 -11.86 -43.82 14.94
C ASP A 256 -11.24 -43.42 13.63
N THR A 257 -10.70 -44.41 12.97
CA THR A 257 -10.02 -44.26 11.73
C THR A 257 -10.95 -43.69 10.61
N GLU A 258 -12.22 -44.09 10.61
CA GLU A 258 -13.13 -43.65 9.58
C GLU A 258 -14.51 -43.21 10.06
N ASN A 259 -14.90 -43.61 11.26
CA ASN A 259 -16.28 -43.45 11.75
C ASN A 259 -16.43 -42.53 12.95
N ALA A 260 -17.57 -41.86 13.01
CA ALA A 260 -17.98 -41.09 14.18
C ALA A 260 -18.92 -41.94 15.02
N TYR A 261 -18.78 -41.89 16.34
CA TYR A 261 -19.67 -42.56 17.30
C TYR A 261 -20.41 -41.51 18.11
N PHE A 262 -21.73 -41.67 18.25
CA PHE A 262 -22.62 -40.68 18.88
C PHE A 262 -23.25 -41.20 20.17
N ALA A 263 -23.79 -40.31 20.98
CA ALA A 263 -24.32 -40.70 22.30
C ALA A 263 -25.58 -41.58 22.28
N ASP A 264 -26.17 -41.75 21.10
CA ASP A 264 -27.33 -42.65 20.93
C ASP A 264 -26.88 -44.07 20.53
N GLY A 265 -25.58 -44.33 20.59
CA GLY A 265 -25.07 -45.64 20.22
C GLY A 265 -24.90 -45.89 18.73
N SER A 266 -25.33 -44.95 17.88
CA SER A 266 -25.11 -45.11 16.44
C SER A 266 -23.67 -44.80 16.07
N SER A 267 -23.27 -45.23 14.87
CA SER A 267 -21.99 -44.85 14.32
C SER A 267 -22.01 -44.98 12.82
N GLU A 268 -21.24 -44.15 12.12
CA GLU A 268 -21.11 -44.26 10.68
C GLU A 268 -19.89 -43.55 10.11
N LYS A 269 -19.62 -43.84 8.85
CA LYS A 269 -18.52 -43.28 8.08
C LYS A 269 -18.68 -41.77 7.88
N VAL A 270 -17.60 -41.04 8.13
CA VAL A 270 -17.61 -39.59 8.00
C VAL A 270 -16.31 -39.22 7.27
N ASP A 271 -16.40 -38.29 6.31
CA ASP A 271 -15.22 -37.86 5.53
C ASP A 271 -14.48 -36.67 6.11
N ALA A 272 -15.20 -35.76 6.74
CA ALA A 272 -14.61 -34.54 7.29
C ALA A 272 -15.36 -34.12 8.55
N ILE A 273 -14.64 -33.54 9.51
CA ILE A 273 -15.29 -33.02 10.71
C ILE A 273 -15.07 -31.51 10.84
N ILE A 274 -16.16 -30.77 11.00
CA ILE A 274 -16.07 -29.33 11.16
C ILE A 274 -16.59 -28.96 12.52
N LEU A 275 -15.71 -28.43 13.36
CA LEU A 275 -16.11 -27.91 14.67
C LEU A 275 -16.74 -26.53 14.55
N CYS A 276 -18.04 -26.51 14.81
CA CYS A 276 -18.84 -25.30 14.72
C CYS A 276 -19.11 -24.85 16.14
N THR A 277 -18.01 -24.68 16.88
CA THR A 277 -18.07 -24.58 18.35
C THR A 277 -17.79 -23.19 18.93
N GLY A 278 -17.78 -22.16 18.09
CA GLY A 278 -17.65 -20.80 18.58
C GLY A 278 -16.20 -20.38 18.78
N TYR A 279 -16.04 -19.27 19.51
CA TYR A 279 -14.79 -18.54 19.56
C TYR A 279 -14.49 -18.10 20.97
N ILE A 280 -13.27 -17.63 21.20
CA ILE A 280 -12.95 -17.06 22.49
C ILE A 280 -12.55 -15.59 22.33
N HIS A 281 -12.81 -14.80 23.38
CA HIS A 281 -12.25 -13.48 23.53
C HIS A 281 -10.78 -13.63 23.83
N HIS A 282 -9.96 -13.15 22.90
CA HIS A 282 -8.52 -13.32 22.96
C HIS A 282 -7.85 -12.00 22.56
N PHE A 283 -7.02 -11.47 23.45
CA PHE A 283 -6.31 -10.20 23.23
C PHE A 283 -4.85 -10.42 23.63
N PRO A 284 -4.06 -10.98 22.71
CA PRO A 284 -2.64 -11.26 23.03
C PRO A 284 -1.81 -9.98 23.30
N PHE A 285 -2.32 -8.81 22.92
CA PHE A 285 -1.58 -7.56 23.06
C PHE A 285 -1.88 -6.79 24.37
N LEU A 286 -2.66 -7.40 25.27
CA LEU A 286 -3.06 -6.76 26.53
C LEU A 286 -2.65 -7.59 27.71
N ASN A 287 -2.09 -6.96 28.75
CA ASN A 287 -1.88 -7.61 30.05
C ASN A 287 -3.18 -7.57 30.86
N ASP A 288 -3.18 -8.16 32.07
CA ASP A 288 -4.41 -8.34 32.86
C ASP A 288 -5.08 -7.02 33.31
N ASP A 289 -4.32 -5.93 33.40
CA ASP A 289 -4.89 -4.64 33.79
C ASP A 289 -5.94 -4.13 32.78
N LEU A 290 -5.76 -4.46 31.50
CA LEU A 290 -6.64 -3.97 30.43
C LEU A 290 -7.50 -5.05 29.72
N ARG A 291 -7.25 -6.32 30.03
CA ARG A 291 -7.71 -7.44 29.25
C ARG A 291 -9.12 -7.95 29.61
N LEU A 292 -10.05 -7.84 28.66
CA LEU A 292 -11.42 -8.32 28.85
C LEU A 292 -11.46 -9.85 28.81
N VAL A 293 -12.05 -10.43 29.83
CA VAL A 293 -12.15 -11.89 29.94
C VAL A 293 -13.65 -12.21 30.07
N THR A 294 -14.21 -12.89 29.09
CA THR A 294 -15.65 -13.15 29.14
C THR A 294 -16.02 -14.27 28.17
N ASN A 295 -17.17 -14.90 28.40
CA ASN A 295 -17.75 -15.73 27.35
C ASN A 295 -18.63 -14.86 26.42
N ASN A 296 -18.96 -15.38 25.25
CA ASN A 296 -19.85 -14.70 24.31
C ASN A 296 -21.26 -14.52 24.88
N ARG A 297 -21.71 -13.27 25.04
CA ARG A 297 -22.99 -13.02 25.71
C ARG A 297 -23.41 -11.58 25.50
N LEU A 298 -24.66 -11.29 25.85
CA LEU A 298 -25.27 -10.01 25.67
C LEU A 298 -24.70 -8.97 26.60
N TRP A 299 -24.32 -9.39 27.81
CA TRP A 299 -23.74 -8.43 28.75
C TRP A 299 -22.43 -8.88 29.45
N PRO A 300 -21.25 -8.72 28.81
CA PRO A 300 -20.01 -8.89 29.58
C PRO A 300 -19.85 -7.84 30.65
N LEU A 301 -19.21 -8.22 31.76
CA LEU A 301 -18.99 -7.37 32.94
C LEU A 301 -17.74 -6.50 32.76
N ASN A 302 -17.58 -5.52 33.64
CA ASN A 302 -16.45 -4.59 33.63
C ASN A 302 -16.43 -3.55 32.50
N LEU A 303 -17.58 -3.39 31.84
CA LEU A 303 -17.71 -2.47 30.72
C LEU A 303 -18.87 -1.53 30.97
N TYR A 304 -18.56 -0.29 31.35
CA TYR A 304 -19.59 0.71 31.59
C TYR A 304 -20.29 1.03 30.25
N LYS A 305 -21.62 0.92 30.25
CA LYS A 305 -22.45 1.07 29.05
C LYS A 305 -21.97 0.13 27.96
N GLY A 306 -21.36 -0.97 28.39
CA GLY A 306 -20.91 -2.00 27.47
C GLY A 306 -19.70 -1.59 26.66
N VAL A 307 -19.10 -0.44 26.98
CA VAL A 307 -17.92 0.02 26.25
C VAL A 307 -16.73 0.58 27.04
N VAL A 308 -16.97 1.20 28.19
CA VAL A 308 -15.85 1.81 28.93
C VAL A 308 -15.24 0.77 29.90
N TRP A 309 -13.96 0.46 29.72
CA TRP A 309 -13.25 -0.48 30.62
C TRP A 309 -13.22 0.10 32.02
N GLU A 310 -13.86 -0.55 32.98
CA GLU A 310 -14.08 0.07 34.31
C GLU A 310 -12.82 0.26 35.17
N ASP A 311 -11.81 -0.58 34.97
CA ASP A 311 -10.53 -0.43 35.71
C ASP A 311 -9.59 0.62 35.14
N ASN A 312 -9.83 1.01 33.89
CA ASN A 312 -9.10 2.11 33.28
C ASN A 312 -9.97 2.75 32.24
N PRO A 313 -10.76 3.75 32.65
CA PRO A 313 -11.75 4.30 31.73
C PRO A 313 -11.17 5.19 30.60
N LYS A 314 -9.86 5.12 30.35
CA LYS A 314 -9.30 5.72 29.12
C LYS A 314 -9.16 4.63 28.03
N PHE A 315 -9.57 3.42 28.37
CA PHE A 315 -9.57 2.29 27.44
C PHE A 315 -11.02 1.89 27.14
N PHE A 316 -11.33 1.67 25.85
CA PHE A 316 -12.69 1.40 25.39
C PHE A 316 -12.74 0.12 24.54
N TYR A 317 -13.86 -0.61 24.60
CA TYR A 317 -14.10 -1.75 23.72
C TYR A 317 -15.37 -1.53 22.94
N ILE A 318 -15.28 -1.79 21.63
CA ILE A 318 -16.44 -1.72 20.75
C ILE A 318 -16.77 -3.10 20.25
N GLY A 319 -18.05 -3.48 20.29
CA GLY A 319 -18.52 -4.71 19.69
C GLY A 319 -18.20 -6.04 20.38
N MET A 320 -17.94 -6.00 21.67
CA MET A 320 -17.52 -7.22 22.38
C MET A 320 -18.66 -8.11 22.87
N GLN A 321 -19.90 -7.61 22.77
CA GLN A 321 -21.12 -8.36 23.08
C GLN A 321 -21.46 -9.32 21.94
N ASP A 322 -22.24 -10.35 22.24
CA ASP A 322 -22.83 -11.20 21.21
C ASP A 322 -23.74 -10.33 20.35
N GLN A 323 -23.98 -10.74 19.10
CA GLN A 323 -24.52 -9.82 18.13
C GLN A 323 -25.85 -10.28 17.48
N TRP A 324 -26.98 -9.71 17.94
CA TRP A 324 -28.22 -9.81 17.18
C TRP A 324 -28.25 -8.60 16.26
N TYR A 325 -28.34 -7.43 16.87
CA TYR A 325 -27.94 -6.22 16.22
C TYR A 325 -26.43 -6.31 15.99
N SER A 326 -25.95 -5.60 14.96
CA SER A 326 -24.53 -5.53 14.70
C SER A 326 -24.10 -4.14 14.25
N PHE A 327 -24.19 -3.83 12.96
CA PHE A 327 -23.58 -2.58 12.47
C PHE A 327 -24.05 -1.36 13.23
N ASN A 328 -25.36 -1.22 13.45
CA ASN A 328 -25.80 0.02 14.05
C ASN A 328 -25.65 0.01 15.55
N MET A 329 -25.47 -1.18 16.13
CA MET A 329 -24.98 -1.27 17.52
C MET A 329 -23.56 -0.76 17.68
N PHE A 330 -22.64 -1.13 16.79
CA PHE A 330 -21.27 -0.58 16.87
C PHE A 330 -21.23 0.93 16.71
N ASP A 331 -22.08 1.47 15.82
CA ASP A 331 -22.22 2.93 15.68
C ASP A 331 -22.63 3.51 17.00
N ALA A 332 -23.67 2.96 17.65
CA ALA A 332 -24.16 3.52 18.90
C ALA A 332 -23.03 3.57 19.93
N GLN A 333 -22.21 2.51 19.94
CA GLN A 333 -21.09 2.42 20.89
C GLN A 333 -19.98 3.40 20.55
N ALA A 334 -19.68 3.51 19.25
CA ALA A 334 -18.59 4.36 18.79
C ALA A 334 -18.92 5.84 18.98
N TRP A 335 -20.20 6.21 18.77
CA TRP A 335 -20.65 7.58 19.02
C TRP A 335 -20.55 7.89 20.50
N TYR A 336 -20.90 6.90 21.33
CA TYR A 336 -20.83 7.07 22.79
C TYR A 336 -19.37 7.20 23.23
N ALA A 337 -18.53 6.29 22.74
CA ALA A 337 -17.10 6.33 23.12
C ALA A 337 -16.48 7.68 22.73
N ARG A 338 -16.77 8.15 21.51
CA ARG A 338 -16.19 9.42 21.10
C ARG A 338 -16.66 10.58 21.99
N ASP A 339 -17.95 10.57 22.39
CA ASP A 339 -18.49 11.62 23.25
C ASP A 339 -17.86 11.62 24.63
N VAL A 340 -17.57 10.44 25.21
CA VAL A 340 -16.73 10.49 26.43
C VAL A 340 -15.31 10.99 26.19
N ILE A 341 -14.64 10.48 25.14
CA ILE A 341 -13.30 10.96 24.84
C ILE A 341 -13.29 12.48 24.62
N MET A 342 -14.31 13.01 23.94
CA MET A 342 -14.35 14.44 23.68
C MET A 342 -14.82 15.33 24.85
N GLY A 343 -15.14 14.71 25.98
CA GLY A 343 -15.57 15.42 27.18
C GLY A 343 -17.03 15.83 27.19
N ARG A 344 -17.83 15.31 26.25
CA ARG A 344 -19.26 15.66 26.15
C ARG A 344 -20.14 14.90 27.17
N LEU A 345 -19.72 13.69 27.54
CA LEU A 345 -20.43 12.83 28.48
C LEU A 345 -19.51 12.40 29.63
N PRO A 346 -19.30 13.27 30.62
CA PRO A 346 -18.41 12.90 31.73
C PRO A 346 -18.84 11.59 32.40
N LEU A 347 -17.87 10.83 32.88
CA LEU A 347 -18.13 9.51 33.48
C LEU A 347 -18.52 9.66 34.95
N PRO A 348 -19.40 8.78 35.46
CA PRO A 348 -19.62 8.77 36.92
C PRO A 348 -18.44 8.11 37.66
N SER A 349 -18.51 8.08 38.99
CA SER A 349 -17.47 7.41 39.79
C SER A 349 -17.48 5.91 39.51
N LYS A 350 -16.39 5.25 39.85
CA LYS A 350 -16.26 3.81 39.64
C LYS A 350 -17.37 3.00 40.32
N GLU A 351 -17.74 3.43 41.52
CA GLU A 351 -18.84 2.80 42.27
C GLU A 351 -20.13 2.84 41.49
N GLU A 352 -20.42 3.99 40.89
CA GLU A 352 -21.64 4.15 40.12
C GLU A 352 -21.64 3.35 38.81
N MET A 353 -20.49 3.29 38.15
CA MET A 353 -20.33 2.47 36.94
C MET A 353 -20.64 1.01 37.27
N LYS A 354 -19.99 0.52 38.32
CA LYS A 354 -20.17 -0.86 38.81
C LYS A 354 -21.62 -1.17 39.10
N ALA A 355 -22.30 -0.28 39.81
CA ALA A 355 -23.73 -0.49 40.12
C ALA A 355 -24.58 -0.52 38.84
N ASP A 356 -24.28 0.35 37.88
CA ASP A 356 -25.04 0.36 36.63
C ASP A 356 -24.82 -0.94 35.82
N SER A 357 -23.56 -1.39 35.78
CA SER A 357 -23.21 -2.64 35.08
C SER A 357 -23.82 -3.86 35.75
N MET A 358 -23.91 -3.85 37.07
CA MET A 358 -24.59 -4.92 37.78
C MET A 358 -26.09 -5.01 37.42
N ALA A 359 -26.79 -3.88 37.41
CA ALA A 359 -28.20 -3.88 36.99
C ALA A 359 -28.40 -4.43 35.58
N TRP A 360 -27.54 -4.06 34.63
CA TRP A 360 -27.66 -4.64 33.27
C TRP A 360 -27.38 -6.14 33.29
N ARG A 361 -26.44 -6.56 34.16
CA ARG A 361 -26.16 -8.00 34.27
C ARG A 361 -27.34 -8.79 34.87
N GLU A 362 -27.90 -8.26 35.94
CA GLU A 362 -29.07 -8.84 36.59
C GLU A 362 -30.22 -9.02 35.59
N LYS A 363 -30.48 -8.00 34.77
CA LYS A 363 -31.49 -8.17 33.70
C LYS A 363 -31.08 -9.23 32.69
N GLU A 364 -29.81 -9.23 32.25
CA GLU A 364 -29.35 -10.21 31.27
C GLU A 364 -29.60 -11.68 31.67
N LEU A 365 -29.39 -11.99 32.96
CA LEU A 365 -29.58 -13.36 33.50
C LEU A 365 -31.03 -13.81 33.52
N THR A 366 -31.95 -12.85 33.45
CA THR A 366 -33.40 -13.05 33.34
C THR A 366 -33.91 -13.56 31.97
N LEU A 367 -33.09 -13.41 30.92
CA LEU A 367 -33.53 -13.61 29.54
C LEU A 367 -33.67 -15.09 29.19
N VAL A 368 -34.78 -15.46 28.55
CA VAL A 368 -35.02 -16.85 28.15
C VAL A 368 -35.22 -17.00 26.63
N THR A 369 -36.18 -16.28 26.06
CA THR A 369 -36.51 -16.42 24.63
C THR A 369 -35.60 -15.58 23.71
N ALA A 370 -35.55 -15.98 22.45
CA ALA A 370 -34.90 -15.17 21.43
C ALA A 370 -35.43 -13.72 21.41
N GLU A 371 -36.75 -13.57 21.52
CA GLU A 371 -37.38 -12.25 21.57
C GLU A 371 -36.91 -11.36 22.74
N GLU A 372 -36.86 -11.95 23.93
CA GLU A 372 -36.28 -11.29 25.09
C GLU A 372 -34.83 -10.82 24.85
N MET A 373 -34.08 -11.62 24.12
CA MET A 373 -32.65 -11.37 23.84
C MET A 373 -32.36 -10.23 22.88
N TYR A 374 -32.95 -10.25 21.69
CA TYR A 374 -32.77 -9.09 20.82
C TYR A 374 -33.47 -7.83 21.35
N THR A 375 -34.53 -8.00 22.14
CA THR A 375 -35.20 -6.83 22.72
C THR A 375 -34.37 -6.14 23.81
N TYR A 376 -33.72 -6.94 24.64
CA TYR A 376 -32.72 -6.45 25.60
C TYR A 376 -31.61 -5.71 24.84
N GLN A 377 -31.15 -6.29 23.73
CA GLN A 377 -30.09 -5.64 22.97
C GLN A 377 -30.57 -4.31 22.36
N GLY A 378 -31.82 -4.26 21.91
CA GLY A 378 -32.44 -3.00 21.46
C GLY A 378 -32.52 -1.97 22.57
N ASP A 379 -32.89 -2.41 23.77
CA ASP A 379 -32.96 -1.52 24.94
C ASP A 379 -31.59 -0.92 25.24
N TYR A 380 -30.56 -1.76 25.12
CA TYR A 380 -29.19 -1.31 25.28
C TYR A 380 -28.86 -0.19 24.28
N ILE A 381 -29.16 -0.45 23.02
CA ILE A 381 -28.85 0.48 21.93
C ILE A 381 -29.63 1.78 22.07
N GLN A 382 -30.91 1.65 22.43
CA GLN A 382 -31.79 2.79 22.67
C GLN A 382 -31.17 3.73 23.69
N ASN A 383 -30.74 3.15 24.81
CA ASN A 383 -30.03 3.93 25.84
C ASN A 383 -28.76 4.64 25.30
N LEU A 384 -27.95 3.97 24.49
CA LEU A 384 -26.77 4.63 23.88
C LEU A 384 -27.14 5.74 22.90
N ILE A 385 -28.05 5.48 21.96
CA ILE A 385 -28.37 6.51 20.96
C ILE A 385 -29.10 7.73 21.53
N ASP A 386 -29.76 7.59 22.69
CA ASP A 386 -30.39 8.72 23.38
C ASP A 386 -29.37 9.70 23.96
N MET A 387 -28.14 9.24 24.17
CA MET A 387 -27.10 10.08 24.79
C MET A 387 -26.25 10.88 23.80
N THR A 388 -26.39 10.59 22.50
CA THR A 388 -25.55 11.22 21.47
C THR A 388 -26.39 11.74 20.30
N ASP A 389 -25.72 12.41 19.36
CA ASP A 389 -26.37 12.84 18.12
C ASP A 389 -26.45 11.75 17.06
N TYR A 390 -26.18 10.49 17.40
CA TYR A 390 -26.48 9.43 16.45
C TYR A 390 -27.99 9.46 16.17
N PRO A 391 -28.41 9.31 14.90
CA PRO A 391 -29.85 9.50 14.63
C PRO A 391 -30.66 8.44 15.34
N SER A 392 -31.76 8.82 15.99
CA SER A 392 -32.52 7.79 16.62
C SER A 392 -33.29 7.13 15.51
N PHE A 393 -33.48 5.83 15.62
CA PHE A 393 -34.20 5.11 14.61
C PHE A 393 -35.13 4.22 15.37
N ASP A 394 -36.06 3.61 14.65
CA ASP A 394 -37.13 2.88 15.28
C ASP A 394 -36.72 1.47 15.76
N ILE A 395 -36.31 1.38 17.03
CA ILE A 395 -35.84 0.11 17.58
C ILE A 395 -36.97 -0.92 17.74
N PRO A 396 -38.12 -0.51 18.32
CA PRO A 396 -39.27 -1.44 18.31
C PRO A 396 -39.64 -2.01 16.92
N ALA A 397 -39.65 -1.20 15.87
CA ALA A 397 -39.95 -1.77 14.56
C ALA A 397 -38.79 -2.67 14.06
N THR A 398 -37.57 -2.38 14.49
CA THR A 398 -36.45 -3.27 14.20
C THR A 398 -36.62 -4.63 14.92
N ASN A 399 -36.97 -4.59 16.21
CA ASN A 399 -37.29 -5.81 16.96
C ASN A 399 -38.35 -6.66 16.26
N LYS A 400 -39.38 -5.99 15.75
CA LYS A 400 -40.48 -6.70 15.06
C LYS A 400 -39.98 -7.33 13.77
N THR A 401 -38.98 -6.71 13.14
CA THR A 401 -38.35 -7.30 11.96
C THR A 401 -37.56 -8.57 12.35
N PHE A 402 -36.86 -8.54 13.49
CA PHE A 402 -36.21 -9.76 13.98
C PHE A 402 -37.27 -10.86 14.22
N LEU A 403 -38.42 -10.48 14.81
CA LEU A 403 -39.52 -11.43 15.02
C LEU A 403 -39.98 -12.13 13.71
N GLU A 404 -40.19 -11.35 12.64
CA GLU A 404 -40.55 -11.96 11.35
C GLU A 404 -39.45 -12.92 10.87
N TRP A 405 -38.20 -12.49 10.98
CA TRP A 405 -37.06 -13.30 10.54
C TRP A 405 -37.02 -14.63 11.29
N LYS A 406 -37.19 -14.59 12.61
CA LYS A 406 -37.20 -15.83 13.40
C LYS A 406 -38.27 -16.83 12.93
N HIS A 407 -39.45 -16.31 12.64
CA HIS A 407 -40.55 -17.15 12.21
C HIS A 407 -40.26 -17.72 10.83
N HIS A 408 -39.62 -16.93 9.97
CA HIS A 408 -39.28 -17.39 8.62
C HIS A 408 -38.30 -18.57 8.64
N LYS A 409 -37.31 -18.52 9.53
CA LYS A 409 -36.40 -19.65 9.74
C LYS A 409 -37.12 -20.88 10.25
N LYS A 410 -38.02 -20.69 11.21
CA LYS A 410 -38.84 -21.81 11.71
C LYS A 410 -39.70 -22.42 10.61
N GLU A 411 -40.30 -21.61 9.75
CA GLU A 411 -41.13 -22.11 8.67
C GLU A 411 -40.34 -23.00 7.75
N ASN A 412 -39.16 -22.53 7.32
CA ASN A 412 -38.32 -23.33 6.44
C ASN A 412 -36.91 -22.77 6.44
N ILE A 413 -36.01 -23.51 7.09
CA ILE A 413 -34.62 -23.12 7.27
C ILE A 413 -33.85 -22.91 5.95
N MET A 414 -34.32 -23.50 4.85
CA MET A 414 -33.65 -23.32 3.56
C MET A 414 -34.20 -22.17 2.68
N THR A 415 -35.29 -21.54 3.10
CA THR A 415 -35.93 -20.50 2.28
C THR A 415 -36.07 -19.17 3.01
N PHE A 416 -35.64 -19.08 4.26
CA PHE A 416 -35.77 -17.84 5.02
C PHE A 416 -35.13 -16.64 4.29
N ARG A 417 -34.03 -16.90 3.58
CA ARG A 417 -33.31 -15.86 2.84
C ARG A 417 -34.04 -15.37 1.60
N ASP A 418 -35.17 -16.00 1.28
CA ASP A 418 -35.95 -15.61 0.11
C ASP A 418 -37.05 -14.59 0.44
N HIS A 419 -37.14 -14.17 1.71
CA HIS A 419 -38.11 -13.16 2.16
C HIS A 419 -37.52 -11.75 2.16
N SER A 420 -38.39 -10.74 2.11
CA SER A 420 -38.03 -9.31 2.12
C SER A 420 -38.66 -8.58 3.30
N TYR A 421 -38.12 -7.43 3.67
CA TYR A 421 -38.61 -6.64 4.82
C TYR A 421 -38.47 -5.17 4.46
N ARG A 422 -39.08 -4.28 5.24
CA ARG A 422 -38.90 -2.87 4.98
C ARG A 422 -37.83 -2.20 5.84
N SER A 423 -37.07 -1.32 5.19
CA SER A 423 -36.09 -0.49 5.84
C SER A 423 -36.77 0.35 6.92
N LEU A 424 -36.19 0.33 8.13
CA LEU A 424 -36.67 1.19 9.19
C LEU A 424 -36.06 2.58 9.01
N MET A 425 -35.11 2.73 8.08
CA MET A 425 -34.53 4.05 7.84
C MET A 425 -35.25 4.85 6.75
N THR A 426 -35.71 4.18 5.69
CA THR A 426 -36.30 4.89 4.56
C THR A 426 -37.76 4.53 4.31
N GLY A 427 -38.21 3.43 4.90
CA GLY A 427 -39.54 2.91 4.59
C GLY A 427 -39.61 2.11 3.30
N THR A 428 -38.51 2.04 2.55
CA THR A 428 -38.46 1.25 1.30
C THR A 428 -38.63 -0.24 1.61
N MET A 429 -39.67 -0.86 1.04
CA MET A 429 -39.83 -2.33 1.08
C MET A 429 -38.80 -2.95 0.15
N ALA A 430 -38.02 -3.91 0.65
CA ALA A 430 -37.07 -4.59 -0.23
C ALA A 430 -37.82 -5.46 -1.23
N PRO A 431 -37.32 -5.55 -2.48
CA PRO A 431 -37.99 -6.42 -3.43
C PRO A 431 -37.48 -7.85 -3.30
N LYS A 432 -38.19 -8.80 -3.90
CA LYS A 432 -37.75 -10.19 -4.03
C LYS A 432 -36.48 -10.26 -4.87
N HIS A 433 -35.58 -11.18 -4.54
CA HIS A 433 -34.36 -11.32 -5.32
C HIS A 433 -34.68 -12.02 -6.63
N HIS A 434 -33.81 -11.88 -7.63
CA HIS A 434 -34.07 -12.45 -8.94
C HIS A 434 -33.98 -13.99 -8.97
N THR A 435 -33.38 -14.57 -7.93
CA THR A 435 -33.09 -16.00 -7.91
C THR A 435 -33.30 -16.52 -6.49
N PRO A 436 -34.00 -17.66 -6.33
CA PRO A 436 -34.15 -18.28 -5.01
C PRO A 436 -32.77 -18.69 -4.46
N TRP A 437 -32.60 -18.52 -3.16
CA TRP A 437 -31.29 -18.82 -2.52
C TRP A 437 -30.72 -20.17 -2.97
N ILE A 438 -31.55 -21.23 -2.95
CA ILE A 438 -31.05 -22.56 -3.30
C ILE A 438 -30.45 -22.63 -4.72
N ASP A 439 -30.92 -21.78 -5.62
CA ASP A 439 -30.42 -21.78 -6.98
C ASP A 439 -29.40 -20.67 -7.22
N ALA A 440 -29.21 -19.79 -6.25
CA ALA A 440 -28.28 -18.67 -6.43
C ALA A 440 -26.83 -19.10 -6.11
N LEU A 441 -26.24 -19.81 -7.06
CA LEU A 441 -24.91 -20.39 -6.90
C LEU A 441 -23.78 -19.36 -6.92
N ASP A 442 -23.93 -18.35 -7.77
CA ASP A 442 -22.95 -17.28 -7.93
C ASP A 442 -23.13 -16.26 -6.79
N ASP A 443 -22.09 -16.08 -5.98
CA ASP A 443 -22.12 -15.19 -4.80
C ASP A 443 -21.55 -13.78 -5.09
N SER A 444 -21.22 -13.51 -6.35
CA SER A 444 -20.56 -12.24 -6.65
C SER A 444 -21.51 -11.05 -6.52
N LEU A 445 -20.94 -9.89 -6.25
CA LEU A 445 -21.65 -8.63 -6.24
C LEU A 445 -22.29 -8.33 -7.62
N GLU A 446 -21.55 -8.57 -8.71
CA GLU A 446 -22.06 -8.33 -10.07
C GLU A 446 -23.33 -9.14 -10.36
N ALA A 447 -23.28 -10.46 -10.11
CA ALA A 447 -24.49 -11.28 -10.25
C ALA A 447 -25.66 -10.83 -9.36
N TYR A 448 -25.37 -10.39 -8.14
CA TYR A 448 -26.45 -9.98 -7.24
C TYR A 448 -27.13 -8.71 -7.73
N LEU A 449 -26.34 -7.73 -8.19
CA LEU A 449 -26.90 -6.42 -8.56
C LEU A 449 -27.45 -6.36 -9.98
N SER A 450 -27.13 -7.34 -10.81
CA SER A 450 -27.69 -7.33 -12.15
C SER A 450 -29.15 -7.83 -12.14
N ASP A 451 -29.79 -7.80 -13.30
CA ASP A 451 -31.26 -7.97 -13.37
C ASP A 451 -31.74 -9.42 -13.61
N LYS A 452 -30.78 -10.32 -13.86
CA LYS A 452 -31.04 -11.69 -14.32
C LYS A 452 -31.48 -12.65 -13.22
N ALA B 7 23.48 4.87 15.67
CA ALA B 7 23.08 4.05 14.47
C ALA B 7 23.00 4.96 13.24
N THR B 8 23.99 4.87 12.33
CA THR B 8 24.01 5.76 11.16
C THR B 8 22.84 5.53 10.16
N ARG B 9 22.37 6.61 9.53
CA ARG B 9 21.10 6.59 8.81
C ARG B 9 21.22 7.31 7.46
N ILE B 10 20.72 6.66 6.40
CA ILE B 10 20.80 7.16 5.02
C ILE B 10 19.42 7.38 4.45
N ALA B 11 19.23 8.50 3.76
CA ALA B 11 18.00 8.74 3.01
C ALA B 11 18.31 8.54 1.53
N ILE B 12 17.48 7.74 0.88
CA ILE B 12 17.58 7.55 -0.57
C ILE B 12 16.36 8.20 -1.23
N LEU B 13 16.58 9.14 -2.13
CA LEU B 13 15.48 9.90 -2.72
C LEU B 13 15.17 9.33 -4.09
N GLY B 14 14.08 8.58 -4.19
CA GLY B 14 13.66 7.92 -5.45
C GLY B 14 13.92 6.42 -5.48
N ALA B 15 12.98 5.68 -6.05
CA ALA B 15 13.08 4.23 -6.23
C ALA B 15 12.91 3.86 -7.69
N GLY B 16 13.51 4.64 -8.60
CA GLY B 16 13.70 4.18 -9.96
C GLY B 16 14.94 3.29 -10.00
N PRO B 17 15.45 2.98 -11.20
CA PRO B 17 16.67 2.18 -11.33
C PRO B 17 17.83 2.62 -10.41
N SER B 18 18.02 3.92 -10.22
CA SER B 18 19.12 4.41 -9.38
C SER B 18 18.92 4.13 -7.90
N GLY B 19 17.74 4.45 -7.36
CA GLY B 19 17.43 4.20 -5.96
C GLY B 19 17.39 2.70 -5.69
N MET B 20 16.83 1.93 -6.63
CA MET B 20 16.87 0.46 -6.51
C MET B 20 18.32 -0.06 -6.48
N ALA B 21 19.18 0.44 -7.36
CA ALA B 21 20.59 0.10 -7.31
C ALA B 21 21.23 0.51 -5.99
N GLN B 22 20.90 1.68 -5.46
CA GLN B 22 21.48 2.09 -4.17
C GLN B 22 21.10 1.11 -3.04
N LEU B 23 19.84 0.67 -3.02
CA LEU B 23 19.38 -0.31 -2.03
C LEU B 23 20.07 -1.67 -2.27
N ARG B 24 20.12 -2.07 -3.54
CA ARG B 24 20.81 -3.31 -3.92
C ARG B 24 22.26 -3.31 -3.48
N ALA B 25 22.97 -2.21 -3.66
CA ALA B 25 24.37 -2.09 -3.23
C ALA B 25 24.52 -2.34 -1.72
N PHE B 26 23.68 -1.69 -0.90
CA PHE B 26 23.75 -1.90 0.54
C PHE B 26 23.39 -3.33 0.90
N GLN B 27 22.35 -3.87 0.27
CA GLN B 27 21.90 -5.23 0.57
C GLN B 27 22.99 -6.27 0.24
N SER B 28 23.68 -6.07 -0.88
CA SER B 28 24.76 -6.95 -1.29
C SER B 28 25.91 -6.89 -0.29
N ALA B 29 26.24 -5.72 0.24
CA ALA B 29 27.30 -5.64 1.26
C ALA B 29 26.90 -6.44 2.52
N GLN B 30 25.64 -6.29 2.94
CA GLN B 30 25.09 -6.99 4.10
C GLN B 30 25.08 -8.53 3.91
N GLU B 31 24.62 -8.96 2.75
CA GLU B 31 24.66 -10.37 2.37
C GLU B 31 26.09 -10.96 2.48
N LYS B 32 27.10 -10.16 2.15
CA LYS B 32 28.49 -10.62 2.32
C LYS B 32 29.00 -10.52 3.76
N GLY B 33 28.17 -10.08 4.69
CA GLY B 33 28.51 -10.08 6.10
C GLY B 33 28.85 -8.75 6.74
N ALA B 34 28.72 -7.64 6.01
CA ALA B 34 29.07 -6.34 6.62
C ALA B 34 27.87 -5.75 7.33
N GLU B 35 28.16 -4.98 8.37
CA GLU B 35 27.18 -4.15 9.04
C GLU B 35 26.89 -2.94 8.13
N ILE B 36 25.63 -2.71 7.82
CA ILE B 36 25.24 -1.55 6.99
C ILE B 36 24.47 -0.51 7.81
N PRO B 37 24.41 0.74 7.35
CA PRO B 37 23.52 1.72 8.02
C PRO B 37 22.02 1.41 7.88
N GLU B 38 21.19 2.13 8.63
CA GLU B 38 19.74 2.15 8.44
C GLU B 38 19.43 2.91 7.16
N LEU B 39 18.48 2.40 6.39
CA LEU B 39 18.13 2.99 5.11
C LEU B 39 16.66 3.36 5.11
N VAL B 40 16.33 4.56 4.64
CA VAL B 40 14.96 4.89 4.33
C VAL B 40 14.98 5.43 2.89
N CYS B 41 14.09 4.90 2.05
CA CYS B 41 13.97 5.34 0.67
C CYS B 41 12.56 5.94 0.49
N PHE B 42 12.48 7.14 -0.06
CA PHE B 42 11.19 7.80 -0.29
C PHE B 42 10.88 7.77 -1.79
N GLU B 43 9.66 7.39 -2.15
CA GLU B 43 9.24 7.29 -3.55
C GLU B 43 7.84 7.92 -3.68
N LYS B 44 7.68 8.90 -4.56
CA LYS B 44 6.36 9.57 -4.68
C LYS B 44 5.33 8.70 -5.44
N GLN B 45 5.79 7.81 -6.30
CA GLN B 45 4.85 6.91 -7.00
C GLN B 45 4.43 5.78 -6.06
N ALA B 46 3.39 5.04 -6.45
CA ALA B 46 2.87 3.90 -5.67
C ALA B 46 3.68 2.61 -5.90
N ASP B 47 4.55 2.61 -6.90
CA ASP B 47 5.41 1.45 -7.14
C ASP B 47 6.77 1.88 -7.63
N TRP B 48 7.76 0.98 -7.57
CA TRP B 48 9.11 1.30 -8.04
C TRP B 48 9.30 1.09 -9.54
N GLY B 49 10.43 1.59 -10.05
CA GLY B 49 10.78 1.47 -11.46
C GLY B 49 11.00 2.80 -12.18
N GLY B 50 10.59 3.90 -11.55
CA GLY B 50 10.91 5.23 -12.07
C GLY B 50 10.25 5.46 -13.40
N GLN B 51 11.04 5.84 -14.40
CA GLN B 51 10.53 6.08 -15.74
C GLN B 51 9.75 4.86 -16.20
N TRP B 52 10.25 3.68 -15.80
CA TRP B 52 9.82 2.41 -16.39
C TRP B 52 8.46 1.97 -15.88
N ASN B 53 8.00 2.64 -14.83
CA ASN B 53 6.66 2.44 -14.29
C ASN B 53 5.69 3.32 -15.12
N TYR B 54 4.94 2.70 -16.03
CA TYR B 54 4.07 3.42 -16.97
C TYR B 54 2.86 4.07 -16.28
N THR B 55 2.49 5.27 -16.70
CA THR B 55 1.22 5.83 -16.26
C THR B 55 0.47 6.45 -17.44
N TRP B 56 -0.85 6.35 -17.43
CA TRP B 56 -1.70 7.07 -18.40
C TRP B 56 -1.77 8.56 -18.06
N ARG B 57 -1.44 8.90 -16.82
CA ARG B 57 -1.54 10.28 -16.31
C ARG B 57 -0.52 11.20 -16.94
N THR B 58 -0.83 12.48 -16.88
CA THR B 58 -0.10 13.46 -17.63
C THR B 58 -0.17 14.76 -16.82
N GLY B 59 0.89 15.56 -16.81
CA GLY B 59 0.87 16.83 -16.05
C GLY B 59 1.14 16.57 -14.59
N LEU B 60 0.07 16.45 -13.81
CA LEU B 60 0.15 16.26 -12.37
C LEU B 60 -0.54 14.94 -12.01
N ASP B 61 -0.02 14.25 -10.99
CA ASP B 61 -0.48 12.90 -10.66
C ASP B 61 -1.70 12.93 -9.74
N GLU B 62 -2.16 11.77 -9.29
CA GLU B 62 -3.37 11.79 -8.46
C GLU B 62 -3.25 12.53 -7.12
N ASN B 63 -2.03 12.80 -6.67
CA ASN B 63 -1.86 13.56 -5.44
C ASN B 63 -1.54 15.03 -5.73
N GLY B 64 -1.49 15.41 -7.01
CA GLY B 64 -1.02 16.74 -7.40
C GLY B 64 0.49 16.95 -7.49
N GLU B 65 1.26 15.87 -7.49
CA GLU B 65 2.71 15.95 -7.73
C GLU B 65 2.93 15.90 -9.24
N PRO B 66 3.97 16.58 -9.74
CA PRO B 66 4.34 16.42 -11.15
C PRO B 66 4.40 14.93 -11.54
N VAL B 67 3.78 14.58 -12.66
CA VAL B 67 3.81 13.21 -13.18
C VAL B 67 5.25 12.92 -13.55
N HIS B 68 5.77 11.79 -13.09
CA HIS B 68 7.19 11.56 -13.28
C HIS B 68 7.59 10.94 -14.63
N SER B 69 7.01 9.79 -14.95
CA SER B 69 7.41 9.04 -16.16
C SER B 69 7.11 9.83 -17.43
N SER B 70 8.06 9.81 -18.36
CA SER B 70 7.92 10.36 -19.70
C SER B 70 7.63 9.25 -20.71
N MET B 71 7.49 8.01 -20.22
CA MET B 71 7.40 6.86 -21.11
C MET B 71 6.01 6.71 -21.69
N TYR B 72 5.96 6.10 -22.88
CA TYR B 72 4.72 6.05 -23.64
C TYR B 72 4.40 4.60 -24.02
N ARG B 73 3.17 4.38 -24.48
CA ARG B 73 2.77 3.08 -25.05
C ARG B 73 3.74 2.70 -26.16
N TYR B 74 4.03 1.40 -26.24
CA TYR B 74 4.82 0.82 -27.33
C TYR B 74 6.28 1.15 -27.26
N LEU B 75 6.72 1.78 -26.16
CA LEU B 75 8.14 2.06 -25.98
C LEU B 75 8.91 0.73 -25.86
N TRP B 76 10.00 0.64 -26.63
CA TRP B 76 10.97 -0.44 -26.52
C TRP B 76 12.32 0.19 -26.28
N SER B 77 13.20 -0.61 -25.71
CA SER B 77 14.58 -0.27 -25.47
C SER B 77 15.24 0.43 -26.66
N ASN B 78 15.91 1.56 -26.39
CA ASN B 78 16.50 2.39 -27.46
C ASN B 78 17.91 1.94 -27.87
N GLY B 79 18.53 1.16 -27.00
CA GLY B 79 19.85 0.59 -27.26
C GLY B 79 19.82 -0.91 -26.95
N PRO B 80 20.91 -1.63 -27.25
CA PRO B 80 20.93 -3.07 -26.96
C PRO B 80 20.78 -3.33 -25.45
N LYS B 81 19.95 -4.30 -25.07
CA LYS B 81 19.82 -4.63 -23.65
C LYS B 81 21.11 -5.11 -23.06
N GLU B 82 21.98 -5.64 -23.93
CA GLU B 82 23.27 -6.17 -23.50
C GLU B 82 24.14 -5.04 -22.92
N CYS B 83 23.92 -3.80 -23.37
CA CYS B 83 24.67 -2.64 -22.84
C CYS B 83 24.19 -2.12 -21.48
N LEU B 84 23.06 -2.67 -20.99
CA LEU B 84 22.47 -2.21 -19.73
C LEU B 84 22.25 -3.36 -18.74
N GLU B 85 22.78 -4.53 -19.07
CA GLU B 85 22.64 -5.71 -18.24
C GLU B 85 23.36 -5.58 -16.89
N PHE B 86 22.69 -5.96 -15.82
CA PHE B 86 23.30 -5.95 -14.47
C PHE B 86 24.39 -6.99 -14.40
N ALA B 87 25.55 -6.63 -13.85
CA ALA B 87 26.62 -7.61 -13.74
C ALA B 87 26.40 -8.65 -12.63
N ASP B 88 25.40 -8.40 -11.76
CA ASP B 88 25.11 -9.31 -10.61
C ASP B 88 23.71 -9.95 -10.71
N TYR B 89 23.06 -9.84 -11.86
CA TYR B 89 21.71 -10.34 -12.03
C TYR B 89 21.43 -10.33 -13.53
N THR B 90 21.71 -11.46 -14.19
CA THR B 90 21.73 -11.48 -15.66
C THR B 90 20.34 -11.68 -16.26
N PHE B 91 20.20 -11.30 -17.53
CA PHE B 91 18.97 -11.63 -18.27
C PHE B 91 18.63 -13.14 -18.24
N ASP B 92 19.65 -14.00 -18.36
CA ASP B 92 19.44 -15.47 -18.27
C ASP B 92 18.87 -15.89 -16.93
N GLU B 93 19.44 -15.38 -15.83
CA GLU B 93 18.85 -15.65 -14.51
C GLU B 93 17.41 -15.16 -14.41
N HIS B 94 17.11 -13.95 -14.88
CA HIS B 94 15.76 -13.43 -14.66
C HIS B 94 14.71 -14.16 -15.49
N PHE B 95 14.96 -14.29 -16.78
CA PHE B 95 13.95 -14.82 -17.68
C PHE B 95 14.05 -16.35 -17.85
N GLY B 96 15.20 -16.92 -17.51
CA GLY B 96 15.39 -18.39 -17.63
C GLY B 96 15.52 -18.87 -19.06
N LYS B 97 15.77 -17.96 -20.01
CA LYS B 97 15.87 -18.28 -21.44
C LYS B 97 16.38 -17.07 -22.25
N PRO B 98 16.81 -17.27 -23.51
CA PRO B 98 17.24 -16.11 -24.30
C PRO B 98 16.07 -15.27 -24.85
N ILE B 99 16.24 -13.96 -24.94
CA ILE B 99 15.22 -13.10 -25.55
C ILE B 99 15.92 -12.16 -26.53
N ALA B 100 15.17 -11.45 -27.37
CA ALA B 100 15.82 -10.57 -28.35
C ALA B 100 16.45 -9.34 -27.66
N SER B 101 17.04 -8.44 -28.44
CA SER B 101 17.93 -7.44 -27.88
C SER B 101 17.32 -6.08 -27.49
N TYR B 102 16.07 -5.85 -27.87
CA TYR B 102 15.44 -4.59 -27.63
C TYR B 102 14.06 -4.79 -27.02
N PRO B 103 14.00 -5.14 -25.74
CA PRO B 103 12.71 -5.46 -25.16
C PRO B 103 11.82 -4.22 -24.94
N PRO B 104 10.50 -4.43 -25.01
CA PRO B 104 9.49 -3.45 -24.64
C PRO B 104 9.63 -3.02 -23.20
N ARG B 105 9.16 -1.82 -22.91
CA ARG B 105 9.21 -1.23 -21.56
C ARG B 105 8.83 -2.22 -20.46
N GLU B 106 7.67 -2.87 -20.60
CA GLU B 106 7.18 -3.78 -19.53
C GLU B 106 8.14 -4.92 -19.22
N VAL B 107 8.87 -5.37 -20.24
CA VAL B 107 9.84 -6.45 -20.09
C VAL B 107 11.07 -6.03 -19.29
N LEU B 108 11.64 -4.87 -19.65
CA LEU B 108 12.73 -4.26 -18.88
C LEU B 108 12.31 -3.87 -17.46
N TRP B 109 11.08 -3.34 -17.29
CA TRP B 109 10.52 -3.07 -15.94
C TRP B 109 10.52 -4.33 -15.07
N ASP B 110 9.99 -5.41 -15.65
CA ASP B 110 9.95 -6.68 -14.98
C ASP B 110 11.34 -7.14 -14.54
N TYR B 111 12.31 -6.96 -15.43
CA TYR B 111 13.71 -7.29 -15.15
C TYR B 111 14.31 -6.47 -14.01
N ILE B 112 14.19 -5.13 -14.04
CA ILE B 112 14.80 -4.31 -12.97
C ILE B 112 14.12 -4.61 -11.62
N LYS B 113 12.81 -4.81 -11.64
CA LYS B 113 12.09 -5.21 -10.42
C LYS B 113 12.58 -6.56 -9.91
N GLY B 114 12.89 -7.47 -10.84
CA GLY B 114 13.31 -8.84 -10.47
C GLY B 114 14.48 -8.83 -9.49
N ARG B 115 15.47 -7.98 -9.75
CA ARG B 115 16.66 -7.95 -8.92
C ARG B 115 16.34 -7.50 -7.50
N VAL B 116 15.48 -6.50 -7.34
CA VAL B 116 15.23 -5.96 -6.01
C VAL B 116 14.16 -6.74 -5.25
N GLU B 117 13.28 -7.42 -5.99
CA GLU B 117 12.41 -8.47 -5.42
C GLU B 117 13.26 -9.59 -4.77
N LYS B 118 14.23 -10.11 -5.50
CA LYS B 118 15.15 -11.13 -4.97
C LYS B 118 15.97 -10.59 -3.78
N ALA B 119 16.40 -9.33 -3.86
CA ALA B 119 17.20 -8.69 -2.78
C ALA B 119 16.41 -8.46 -1.50
N GLY B 120 15.08 -8.42 -1.59
CA GLY B 120 14.23 -8.15 -0.45
C GLY B 120 14.27 -6.72 0.05
N VAL B 121 14.59 -5.76 -0.82
CA VAL B 121 14.78 -4.37 -0.38
C VAL B 121 13.51 -3.51 -0.41
N ARG B 122 12.38 -4.07 -0.86
CA ARG B 122 11.11 -3.34 -0.83
C ARG B 122 10.80 -2.75 0.53
N LYS B 123 11.16 -3.47 1.58
CA LYS B 123 10.88 -3.06 2.94
C LYS B 123 11.47 -1.68 3.39
N TYR B 124 12.50 -1.19 2.70
CA TYR B 124 13.13 0.09 3.09
C TYR B 124 12.39 1.31 2.52
N ILE B 125 11.44 1.06 1.62
CA ILE B 125 10.86 2.14 0.82
C ILE B 125 9.50 2.63 1.34
N ARG B 126 9.35 3.94 1.44
CA ARG B 126 8.06 4.54 1.71
C ARG B 126 7.50 5.07 0.39
N PHE B 127 6.49 4.37 -0.10
CA PHE B 127 5.84 4.71 -1.39
C PHE B 127 4.80 5.81 -1.23
N ASN B 128 4.30 6.36 -2.33
CA ASN B 128 3.29 7.42 -2.21
C ASN B 128 3.74 8.56 -1.27
N THR B 129 5.05 8.81 -1.24
CA THR B 129 5.65 9.81 -0.36
C THR B 129 6.55 10.75 -1.15
N ALA B 130 6.21 12.04 -1.16
CA ALA B 130 6.94 13.03 -1.93
C ALA B 130 7.89 13.81 -1.03
N VAL B 131 9.17 13.83 -1.41
CA VAL B 131 10.19 14.62 -0.71
C VAL B 131 9.93 16.10 -1.02
N ARG B 132 9.76 16.92 0.03
CA ARG B 132 9.53 18.38 -0.09
C ARG B 132 10.77 19.23 0.14
N HIS B 133 11.61 18.84 1.08
CA HIS B 133 12.74 19.68 1.44
C HIS B 133 13.86 18.83 2.06
N VAL B 134 15.09 19.16 1.74
CA VAL B 134 16.25 18.57 2.39
C VAL B 134 17.11 19.74 2.82
N GLU B 135 17.39 19.83 4.11
CA GLU B 135 18.21 20.90 4.67
C GLU B 135 19.34 20.28 5.47
N PHE B 136 20.52 20.86 5.38
CA PHE B 136 21.65 20.38 6.16
C PHE B 136 21.81 21.30 7.38
N ASN B 137 21.87 20.70 8.56
CA ASN B 137 22.06 21.44 9.81
C ASN B 137 23.54 21.40 10.23
N GLU B 138 24.18 22.55 10.15
CA GLU B 138 25.61 22.73 10.47
C GLU B 138 25.96 22.28 11.88
N ASP B 139 25.02 22.53 12.81
CA ASP B 139 25.19 22.26 14.23
C ASP B 139 25.23 20.79 14.58
N SER B 140 24.31 20.02 14.03
CA SER B 140 24.28 18.59 14.27
C SER B 140 25.05 17.78 13.21
N GLN B 141 25.48 18.42 12.13
CA GLN B 141 26.06 17.73 10.95
C GLN B 141 25.12 16.64 10.34
N THR B 142 23.82 16.92 10.38
CA THR B 142 22.84 15.99 9.85
C THR B 142 21.93 16.70 8.84
N PHE B 143 21.20 15.90 8.08
CA PHE B 143 20.21 16.42 7.14
C PHE B 143 18.84 16.24 7.74
N THR B 144 17.96 17.20 7.52
CA THR B 144 16.53 17.06 7.86
C THR B 144 15.74 16.91 6.57
N VAL B 145 15.06 15.78 6.43
CA VAL B 145 14.30 15.50 5.23
C VAL B 145 12.83 15.63 5.58
N THR B 146 12.11 16.51 4.89
CA THR B 146 10.68 16.72 5.13
C THR B 146 9.93 16.12 3.93
N VAL B 147 8.93 15.30 4.22
CA VAL B 147 8.21 14.65 3.16
C VAL B 147 6.72 14.77 3.38
N GLN B 148 5.95 14.57 2.30
CA GLN B 148 4.50 14.45 2.44
C GLN B 148 4.09 13.03 2.11
N ASP B 149 3.53 12.36 3.10
CA ASP B 149 2.99 11.04 2.93
C ASP B 149 1.57 11.20 2.39
N HIS B 150 1.36 10.87 1.11
CA HIS B 150 0.05 11.09 0.48
C HIS B 150 -0.97 10.04 0.85
N THR B 151 -0.54 8.95 1.47
CA THR B 151 -1.47 7.95 2.00
C THR B 151 -2.21 8.46 3.27
N THR B 152 -1.49 9.08 4.19
CA THR B 152 -2.11 9.61 5.37
C THR B 152 -2.36 11.13 5.25
N ASP B 153 -1.96 11.74 4.13
CA ASP B 153 -1.98 13.20 3.97
C ASP B 153 -1.31 13.88 5.17
N THR B 154 -0.08 13.45 5.49
CA THR B 154 0.68 13.98 6.63
C THR B 154 2.06 14.41 6.14
N ILE B 155 2.51 15.54 6.67
CA ILE B 155 3.84 16.10 6.39
C ILE B 155 4.70 15.90 7.64
N TYR B 156 5.83 15.23 7.48
CA TYR B 156 6.72 14.97 8.61
C TYR B 156 8.15 15.04 8.17
N SER B 157 9.05 15.14 9.15
CA SER B 157 10.44 15.25 8.83
C SER B 157 11.24 14.22 9.62
N ALA B 158 12.42 13.87 9.13
CA ALA B 158 13.30 12.96 9.85
C ALA B 158 14.75 13.36 9.55
N ALA B 159 15.63 12.93 10.43
CA ALA B 159 17.04 13.33 10.45
C ALA B 159 17.89 12.21 9.84
N PHE B 160 18.87 12.57 9.02
CA PHE B 160 19.75 11.58 8.39
C PHE B 160 21.17 12.02 8.35
N ASP B 161 22.07 11.05 8.36
CA ASP B 161 23.51 11.32 8.27
C ASP B 161 24.02 11.53 6.86
N TYR B 162 23.42 10.83 5.90
CA TYR B 162 23.84 10.92 4.50
C TYR B 162 22.58 10.93 3.66
N VAL B 163 22.64 11.58 2.51
CA VAL B 163 21.50 11.62 1.60
C VAL B 163 21.99 11.24 0.22
N VAL B 164 21.28 10.33 -0.44
CA VAL B 164 21.61 9.99 -1.81
C VAL B 164 20.46 10.37 -2.73
N CYS B 165 20.67 11.37 -3.59
CA CYS B 165 19.59 11.82 -4.48
C CYS B 165 19.50 10.98 -5.77
N CYS B 166 18.35 10.33 -6.00
CA CYS B 166 18.15 9.48 -7.17
C CYS B 166 16.86 9.85 -7.90
N THR B 167 16.62 11.16 -8.05
CA THR B 167 15.33 11.60 -8.54
C THR B 167 15.25 11.77 -10.06
N GLY B 168 16.35 11.55 -10.77
CA GLY B 168 16.38 11.56 -12.23
C GLY B 168 16.51 12.95 -12.81
N HIS B 169 16.65 13.05 -14.13
CA HIS B 169 16.72 14.35 -14.79
C HIS B 169 16.03 14.37 -16.16
N PHE B 170 15.15 13.39 -16.38
CA PHE B 170 14.40 13.30 -17.64
C PHE B 170 12.89 13.36 -17.43
N SER B 171 12.45 14.20 -16.48
CA SER B 171 11.03 14.34 -16.12
C SER B 171 10.49 15.75 -16.08
N THR B 172 11.36 16.75 -15.87
CA THR B 172 10.93 18.16 -15.87
C THR B 172 11.28 18.72 -17.25
N PRO B 173 10.26 18.94 -18.10
CA PRO B 173 10.53 19.28 -19.50
C PRO B 173 11.12 20.68 -19.73
N TYR B 174 12.02 20.78 -20.72
CA TYR B 174 12.39 22.04 -21.33
C TYR B 174 11.41 22.28 -22.48
N VAL B 175 10.60 23.35 -22.38
CA VAL B 175 9.50 23.56 -23.32
C VAL B 175 9.57 24.95 -23.96
N PRO B 176 10.31 25.10 -25.09
CA PRO B 176 10.45 26.45 -25.64
C PRO B 176 9.16 26.92 -26.32
N GLU B 177 8.94 28.23 -26.34
CA GLU B 177 7.76 28.85 -26.93
C GLU B 177 8.07 29.31 -28.35
N PHE B 178 7.13 29.11 -29.26
CA PHE B 178 7.29 29.66 -30.60
C PHE B 178 6.18 30.67 -30.83
N GLU B 179 6.47 31.70 -31.62
CA GLU B 179 5.46 32.71 -31.98
C GLU B 179 4.20 32.03 -32.53
N GLY B 180 3.05 32.38 -31.96
CA GLY B 180 1.78 31.88 -32.47
C GLY B 180 1.15 30.72 -31.71
N PHE B 181 1.88 30.09 -30.79
CA PHE B 181 1.36 28.94 -30.03
C PHE B 181 0.03 29.27 -29.34
N GLU B 182 -0.18 30.52 -28.95
CA GLU B 182 -1.42 30.87 -28.27
C GLU B 182 -2.63 30.97 -29.22
N LYS B 183 -2.37 30.90 -30.53
CA LYS B 183 -3.42 30.95 -31.56
C LYS B 183 -3.67 29.62 -32.26
N PHE B 184 -2.76 28.67 -32.08
CA PHE B 184 -2.80 27.42 -32.83
C PHE B 184 -3.93 26.53 -32.34
N GLY B 185 -4.66 25.90 -33.26
CA GLY B 185 -5.91 25.20 -32.94
C GLY B 185 -5.82 23.72 -32.60
N GLY B 186 -4.69 23.09 -32.90
CA GLY B 186 -4.51 21.67 -32.57
C GLY B 186 -3.75 21.48 -31.25
N ARG B 187 -3.41 20.25 -30.91
CA ARG B 187 -2.73 20.00 -29.62
C ARG B 187 -1.25 20.43 -29.66
N ILE B 188 -0.80 21.10 -28.59
CA ILE B 188 0.62 21.32 -28.40
C ILE B 188 1.02 20.62 -27.11
N LEU B 189 2.01 19.73 -27.19
CA LEU B 189 2.48 18.97 -26.02
C LEU B 189 4.01 18.82 -26.08
N HIS B 190 4.60 18.52 -24.92
CA HIS B 190 6.01 18.13 -24.85
C HIS B 190 6.08 16.61 -24.99
N ALA B 191 7.21 16.09 -25.46
CA ALA B 191 7.44 14.64 -25.48
C ALA B 191 7.04 13.97 -24.15
N HIS B 192 7.21 14.69 -23.04
CA HIS B 192 6.95 14.12 -21.71
C HIS B 192 5.46 13.73 -21.48
N ASP B 193 4.56 14.39 -22.20
CA ASP B 193 3.12 14.17 -22.12
C ASP B 193 2.62 13.14 -23.17
N PHE B 194 3.53 12.62 -23.99
CA PHE B 194 3.12 11.74 -25.09
C PHE B 194 2.84 10.34 -24.54
N ARG B 195 1.66 9.80 -24.85
CA ARG B 195 1.22 8.53 -24.28
C ARG B 195 0.91 7.49 -25.37
N ASP B 196 -0.25 7.57 -26.03
CA ASP B 196 -0.60 6.54 -27.02
C ASP B 196 -0.52 7.11 -28.45
N ALA B 197 0.37 6.56 -29.27
CA ALA B 197 0.56 7.09 -30.62
C ALA B 197 -0.74 7.05 -31.46
N LEU B 198 -1.65 6.13 -31.11
CA LEU B 198 -2.94 6.07 -31.80
C LEU B 198 -3.73 7.38 -31.76
N GLU B 199 -3.47 8.21 -30.76
CA GLU B 199 -4.12 9.53 -30.66
C GLU B 199 -3.90 10.36 -31.95
N PHE B 200 -2.80 10.10 -32.64
CA PHE B 200 -2.38 10.85 -33.83
C PHE B 200 -2.59 10.08 -35.16
N LYS B 201 -3.20 8.90 -35.10
CA LYS B 201 -3.51 8.16 -36.34
C LYS B 201 -4.22 9.07 -37.36
N ASP B 202 -3.73 9.09 -38.60
CA ASP B 202 -4.35 9.86 -39.72
C ASP B 202 -4.21 11.38 -39.59
N LYS B 203 -3.32 11.81 -38.70
CA LYS B 203 -3.01 13.23 -38.54
C LYS B 203 -1.62 13.58 -39.06
N THR B 204 -1.43 14.87 -39.28
CA THR B 204 -0.13 15.46 -39.56
C THR B 204 0.45 16.01 -38.25
N VAL B 205 1.64 15.51 -37.93
CA VAL B 205 2.29 15.77 -36.65
C VAL B 205 3.63 16.44 -36.89
N LEU B 206 3.87 17.57 -36.24
CA LEU B 206 5.16 18.24 -36.31
C LEU B 206 5.92 17.88 -35.02
N LEU B 207 7.16 17.41 -35.16
CA LEU B 207 8.00 17.06 -34.02
C LEU B 207 9.14 18.07 -34.00
N VAL B 208 9.24 18.85 -32.93
CA VAL B 208 10.30 19.83 -32.84
C VAL B 208 11.46 19.19 -32.08
N GLY B 209 12.58 19.01 -32.77
CA GLY B 209 13.75 18.45 -32.11
C GLY B 209 14.46 17.48 -33.02
N SER B 210 15.64 17.06 -32.64
CA SER B 210 16.43 16.21 -33.51
C SER B 210 17.31 15.24 -32.75
N SER B 211 16.87 14.78 -31.58
CA SER B 211 17.65 13.80 -30.82
C SER B 211 16.74 12.58 -30.54
N TYR B 212 17.08 11.75 -29.54
CA TYR B 212 16.40 10.45 -29.31
C TYR B 212 14.89 10.54 -29.16
N SER B 213 14.42 11.62 -28.54
CA SER B 213 12.99 11.77 -28.37
C SER B 213 12.26 11.96 -29.72
N ALA B 214 12.79 12.85 -30.56
CA ALA B 214 12.25 13.08 -31.90
C ALA B 214 12.28 11.79 -32.74
N GLU B 215 13.43 11.11 -32.76
CA GLU B 215 13.59 9.88 -33.55
C GLU B 215 12.49 8.89 -33.17
N ASP B 216 12.34 8.65 -31.88
CA ASP B 216 11.50 7.56 -31.44
C ASP B 216 10.02 7.90 -31.37
N ILE B 217 9.67 9.10 -30.91
CA ILE B 217 8.25 9.47 -30.95
C ILE B 217 7.73 9.56 -32.40
N GLY B 218 8.56 10.08 -33.30
CA GLY B 218 8.22 10.05 -34.73
C GLY B 218 8.03 8.62 -35.21
N SER B 219 8.95 7.73 -34.84
CA SER B 219 8.86 6.32 -35.21
C SER B 219 7.56 5.67 -34.74
N GLN B 220 7.16 5.96 -33.50
CA GLN B 220 5.85 5.52 -32.99
C GLN B 220 4.68 6.12 -33.77
N CYS B 221 4.66 7.44 -33.98
CA CYS B 221 3.56 8.04 -34.76
C CYS B 221 3.48 7.37 -36.14
N TYR B 222 4.64 7.16 -36.77
CA TYR B 222 4.74 6.46 -38.06
C TYR B 222 4.15 5.02 -38.01
N LYS B 223 4.66 4.22 -37.08
CA LYS B 223 4.28 2.82 -36.93
C LYS B 223 2.79 2.64 -36.69
N TYR B 224 2.17 3.54 -35.93
CA TYR B 224 0.74 3.40 -35.60
C TYR B 224 -0.18 4.27 -36.48
N GLY B 225 0.34 4.79 -37.57
CA GLY B 225 -0.53 5.28 -38.66
C GLY B 225 -0.77 6.78 -38.79
N ALA B 226 0.19 7.62 -38.38
CA ALA B 226 0.04 9.05 -38.61
C ALA B 226 -0.04 9.25 -40.14
N LYS B 227 -0.85 10.19 -40.60
CA LYS B 227 -0.81 10.50 -42.03
C LYS B 227 0.57 11.03 -42.46
N LYS B 228 1.08 12.03 -41.75
CA LYS B 228 2.29 12.72 -42.19
C LYS B 228 3.08 13.24 -40.99
N LEU B 229 4.40 13.16 -41.11
CA LEU B 229 5.33 13.60 -40.07
C LEU B 229 6.27 14.67 -40.61
N ILE B 230 6.45 15.73 -39.83
CA ILE B 230 7.52 16.68 -40.07
C ILE B 230 8.36 16.77 -38.81
N SER B 231 9.68 16.63 -38.98
CA SER B 231 10.68 16.92 -37.97
C SER B 231 11.39 18.21 -38.36
N CYS B 232 11.60 19.11 -37.41
CA CYS B 232 12.41 20.29 -37.67
C CYS B 232 13.56 20.38 -36.66
N TYR B 233 14.68 20.90 -37.14
CA TYR B 233 15.88 20.92 -36.31
C TYR B 233 16.37 22.37 -36.14
N ARG B 234 16.98 22.62 -34.98
CA ARG B 234 17.58 23.91 -34.68
C ARG B 234 19.02 24.01 -35.22
N THR B 235 19.78 22.93 -35.12
CA THR B 235 21.21 22.97 -35.43
C THR B 235 21.55 22.19 -36.69
N ALA B 236 21.26 20.89 -36.68
CA ALA B 236 21.57 19.99 -37.78
C ALA B 236 20.58 18.83 -37.82
N PRO B 237 20.23 18.34 -39.02
CA PRO B 237 19.25 17.24 -39.14
C PRO B 237 19.72 15.94 -38.51
N MET B 238 18.77 15.09 -38.14
CA MET B 238 19.07 13.75 -37.64
C MET B 238 19.83 12.95 -38.71
N GLY B 239 19.51 13.20 -39.98
CA GLY B 239 20.29 12.65 -41.09
C GLY B 239 19.86 11.31 -41.63
N TYR B 240 19.06 10.56 -40.87
CA TYR B 240 18.62 9.21 -41.26
C TYR B 240 17.67 9.27 -42.45
N LYS B 241 17.60 8.18 -43.22
CA LYS B 241 16.61 8.10 -44.28
C LYS B 241 15.24 7.74 -43.68
N TRP B 242 14.33 8.70 -43.66
CA TRP B 242 12.98 8.50 -43.14
C TRP B 242 12.04 7.93 -44.23
N PRO B 243 10.96 7.27 -43.80
CA PRO B 243 9.89 6.83 -44.71
C PRO B 243 9.26 7.98 -45.54
N GLU B 244 8.54 7.58 -46.59
CA GLU B 244 7.94 8.47 -47.57
C GLU B 244 7.12 9.63 -47.02
N ASN B 245 6.32 9.38 -45.99
CA ASN B 245 5.43 10.41 -45.41
C ASN B 245 6.06 11.25 -44.26
N TRP B 246 7.39 11.26 -44.18
CA TRP B 246 8.13 11.92 -43.10
C TRP B 246 9.26 12.74 -43.72
N ASP B 247 9.28 14.05 -43.50
CA ASP B 247 10.46 14.83 -43.91
C ASP B 247 11.09 15.63 -42.75
N GLU B 248 12.39 15.90 -42.88
CA GLU B 248 13.14 16.76 -41.99
C GLU B 248 13.39 18.11 -42.65
N ARG B 249 13.13 19.19 -41.93
CA ARG B 249 13.43 20.52 -42.44
C ARG B 249 13.94 21.44 -41.33
N PRO B 250 14.49 22.62 -41.71
CA PRO B 250 15.01 23.58 -40.74
C PRO B 250 13.94 24.11 -39.81
N ASN B 251 14.36 24.71 -38.71
CA ASN B 251 13.46 24.95 -37.58
C ASN B 251 12.17 25.70 -37.86
N LEU B 252 11.14 25.33 -37.11
CA LEU B 252 9.91 26.10 -36.97
C LEU B 252 10.23 27.55 -36.58
N VAL B 253 9.55 28.52 -37.20
CA VAL B 253 9.74 29.94 -36.81
C VAL B 253 8.45 30.54 -36.26
N ARG B 254 7.32 30.00 -36.71
CA ARG B 254 6.07 30.52 -36.24
C ARG B 254 4.93 29.65 -36.70
N VAL B 255 3.80 29.87 -36.06
CA VAL B 255 2.64 29.06 -36.26
C VAL B 255 1.46 30.03 -36.32
N ASP B 256 0.45 29.72 -37.12
CA ASP B 256 -0.79 30.46 -37.01
C ASP B 256 -1.89 29.50 -36.58
N THR B 257 -3.11 29.86 -36.91
CA THR B 257 -4.26 29.07 -36.54
C THR B 257 -4.17 27.59 -36.94
N GLU B 258 -3.57 27.29 -38.08
CA GLU B 258 -3.60 25.95 -38.63
C GLU B 258 -2.27 25.49 -39.20
N ASN B 259 -1.41 26.46 -39.50
CA ASN B 259 -0.17 26.21 -40.25
C ASN B 259 1.09 26.48 -39.43
N ALA B 260 2.14 25.74 -39.77
CA ALA B 260 3.48 25.91 -39.25
C ALA B 260 4.34 26.52 -40.35
N TYR B 261 5.23 27.45 -39.99
CA TYR B 261 6.16 28.09 -40.94
C TYR B 261 7.59 27.82 -40.50
N PHE B 262 8.45 27.51 -41.46
CA PHE B 262 9.81 27.06 -41.19
C PHE B 262 10.86 28.03 -41.75
N ALA B 263 12.09 28.02 -41.21
CA ALA B 263 13.17 28.95 -41.62
C ALA B 263 13.47 28.73 -43.11
N ASP B 264 12.89 27.65 -43.60
CA ASP B 264 12.80 27.23 -44.98
C ASP B 264 12.13 28.18 -45.97
N GLY B 265 11.13 28.92 -45.50
CA GLY B 265 10.19 29.59 -46.39
C GLY B 265 9.02 28.67 -46.65
N SER B 266 9.16 27.38 -46.29
CA SER B 266 8.08 26.42 -46.50
C SER B 266 7.02 26.57 -45.41
N SER B 267 5.87 25.98 -45.68
CA SER B 267 4.76 26.08 -44.76
C SER B 267 3.76 24.97 -44.98
N GLU B 268 3.14 24.50 -43.90
CA GLU B 268 1.95 23.65 -44.07
C GLU B 268 1.04 23.45 -42.89
N LYS B 269 -0.10 22.84 -43.21
CA LYS B 269 -1.13 22.52 -42.24
C LYS B 269 -0.62 21.41 -41.30
N VAL B 270 -0.75 21.62 -40.00
CA VAL B 270 -0.31 20.62 -39.01
C VAL B 270 -1.43 20.50 -37.99
N ASP B 271 -1.70 19.26 -37.53
CA ASP B 271 -2.75 18.98 -36.52
C ASP B 271 -2.30 18.97 -35.06
N ALA B 272 -1.03 18.64 -34.83
CA ALA B 272 -0.46 18.54 -33.47
C ALA B 272 1.02 18.89 -33.50
N ILE B 273 1.49 19.50 -32.42
CA ILE B 273 2.89 19.79 -32.33
C ILE B 273 3.45 19.15 -31.06
N ILE B 274 4.50 18.35 -31.22
CA ILE B 274 5.17 17.68 -30.11
C ILE B 274 6.58 18.24 -29.93
N LEU B 275 6.82 18.86 -28.78
CA LEU B 275 8.14 19.45 -28.53
C LEU B 275 9.01 18.37 -27.95
N CYS B 276 10.00 17.96 -28.73
CA CYS B 276 10.92 16.89 -28.31
C CYS B 276 12.22 17.58 -27.95
N THR B 277 12.13 18.49 -26.99
CA THR B 277 13.17 19.45 -26.77
C THR B 277 13.92 19.19 -25.48
N GLY B 278 13.78 17.98 -24.91
CA GLY B 278 14.58 17.60 -23.74
C GLY B 278 14.06 18.11 -22.40
N TYR B 279 14.94 18.05 -21.39
CA TYR B 279 14.56 18.20 -19.97
C TYR B 279 15.51 19.09 -19.20
N ILE B 280 15.10 19.47 -18.00
CA ILE B 280 15.99 20.24 -17.14
C ILE B 280 16.27 19.48 -15.86
N HIS B 281 17.45 19.70 -15.28
CA HIS B 281 17.73 19.25 -13.93
C HIS B 281 17.00 20.15 -12.97
N HIS B 282 16.05 19.59 -12.26
CA HIS B 282 15.18 20.37 -11.41
C HIS B 282 15.05 19.66 -10.07
N PHE B 283 15.41 20.36 -8.99
CA PHE B 283 15.31 19.78 -7.63
C PHE B 283 14.59 20.76 -6.69
N PRO B 284 13.24 20.74 -6.73
CA PRO B 284 12.43 21.69 -5.95
C PRO B 284 12.60 21.54 -4.43
N PHE B 285 13.16 20.42 -3.98
CA PHE B 285 13.38 20.17 -2.56
C PHE B 285 14.79 20.54 -2.07
N LEU B 286 15.62 21.15 -2.91
CA LEU B 286 16.99 21.52 -2.49
C LEU B 286 17.23 23.01 -2.60
N ASN B 287 17.81 23.60 -1.55
CA ASN B 287 18.31 24.98 -1.60
C ASN B 287 19.66 25.01 -2.33
N ASP B 288 20.22 26.20 -2.57
CA ASP B 288 21.42 26.35 -3.40
C ASP B 288 22.70 25.68 -2.86
N ASP B 289 22.75 25.45 -1.55
CA ASP B 289 23.90 24.79 -0.94
C ASP B 289 24.07 23.32 -1.41
N LEU B 290 22.97 22.68 -1.79
CA LEU B 290 22.95 21.26 -2.18
C LEU B 290 22.53 21.00 -3.65
N ARG B 291 22.07 22.04 -4.32
CA ARG B 291 21.35 21.88 -5.57
C ARG B 291 22.25 21.84 -6.82
N LEU B 292 22.21 20.73 -7.53
CA LEU B 292 22.99 20.59 -8.76
C LEU B 292 22.32 21.36 -9.91
N VAL B 293 23.12 22.15 -10.61
CA VAL B 293 22.66 23.02 -11.68
C VAL B 293 23.55 22.60 -12.87
N THR B 294 22.95 22.07 -13.92
CA THR B 294 23.73 21.58 -15.08
C THR B 294 22.83 21.36 -16.28
N ASN B 295 23.39 21.41 -17.47
CA ASN B 295 22.68 20.90 -18.66
C ASN B 295 22.95 19.39 -18.77
N ASN B 296 22.25 18.73 -19.67
CA ASN B 296 22.36 17.30 -19.83
C ASN B 296 23.65 16.95 -20.59
N ARG B 297 24.57 16.22 -19.96
CA ARG B 297 25.90 16.06 -20.54
C ARG B 297 26.62 14.90 -19.85
N LEU B 298 27.80 14.56 -20.35
CA LEU B 298 28.50 13.39 -19.85
C LEU B 298 29.26 13.71 -18.57
N TRP B 299 29.64 14.97 -18.38
CA TRP B 299 30.36 15.33 -17.19
C TRP B 299 29.83 16.59 -16.52
N PRO B 300 28.72 16.49 -15.74
CA PRO B 300 28.40 17.63 -14.88
C PRO B 300 29.49 17.93 -13.85
N LEU B 301 29.71 19.22 -13.62
CA LEU B 301 30.70 19.71 -12.66
C LEU B 301 30.15 19.60 -11.22
N ASN B 302 31.06 19.72 -10.26
CA ASN B 302 30.74 19.71 -8.82
C ASN B 302 30.42 18.34 -8.22
N LEU B 303 30.72 17.29 -8.98
CA LEU B 303 30.47 15.91 -8.57
C LEU B 303 31.77 15.11 -8.66
N TYR B 304 32.35 14.82 -7.50
CA TYR B 304 33.57 14.05 -7.39
C TYR B 304 33.26 12.61 -7.78
N LYS B 305 33.99 12.10 -8.77
CA LYS B 305 33.67 10.82 -9.40
C LYS B 305 32.23 10.78 -9.99
N GLY B 306 31.70 11.95 -10.35
CA GLY B 306 30.36 12.04 -10.94
C GLY B 306 29.25 11.76 -9.94
N VAL B 307 29.59 11.70 -8.64
CA VAL B 307 28.70 11.20 -7.61
C VAL B 307 28.67 12.05 -6.31
N VAL B 308 29.83 12.45 -5.81
CA VAL B 308 29.92 13.11 -4.49
C VAL B 308 29.78 14.64 -4.66
N TRP B 309 28.75 15.23 -4.04
CA TRP B 309 28.51 16.68 -4.12
C TRP B 309 29.69 17.34 -3.46
N GLU B 310 30.48 18.10 -4.21
CA GLU B 310 31.75 18.65 -3.73
C GLU B 310 31.66 19.72 -2.59
N ASP B 311 30.55 20.45 -2.51
CA ASP B 311 30.33 21.43 -1.40
C ASP B 311 29.86 20.81 -0.08
N ASN B 312 29.30 19.62 -0.16
CA ASN B 312 28.91 18.88 1.03
C ASN B 312 28.96 17.40 0.72
N PRO B 313 30.12 16.77 0.98
CA PRO B 313 30.32 15.37 0.57
C PRO B 313 29.57 14.31 1.40
N LYS B 314 28.59 14.72 2.20
CA LYS B 314 27.67 13.75 2.80
C LYS B 314 26.41 13.65 1.92
N PHE B 315 26.40 14.40 0.82
CA PHE B 315 25.30 14.34 -0.17
C PHE B 315 25.83 13.75 -1.47
N PHE B 316 25.02 12.88 -2.09
CA PHE B 316 25.38 12.11 -3.27
C PHE B 316 24.30 12.18 -4.34
N TYR B 317 24.71 12.12 -5.60
CA TYR B 317 23.80 12.09 -6.72
C TYR B 317 24.10 10.87 -7.56
N ILE B 318 23.04 10.17 -7.95
CA ILE B 318 23.18 9.01 -8.82
C ILE B 318 22.47 9.25 -10.14
N GLY B 319 23.15 8.94 -11.23
CA GLY B 319 22.54 8.93 -12.55
C GLY B 319 22.26 10.31 -13.15
N MET B 320 23.02 11.33 -12.75
CA MET B 320 22.74 12.69 -13.23
C MET B 320 23.43 13.01 -14.55
N GLN B 321 24.35 12.15 -14.97
CA GLN B 321 24.96 12.25 -16.31
C GLN B 321 23.98 11.93 -17.41
N ASP B 322 24.25 12.40 -18.63
CA ASP B 322 23.59 11.86 -19.83
C ASP B 322 23.91 10.35 -19.93
N GLN B 323 23.06 9.61 -20.64
CA GLN B 323 23.11 8.15 -20.51
C GLN B 323 23.26 7.38 -21.83
N TRP B 324 24.49 6.97 -22.16
CA TRP B 324 24.70 5.96 -23.21
C TRP B 324 24.57 4.61 -22.49
N TYR B 325 25.53 4.30 -21.62
CA TYR B 325 25.33 3.34 -20.56
C TYR B 325 24.22 3.88 -19.64
N SER B 326 23.58 2.99 -18.90
CA SER B 326 22.54 3.39 -17.97
C SER B 326 22.51 2.51 -16.74
N PHE B 327 21.80 1.37 -16.79
CA PHE B 327 21.60 0.55 -15.57
C PHE B 327 22.90 0.19 -14.85
N ASN B 328 23.93 -0.26 -15.60
CA ASN B 328 25.13 -0.70 -14.90
C ASN B 328 26.06 0.45 -14.56
N MET B 329 25.82 1.63 -15.15
CA MET B 329 26.44 2.86 -14.68
C MET B 329 25.86 3.24 -13.32
N PHE B 330 24.54 3.16 -13.17
CA PHE B 330 23.92 3.48 -11.86
C PHE B 330 24.43 2.54 -10.78
N ASP B 331 24.61 1.26 -11.13
CA ASP B 331 25.26 0.30 -10.23
C ASP B 331 26.67 0.72 -9.84
N ALA B 332 27.48 1.06 -10.83
CA ALA B 332 28.85 1.43 -10.55
C ALA B 332 28.86 2.64 -9.58
N GLN B 333 27.98 3.62 -9.85
CA GLN B 333 27.86 4.81 -9.00
C GLN B 333 27.38 4.45 -7.58
N ALA B 334 26.39 3.58 -7.51
CA ALA B 334 25.76 3.25 -6.24
C ALA B 334 26.68 2.45 -5.32
N TRP B 335 27.45 1.53 -5.92
CA TRP B 335 28.47 0.77 -5.18
C TRP B 335 29.55 1.72 -4.66
N TYR B 336 29.93 2.71 -5.47
CA TYR B 336 30.92 3.69 -5.05
C TYR B 336 30.38 4.56 -3.89
N ALA B 337 29.16 5.08 -4.03
CA ALA B 337 28.55 5.90 -2.98
C ALA B 337 28.45 5.11 -1.68
N ARG B 338 27.96 3.87 -1.79
CA ARG B 338 27.94 2.97 -0.65
C ARG B 338 29.28 2.84 0.07
N ASP B 339 30.35 2.65 -0.70
CA ASP B 339 31.67 2.44 -0.11
C ASP B 339 32.23 3.71 0.55
N VAL B 340 31.97 4.90 -0.01
CA VAL B 340 32.36 6.09 0.73
C VAL B 340 31.51 6.27 2.00
N ILE B 341 30.22 6.00 1.92
CA ILE B 341 29.36 6.11 3.09
C ILE B 341 29.87 5.19 4.21
N MET B 342 30.23 3.95 3.86
CA MET B 342 30.69 2.95 4.84
C MET B 342 32.15 3.12 5.30
N GLY B 343 32.88 4.07 4.74
CA GLY B 343 34.26 4.30 5.18
C GLY B 343 35.29 3.44 4.46
N ARG B 344 34.88 2.68 3.45
CA ARG B 344 35.82 1.91 2.64
C ARG B 344 36.71 2.71 1.68
N LEU B 345 36.23 3.86 1.22
CA LEU B 345 36.96 4.72 0.30
C LEU B 345 36.98 6.15 0.83
N PRO B 346 37.95 6.48 1.71
CA PRO B 346 38.03 7.86 2.25
C PRO B 346 38.20 8.89 1.14
N LEU B 347 37.56 10.03 1.29
CA LEU B 347 37.59 11.06 0.30
C LEU B 347 38.86 11.89 0.40
N PRO B 348 39.42 12.30 -0.75
CA PRO B 348 40.52 13.25 -0.65
C PRO B 348 40.02 14.66 -0.24
N SER B 349 40.94 15.61 -0.12
CA SER B 349 40.60 16.98 0.22
C SER B 349 39.77 17.62 -0.89
N LYS B 350 39.06 18.70 -0.56
CA LYS B 350 38.25 19.42 -1.53
C LYS B 350 39.04 19.87 -2.77
N GLU B 351 40.24 20.39 -2.53
CA GLU B 351 41.18 20.76 -3.60
C GLU B 351 41.48 19.60 -4.57
N GLU B 352 41.71 18.41 -4.03
CA GLU B 352 41.97 17.23 -4.87
C GLU B 352 40.73 16.81 -5.69
N MET B 353 39.55 16.92 -5.09
CA MET B 353 38.29 16.58 -5.73
C MET B 353 38.07 17.48 -6.95
N LYS B 354 38.26 18.79 -6.73
CA LYS B 354 38.18 19.81 -7.77
C LYS B 354 39.09 19.55 -8.92
N ALA B 355 40.36 19.26 -8.62
CA ALA B 355 41.36 19.05 -9.66
C ALA B 355 40.98 17.79 -10.46
N ASP B 356 40.55 16.75 -9.77
CA ASP B 356 40.13 15.51 -10.46
C ASP B 356 38.93 15.81 -11.41
N SER B 357 37.88 16.46 -10.88
CA SER B 357 36.72 16.79 -11.69
C SER B 357 37.04 17.69 -12.87
N MET B 358 38.01 18.59 -12.69
CA MET B 358 38.44 19.46 -13.81
C MET B 358 39.04 18.64 -14.96
N ALA B 359 39.88 17.68 -14.63
CA ALA B 359 40.54 16.83 -15.62
C ALA B 359 39.50 15.99 -16.39
N TRP B 360 38.44 15.58 -15.70
CA TRP B 360 37.35 14.83 -16.36
C TRP B 360 36.56 15.77 -17.27
N ARG B 361 36.34 17.00 -16.80
CA ARG B 361 35.67 17.98 -17.66
C ARG B 361 36.52 18.33 -18.88
N GLU B 362 37.83 18.50 -18.70
CA GLU B 362 38.69 18.85 -19.84
C GLU B 362 38.60 17.79 -20.94
N LYS B 363 38.67 16.53 -20.54
CA LYS B 363 38.51 15.43 -21.51
C LYS B 363 37.12 15.45 -22.17
N GLU B 364 36.07 15.70 -21.39
CA GLU B 364 34.71 15.75 -21.94
C GLU B 364 34.53 16.75 -23.11
N LEU B 365 35.17 17.92 -23.01
CA LEU B 365 34.99 19.01 -23.98
C LEU B 365 35.68 18.71 -25.31
N THR B 366 36.57 17.71 -25.24
CA THR B 366 37.36 17.16 -26.32
C THR B 366 36.53 16.27 -27.27
N LEU B 367 35.40 15.75 -26.78
CA LEU B 367 34.67 14.66 -27.44
C LEU B 367 33.87 15.14 -28.64
N VAL B 368 34.05 14.48 -29.78
CA VAL B 368 33.33 14.86 -31.00
C VAL B 368 32.36 13.76 -31.50
N THR B 369 32.86 12.54 -31.70
CA THR B 369 32.04 11.46 -32.25
C THR B 369 31.24 10.70 -31.21
N ALA B 370 30.19 10.02 -31.65
CA ALA B 370 29.43 9.09 -30.80
C ALA B 370 30.34 8.07 -30.12
N GLU B 371 31.33 7.57 -30.86
CA GLU B 371 32.20 6.55 -30.34
C GLU B 371 33.05 7.10 -29.20
N GLU B 372 33.56 8.31 -29.39
CA GLU B 372 34.30 8.98 -28.35
C GLU B 372 33.44 9.18 -27.11
N MET B 373 32.15 9.48 -27.30
CA MET B 373 31.23 9.73 -26.19
C MET B 373 30.90 8.49 -25.35
N TYR B 374 30.41 7.42 -25.97
CA TYR B 374 30.18 6.20 -25.16
C TYR B 374 31.45 5.58 -24.62
N THR B 375 32.55 5.66 -25.36
CA THR B 375 33.85 5.18 -24.85
C THR B 375 34.29 5.99 -23.59
N TYR B 376 34.15 7.32 -23.60
CA TYR B 376 34.47 8.13 -22.39
C TYR B 376 33.62 7.67 -21.23
N GLN B 377 32.34 7.39 -21.49
CA GLN B 377 31.45 6.97 -20.41
C GLN B 377 31.87 5.59 -19.91
N GLY B 378 32.28 4.71 -20.84
CA GLY B 378 32.90 3.42 -20.48
C GLY B 378 34.12 3.57 -19.59
N ASP B 379 35.00 4.52 -19.91
CA ASP B 379 36.19 4.79 -19.09
C ASP B 379 35.79 5.26 -17.71
N TYR B 380 34.76 6.09 -17.63
CA TYR B 380 34.27 6.58 -16.34
C TYR B 380 33.82 5.42 -15.47
N ILE B 381 33.02 4.55 -16.06
CA ILE B 381 32.49 3.38 -15.37
C ILE B 381 33.58 2.41 -14.91
N GLN B 382 34.56 2.16 -15.78
CA GLN B 382 35.72 1.32 -15.45
C GLN B 382 36.44 1.81 -14.19
N ASN B 383 36.74 3.10 -14.15
CA ASN B 383 37.34 3.74 -12.99
C ASN B 383 36.49 3.46 -11.72
N LEU B 384 35.16 3.57 -11.81
CA LEU B 384 34.30 3.27 -10.64
C LEU B 384 34.29 1.78 -10.23
N ILE B 385 34.15 0.88 -11.19
CA ILE B 385 34.03 -0.55 -10.81
C ILE B 385 35.37 -1.12 -10.37
N ASP B 386 36.49 -0.55 -10.82
CA ASP B 386 37.80 -0.92 -10.28
C ASP B 386 37.98 -0.60 -8.78
N MET B 387 37.20 0.32 -8.21
CA MET B 387 37.43 0.77 -6.82
C MET B 387 36.60 0.00 -5.78
N THR B 388 35.78 -0.92 -6.28
CA THR B 388 34.67 -1.46 -5.55
C THR B 388 34.52 -2.97 -5.86
N ASP B 389 33.73 -3.71 -5.08
CA ASP B 389 33.52 -5.11 -5.39
C ASP B 389 32.39 -5.35 -6.40
N TYR B 390 31.97 -4.33 -7.14
CA TYR B 390 31.03 -4.59 -8.24
C TYR B 390 31.74 -5.45 -9.30
N PRO B 391 31.08 -6.49 -9.84
CA PRO B 391 31.88 -7.42 -10.68
C PRO B 391 32.46 -6.72 -11.91
N SER B 392 33.72 -6.97 -12.25
CA SER B 392 34.20 -6.36 -13.49
C SER B 392 33.51 -7.00 -14.68
N PHE B 393 33.25 -6.20 -15.68
CA PHE B 393 32.71 -6.75 -16.89
C PHE B 393 33.51 -6.13 -18.01
N ASP B 394 33.35 -6.73 -19.17
CA ASP B 394 34.05 -6.32 -20.34
C ASP B 394 33.46 -5.00 -20.94
N ILE B 395 34.07 -3.89 -20.55
CA ILE B 395 33.65 -2.57 -21.06
C ILE B 395 34.07 -2.34 -22.53
N PRO B 396 35.33 -2.70 -22.91
CA PRO B 396 35.62 -2.54 -24.33
C PRO B 396 34.67 -3.36 -25.23
N ALA B 397 34.22 -4.52 -24.76
CA ALA B 397 33.28 -5.33 -25.56
C ALA B 397 31.87 -4.75 -25.53
N THR B 398 31.53 -4.07 -24.43
CA THR B 398 30.29 -3.31 -24.40
C THR B 398 30.37 -2.13 -25.40
N ASN B 399 31.50 -1.41 -25.42
CA ASN B 399 31.72 -0.34 -26.41
C ASN B 399 31.54 -0.82 -27.87
N LYS B 400 32.04 -2.03 -28.18
CA LYS B 400 31.91 -2.59 -29.53
C LYS B 400 30.44 -2.94 -29.86
N THR B 401 29.65 -3.27 -28.84
CA THR B 401 28.23 -3.47 -29.05
C THR B 401 27.54 -2.13 -29.40
N PHE B 402 27.91 -1.05 -28.70
CA PHE B 402 27.41 0.29 -29.08
C PHE B 402 27.78 0.63 -30.53
N LEU B 403 29.01 0.28 -30.95
CA LEU B 403 29.49 0.54 -32.31
C LEU B 403 28.57 -0.15 -33.32
N GLU B 404 28.26 -1.43 -33.09
CA GLU B 404 27.35 -2.16 -33.98
C GLU B 404 25.98 -1.49 -34.05
N TRP B 405 25.43 -1.19 -32.88
CA TRP B 405 24.11 -0.53 -32.78
C TRP B 405 24.07 0.77 -33.57
N LYS B 406 25.13 1.58 -33.44
CA LYS B 406 25.23 2.83 -34.21
C LYS B 406 25.16 2.56 -35.72
N HIS B 407 25.91 1.56 -36.17
CA HIS B 407 25.91 1.19 -37.60
C HIS B 407 24.53 0.74 -38.06
N HIS B 408 23.84 -0.05 -37.21
CA HIS B 408 22.48 -0.50 -37.52
C HIS B 408 21.50 0.66 -37.65
N LYS B 409 21.59 1.64 -36.76
CA LYS B 409 20.78 2.84 -36.90
C LYS B 409 21.08 3.58 -38.23
N LYS B 410 22.36 3.79 -38.53
CA LYS B 410 22.77 4.42 -39.80
C LYS B 410 22.22 3.66 -41.01
N GLU B 411 22.28 2.33 -40.97
CA GLU B 411 21.82 1.49 -42.08
C GLU B 411 20.34 1.63 -42.38
N ASN B 412 19.52 1.57 -41.33
CA ASN B 412 18.09 1.68 -41.44
C ASN B 412 17.45 1.97 -40.06
N ILE B 413 16.93 3.18 -39.93
CA ILE B 413 16.43 3.69 -38.64
C ILE B 413 15.15 2.98 -38.17
N MET B 414 14.46 2.31 -39.09
CA MET B 414 13.24 1.60 -38.75
C MET B 414 13.42 0.11 -38.39
N THR B 415 14.59 -0.44 -38.66
CA THR B 415 14.84 -1.86 -38.39
C THR B 415 16.03 -2.13 -37.45
N PHE B 416 16.68 -1.07 -36.91
CA PHE B 416 17.78 -1.30 -35.96
C PHE B 416 17.40 -2.24 -34.80
N ARG B 417 16.14 -2.15 -34.34
CA ARG B 417 15.64 -2.98 -33.22
C ARG B 417 15.46 -4.46 -33.60
N ASP B 418 15.59 -4.79 -34.88
CA ASP B 418 15.45 -6.18 -35.33
C ASP B 418 16.77 -6.97 -35.22
N HIS B 419 17.87 -6.31 -34.91
CA HIS B 419 19.17 -7.01 -34.71
C HIS B 419 19.36 -7.57 -33.31
N SER B 420 20.34 -8.46 -33.16
CA SER B 420 20.66 -9.15 -31.89
C SER B 420 22.15 -9.08 -31.56
N TYR B 421 22.48 -9.16 -30.28
CA TYR B 421 23.87 -9.03 -29.82
C TYR B 421 24.17 -10.10 -28.76
N ARG B 422 25.42 -10.33 -28.41
CA ARG B 422 25.65 -11.22 -27.27
C ARG B 422 25.84 -10.51 -25.93
N SER B 423 25.33 -11.15 -24.89
CA SER B 423 25.51 -10.71 -23.52
C SER B 423 26.98 -10.70 -23.19
N LEU B 424 27.46 -9.59 -22.63
CA LEU B 424 28.84 -9.48 -22.16
C LEU B 424 28.96 -10.10 -20.78
N MET B 425 27.82 -10.41 -20.16
CA MET B 425 27.86 -11.00 -18.83
C MET B 425 27.92 -12.51 -18.93
N THR B 426 27.15 -13.11 -19.84
CA THR B 426 27.09 -14.60 -19.93
C THR B 426 27.69 -15.20 -21.21
N GLY B 427 27.87 -14.39 -22.25
CA GLY B 427 28.36 -14.90 -23.53
C GLY B 427 27.26 -15.42 -24.43
N THR B 428 26.02 -15.48 -23.98
CA THR B 428 24.99 -16.10 -24.80
C THR B 428 24.37 -15.12 -25.80
N MET B 429 24.23 -15.55 -27.05
CA MET B 429 23.69 -14.68 -28.11
C MET B 429 22.20 -14.57 -27.97
N ALA B 430 21.70 -13.37 -28.24
CA ALA B 430 20.27 -13.16 -28.23
C ALA B 430 19.71 -13.65 -29.56
N PRO B 431 18.59 -14.39 -29.53
CA PRO B 431 18.01 -14.79 -30.80
C PRO B 431 17.29 -13.61 -31.46
N LYS B 432 16.79 -13.84 -32.66
CA LYS B 432 16.01 -12.84 -33.36
C LYS B 432 14.60 -12.90 -32.76
N HIS B 433 13.97 -11.75 -32.62
CA HIS B 433 12.61 -11.74 -32.11
C HIS B 433 11.65 -12.44 -33.10
N HIS B 434 10.54 -12.97 -32.60
CA HIS B 434 9.55 -13.60 -33.47
C HIS B 434 8.85 -12.66 -34.48
N THR B 435 8.90 -11.34 -34.25
CA THR B 435 8.19 -10.39 -35.09
C THR B 435 9.06 -9.14 -35.33
N PRO B 436 9.15 -8.67 -36.59
CA PRO B 436 9.84 -7.41 -36.89
C PRO B 436 9.21 -6.25 -36.13
N TRP B 437 10.03 -5.31 -35.67
CA TRP B 437 9.53 -4.17 -34.88
C TRP B 437 8.33 -3.48 -35.53
N ILE B 438 8.39 -3.21 -36.83
CA ILE B 438 7.32 -2.47 -37.51
C ILE B 438 5.97 -3.19 -37.42
N ASP B 439 6.02 -4.52 -37.38
CA ASP B 439 4.80 -5.34 -37.28
C ASP B 439 4.41 -5.73 -35.85
N ALA B 440 5.32 -5.55 -34.88
CA ALA B 440 5.05 -5.88 -33.47
C ALA B 440 4.26 -4.78 -32.75
N LEU B 441 2.95 -4.76 -33.02
CA LEU B 441 2.04 -3.71 -32.56
C LEU B 441 1.72 -3.85 -31.07
N ASP B 442 1.58 -5.10 -30.64
CA ASP B 442 1.37 -5.45 -29.23
C ASP B 442 2.64 -5.25 -28.39
N ASP B 443 2.61 -4.34 -27.42
CA ASP B 443 3.81 -4.07 -26.57
C ASP B 443 3.85 -4.86 -25.26
N SER B 444 2.92 -5.79 -25.05
CA SER B 444 2.84 -6.47 -23.76
C SER B 444 3.99 -7.43 -23.52
N LEU B 445 4.29 -7.66 -22.25
CA LEU B 445 5.30 -8.64 -21.83
C LEU B 445 4.90 -10.04 -22.31
N GLU B 446 3.61 -10.35 -22.18
CA GLU B 446 3.07 -11.64 -22.57
C GLU B 446 3.29 -11.95 -24.08
N ALA B 447 2.92 -11.01 -24.97
CA ALA B 447 3.20 -11.20 -26.40
C ALA B 447 4.69 -11.31 -26.72
N TYR B 448 5.53 -10.58 -25.99
CA TYR B 448 6.95 -10.56 -26.27
C TYR B 448 7.62 -11.87 -25.91
N LEU B 449 7.27 -12.40 -24.73
CA LEU B 449 7.90 -13.60 -24.23
C LEU B 449 7.31 -14.89 -24.83
N SER B 450 6.11 -14.82 -25.40
CA SER B 450 5.51 -16.04 -25.96
C SER B 450 6.27 -16.51 -27.21
N ASP B 451 6.23 -17.81 -27.45
CA ASP B 451 6.91 -18.41 -28.62
C ASP B 451 6.41 -17.92 -30.01
N LYS B 452 5.13 -17.55 -30.11
CA LYS B 452 4.52 -17.12 -31.39
C LYS B 452 4.70 -15.64 -31.68
N ALA C 7 9.87 47.81 11.89
CA ALA C 7 9.19 48.06 10.57
C ALA C 7 8.51 46.77 10.06
N THR C 8 7.20 46.62 10.30
CA THR C 8 6.51 45.37 9.98
C THR C 8 6.44 45.02 8.46
N ARG C 9 6.49 43.72 8.20
CA ARG C 9 6.70 43.22 6.84
C ARG C 9 5.73 42.10 6.48
N ILE C 10 5.08 42.22 5.32
CA ILE C 10 4.03 41.30 4.90
C ILE C 10 4.44 40.58 3.64
N ALA C 11 4.20 39.26 3.59
CA ALA C 11 4.40 38.48 2.37
C ALA C 11 3.05 38.08 1.82
N ILE C 12 2.83 38.37 0.54
CA ILE C 12 1.60 38.01 -0.15
C ILE C 12 1.94 36.95 -1.19
N LEU C 13 1.32 35.78 -1.08
CA LEU C 13 1.67 34.66 -1.97
C LEU C 13 0.68 34.57 -3.12
N GLY C 14 1.08 35.04 -4.30
CA GLY C 14 0.20 35.01 -5.47
C GLY C 14 -0.22 36.41 -5.89
N ALA C 15 -0.24 36.66 -7.20
CA ALA C 15 -0.71 37.90 -7.80
C ALA C 15 -1.87 37.64 -8.78
N GLY C 16 -2.77 36.75 -8.39
CA GLY C 16 -4.05 36.66 -9.07
C GLY C 16 -4.99 37.72 -8.50
N PRO C 17 -6.30 37.60 -8.79
CA PRO C 17 -7.31 38.53 -8.24
C PRO C 17 -7.18 38.73 -6.75
N SER C 18 -6.91 37.66 -5.99
CA SER C 18 -6.79 37.77 -4.53
C SER C 18 -5.56 38.53 -4.05
N GLY C 19 -4.36 38.20 -4.55
CA GLY C 19 -3.15 38.96 -4.22
C GLY C 19 -3.18 40.42 -4.71
N MET C 20 -3.75 40.65 -5.89
CA MET C 20 -4.01 42.01 -6.42
C MET C 20 -4.94 42.83 -5.49
N ALA C 21 -6.05 42.21 -5.07
CA ALA C 21 -6.93 42.79 -4.04
C ALA C 21 -6.20 43.07 -2.73
N GLN C 22 -5.33 42.15 -2.30
CA GLN C 22 -4.60 42.39 -1.07
C GLN C 22 -3.68 43.62 -1.17
N LEU C 23 -2.99 43.76 -2.31
CA LEU C 23 -2.15 44.92 -2.56
C LEU C 23 -2.99 46.20 -2.66
N ARG C 24 -4.10 46.10 -3.39
CA ARG C 24 -5.02 47.23 -3.57
C ARG C 24 -5.54 47.71 -2.21
N ALA C 25 -5.87 46.77 -1.33
CA ALA C 25 -6.38 47.08 0.01
C ALA C 25 -5.37 47.93 0.78
N PHE C 26 -4.11 47.50 0.80
CA PHE C 26 -3.08 48.28 1.46
C PHE C 26 -2.84 49.65 0.82
N GLN C 27 -2.77 49.69 -0.50
CA GLN C 27 -2.53 50.94 -1.23
C GLN C 27 -3.64 51.97 -0.96
N SER C 28 -4.89 51.48 -0.83
CA SER C 28 -6.04 52.33 -0.55
C SER C 28 -5.99 52.96 0.83
N ALA C 29 -5.52 52.21 1.83
CA ALA C 29 -5.32 52.75 3.16
C ALA C 29 -4.23 53.83 3.15
N GLN C 30 -3.15 53.54 2.43
CA GLN C 30 -2.06 54.48 2.24
C GLN C 30 -2.52 55.77 1.57
N GLU C 31 -3.26 55.64 0.48
CA GLU C 31 -3.82 56.78 -0.23
C GLU C 31 -4.69 57.69 0.68
N LYS C 32 -5.37 57.08 1.66
CA LYS C 32 -6.13 57.84 2.69
C LYS C 32 -5.25 58.42 3.80
N GLY C 33 -3.96 58.15 3.76
CA GLY C 33 -3.01 58.79 4.66
C GLY C 33 -2.43 57.94 5.78
N ALA C 34 -2.81 56.66 5.82
CA ALA C 34 -2.33 55.76 6.89
C ALA C 34 -0.93 55.23 6.57
N GLU C 35 -0.16 54.95 7.60
CA GLU C 35 1.11 54.27 7.46
C GLU C 35 0.83 52.77 7.28
N ILE C 36 1.44 52.18 6.26
CA ILE C 36 1.23 50.77 5.98
C ILE C 36 2.50 49.96 6.15
N PRO C 37 2.39 48.64 6.36
CA PRO C 37 3.59 47.77 6.36
C PRO C 37 4.33 47.69 5.02
N GLU C 38 5.60 47.31 5.05
CA GLU C 38 6.31 46.89 3.86
C GLU C 38 5.64 45.61 3.32
N LEU C 39 5.50 45.55 2.00
CA LEU C 39 4.80 44.48 1.29
C LEU C 39 5.73 43.84 0.29
N VAL C 40 5.76 42.51 0.27
CA VAL C 40 6.42 41.81 -0.81
C VAL C 40 5.42 40.76 -1.36
N CYS C 41 5.19 40.77 -2.66
CA CYS C 41 4.30 39.78 -3.27
C CYS C 41 5.10 38.91 -4.25
N PHE C 42 4.95 37.60 -4.11
CA PHE C 42 5.68 36.61 -4.93
C PHE C 42 4.71 35.97 -5.92
N GLU C 43 5.06 35.96 -7.20
CA GLU C 43 4.20 35.41 -8.24
C GLU C 43 5.08 34.52 -9.13
N LYS C 44 4.67 33.29 -9.33
CA LYS C 44 5.48 32.38 -10.14
C LYS C 44 5.38 32.63 -11.64
N GLN C 45 4.25 33.17 -12.09
CA GLN C 45 4.08 33.54 -13.52
C GLN C 45 4.81 34.85 -13.83
N ALA C 46 4.99 35.14 -15.13
CA ALA C 46 5.62 36.36 -15.62
C ALA C 46 4.75 37.62 -15.52
N ASP C 47 3.42 37.45 -15.34
CA ASP C 47 2.50 38.57 -15.24
C ASP C 47 1.37 38.26 -14.28
N TRP C 48 0.70 39.29 -13.77
CA TRP C 48 -0.40 39.10 -12.83
C TRP C 48 -1.70 38.72 -13.53
N GLY C 49 -2.67 38.31 -12.73
CA GLY C 49 -3.99 37.97 -13.23
C GLY C 49 -4.44 36.57 -12.86
N GLY C 50 -3.50 35.71 -12.47
CA GLY C 50 -3.86 34.37 -11.97
C GLY C 50 -4.47 33.46 -13.03
N GLN C 51 -5.63 32.90 -12.73
CA GLN C 51 -6.36 32.11 -13.74
C GLN C 51 -6.55 32.87 -15.05
N TRP C 52 -6.79 34.18 -14.95
CA TRP C 52 -7.20 35.00 -16.09
C TRP C 52 -6.04 35.30 -17.03
N ASN C 53 -4.82 35.04 -16.56
CA ASN C 53 -3.62 35.12 -17.41
C ASN C 53 -3.53 33.81 -18.21
N TYR C 54 -3.96 33.84 -19.45
CA TYR C 54 -4.01 32.64 -20.31
C TYR C 54 -2.64 32.13 -20.70
N THR C 55 -2.47 30.82 -20.73
CA THR C 55 -1.27 30.26 -21.31
C THR C 55 -1.60 29.07 -22.18
N TRP C 56 -0.83 28.90 -23.25
CA TRP C 56 -0.97 27.72 -24.10
C TRP C 56 -0.36 26.48 -23.43
N ARG C 57 0.48 26.72 -22.42
CA ARG C 57 1.23 25.68 -21.76
C ARG C 57 0.32 24.79 -20.93
N THR C 58 0.80 23.58 -20.69
CA THR C 58 -0.02 22.58 -20.08
C THR C 58 0.92 21.73 -19.21
N GLY C 59 0.44 21.20 -18.08
CA GLY C 59 1.31 20.37 -17.21
C GLY C 59 2.30 21.17 -16.38
N LEU C 60 3.51 21.34 -16.89
CA LEU C 60 4.55 22.09 -16.20
C LEU C 60 4.96 23.32 -17.05
N ASP C 61 5.26 24.45 -16.40
CA ASP C 61 5.51 25.69 -17.15
C ASP C 61 6.94 25.76 -17.66
N GLU C 62 7.39 26.89 -18.20
CA GLU C 62 8.77 26.93 -18.73
C GLU C 62 9.88 26.81 -17.69
N ASN C 63 9.55 26.94 -16.41
CA ASN C 63 10.57 26.81 -15.34
C ASN C 63 10.45 25.45 -14.65
N GLY C 64 9.50 24.61 -15.06
CA GLY C 64 9.26 23.35 -14.36
C GLY C 64 8.25 23.40 -13.22
N GLU C 65 7.66 24.57 -12.96
CA GLU C 65 6.61 24.68 -11.95
C GLU C 65 5.28 24.23 -12.56
N PRO C 66 4.39 23.60 -11.77
CA PRO C 66 3.05 23.30 -12.27
C PRO C 66 2.38 24.50 -12.96
N VAL C 67 1.79 24.26 -14.13
CA VAL C 67 1.08 25.32 -14.88
C VAL C 67 -0.13 25.69 -14.05
N HIS C 68 -0.38 26.99 -13.89
CA HIS C 68 -1.41 27.39 -12.94
C HIS C 68 -2.79 27.51 -13.55
N SER C 69 -2.89 28.24 -14.65
CA SER C 69 -4.19 28.59 -15.20
C SER C 69 -4.86 27.34 -15.76
N SER C 70 -6.17 27.21 -15.48
CA SER C 70 -6.98 26.15 -16.09
C SER C 70 -7.82 26.72 -17.25
N MET C 71 -7.64 28.00 -17.55
CA MET C 71 -8.50 28.68 -18.51
C MET C 71 -8.13 28.32 -19.95
N TYR C 72 -9.13 28.35 -20.82
CA TYR C 72 -9.02 27.83 -22.18
C TYR C 72 -9.43 28.91 -23.19
N ARG C 73 -9.08 28.69 -24.46
CA ARG C 73 -9.59 29.57 -25.52
C ARG C 73 -11.11 29.68 -25.43
N TYR C 74 -11.60 30.90 -25.69
CA TYR C 74 -13.04 31.19 -25.86
C TYR C 74 -13.85 31.19 -24.60
N LEU C 75 -13.17 31.12 -23.46
CA LEU C 75 -13.84 31.28 -22.16
C LEU C 75 -14.42 32.69 -22.04
N TRP C 76 -15.67 32.73 -21.61
CA TRP C 76 -16.31 33.97 -21.21
C TRP C 76 -16.82 33.78 -19.79
N SER C 77 -17.00 34.89 -19.10
CA SER C 77 -17.59 34.95 -17.77
C SER C 77 -18.75 33.95 -17.61
N ASN C 78 -18.74 33.16 -16.53
CA ASN C 78 -19.76 32.15 -16.28
C ASN C 78 -21.01 32.72 -15.60
N GLY C 79 -20.86 33.87 -14.94
CA GLY C 79 -21.98 34.57 -14.35
C GLY C 79 -21.97 36.03 -14.76
N PRO C 80 -22.97 36.80 -14.33
CA PRO C 80 -23.03 38.20 -14.75
C PRO C 80 -21.80 39.00 -14.26
N LYS C 81 -21.21 39.82 -15.13
CA LYS C 81 -20.08 40.67 -14.70
C LYS C 81 -20.52 41.56 -13.53
N GLU C 82 -21.83 41.90 -13.51
CA GLU C 82 -22.39 42.77 -12.47
C GLU C 82 -22.27 42.15 -11.06
N CYS C 83 -22.19 40.82 -10.98
CA CYS C 83 -22.00 40.12 -9.71
C CYS C 83 -20.54 40.11 -9.20
N LEU C 84 -19.61 40.63 -10.00
CA LEU C 84 -18.19 40.57 -9.62
C LEU C 84 -17.48 41.93 -9.76
N GLU C 85 -18.25 42.98 -10.06
CA GLU C 85 -17.71 44.34 -10.19
C GLU C 85 -17.06 44.79 -8.87
N PHE C 86 -15.89 45.43 -8.95
CA PHE C 86 -15.25 45.99 -7.77
C PHE C 86 -16.06 47.21 -7.29
N ALA C 87 -16.26 47.32 -5.99
CA ALA C 87 -17.00 48.46 -5.48
C ALA C 87 -16.22 49.78 -5.56
N ASP C 88 -14.89 49.71 -5.78
CA ASP C 88 -14.03 50.91 -5.76
C ASP C 88 -13.42 51.19 -7.14
N TYR C 89 -13.91 50.50 -8.17
CA TYR C 89 -13.36 50.57 -9.53
C TYR C 89 -14.32 49.92 -10.52
N THR C 90 -15.27 50.71 -11.01
CA THR C 90 -16.42 50.20 -11.75
C THR C 90 -16.06 49.85 -13.19
N PHE C 91 -16.91 49.07 -13.85
CA PHE C 91 -16.81 48.87 -15.30
C PHE C 91 -16.87 50.18 -16.12
N ASP C 92 -17.75 51.10 -15.72
CA ASP C 92 -17.83 52.43 -16.38
C ASP C 92 -16.48 53.14 -16.29
N GLU C 93 -15.90 53.22 -15.09
CA GLU C 93 -14.59 53.86 -14.96
C GLU C 93 -13.58 53.23 -15.88
N HIS C 94 -13.56 51.89 -15.94
CA HIS C 94 -12.46 51.22 -16.63
C HIS C 94 -12.59 51.26 -18.14
N PHE C 95 -13.78 50.93 -18.64
CA PHE C 95 -14.00 50.86 -20.08
C PHE C 95 -14.46 52.19 -20.71
N GLY C 96 -14.93 53.13 -19.87
CA GLY C 96 -15.44 54.43 -20.36
C GLY C 96 -16.76 54.36 -21.12
N LYS C 97 -17.37 53.16 -21.17
CA LYS C 97 -18.64 52.92 -21.85
C LYS C 97 -19.36 51.65 -21.31
N PRO C 98 -20.70 51.56 -21.47
CA PRO C 98 -21.35 50.28 -21.16
C PRO C 98 -20.91 49.15 -22.11
N ILE C 99 -20.75 47.95 -21.56
CA ILE C 99 -20.42 46.74 -22.33
C ILE C 99 -21.39 45.65 -21.90
N ALA C 100 -21.44 44.55 -22.64
CA ALA C 100 -22.37 43.45 -22.31
C ALA C 100 -21.96 42.72 -21.01
N SER C 101 -22.81 41.77 -20.61
CA SER C 101 -22.81 41.23 -19.25
C SER C 101 -21.90 40.03 -18.99
N TYR C 102 -21.46 39.36 -20.04
CA TYR C 102 -20.62 38.16 -19.91
C TYR C 102 -19.37 38.31 -20.76
N PRO C 103 -18.39 39.08 -20.29
CA PRO C 103 -17.23 39.31 -21.14
C PRO C 103 -16.30 38.09 -21.25
N PRO C 104 -15.58 37.99 -22.36
CA PRO C 104 -14.49 37.02 -22.54
C PRO C 104 -13.37 37.27 -21.54
N ARG C 105 -12.60 36.21 -21.29
CA ARG C 105 -11.48 36.21 -20.38
C ARG C 105 -10.58 37.43 -20.53
N GLU C 106 -10.12 37.72 -21.76
CA GLU C 106 -9.17 38.81 -21.95
C GLU C 106 -9.74 40.16 -21.51
N VAL C 107 -11.06 40.33 -21.67
CA VAL C 107 -11.76 41.54 -21.24
C VAL C 107 -11.78 41.69 -19.70
N LEU C 108 -12.10 40.62 -18.99
CA LEU C 108 -12.06 40.59 -17.52
C LEU C 108 -10.62 40.73 -16.98
N TRP C 109 -9.69 40.04 -17.61
CA TRP C 109 -8.26 40.20 -17.32
C TRP C 109 -7.85 41.67 -17.43
N ASP C 110 -8.22 42.33 -18.53
CA ASP C 110 -7.92 43.77 -18.71
C ASP C 110 -8.50 44.62 -17.58
N TYR C 111 -9.72 44.29 -17.15
CA TYR C 111 -10.40 45.00 -16.06
C TYR C 111 -9.68 44.85 -14.69
N ILE C 112 -9.36 43.62 -14.29
CA ILE C 112 -8.72 43.42 -12.98
C ILE C 112 -7.33 44.04 -12.93
N LYS C 113 -6.59 43.97 -14.05
CA LYS C 113 -5.31 44.65 -14.16
C LYS C 113 -5.45 46.19 -14.10
N GLY C 114 -6.49 46.72 -14.72
CA GLY C 114 -6.73 48.18 -14.75
C GLY C 114 -6.70 48.81 -13.36
N ARG C 115 -7.36 48.14 -12.42
CA ARG C 115 -7.40 48.60 -11.04
C ARG C 115 -6.01 48.67 -10.39
N VAL C 116 -5.17 47.65 -10.63
CA VAL C 116 -3.87 47.63 -9.95
C VAL C 116 -2.78 48.41 -10.71
N GLU C 117 -2.98 48.58 -12.01
CA GLU C 117 -2.21 49.56 -12.81
C GLU C 117 -2.44 50.95 -12.25
N LYS C 118 -3.70 51.33 -12.03
CA LYS C 118 -4.04 52.64 -11.49
C LYS C 118 -3.45 52.80 -10.09
N ALA C 119 -3.55 51.74 -9.30
CA ALA C 119 -3.07 51.74 -7.91
C ALA C 119 -1.54 51.85 -7.79
N GLY C 120 -0.84 51.51 -8.88
CA GLY C 120 0.63 51.56 -8.92
C GLY C 120 1.32 50.49 -8.09
N VAL C 121 0.64 49.36 -7.86
CA VAL C 121 1.16 48.35 -6.90
C VAL C 121 1.99 47.24 -7.54
N ARG C 122 2.24 47.33 -8.84
CA ARG C 122 3.11 46.35 -9.51
C ARG C 122 4.52 46.30 -8.93
N LYS C 123 5.01 47.46 -8.46
CA LYS C 123 6.29 47.59 -7.81
C LYS C 123 6.54 46.65 -6.61
N TYR C 124 5.48 46.15 -5.97
CA TYR C 124 5.65 45.28 -4.78
C TYR C 124 5.84 43.80 -5.16
N ILE C 125 5.63 43.49 -6.44
CA ILE C 125 5.60 42.09 -6.90
C ILE C 125 6.91 41.58 -7.52
N ARG C 126 7.31 40.39 -7.09
CA ARG C 126 8.45 39.69 -7.70
C ARG C 126 7.88 38.58 -8.56
N PHE C 127 7.88 38.83 -9.86
CA PHE C 127 7.35 37.89 -10.84
C PHE C 127 8.36 36.79 -11.09
N ASN C 128 7.93 35.71 -11.75
CA ASN C 128 8.83 34.63 -12.10
C ASN C 128 9.50 34.02 -10.86
N THR C 129 8.82 34.07 -9.72
CA THR C 129 9.37 33.65 -8.45
C THR C 129 8.40 32.70 -7.79
N ALA C 130 8.81 31.43 -7.66
CA ALA C 130 7.98 30.41 -7.03
C ALA C 130 8.24 30.30 -5.51
N VAL C 131 7.17 30.33 -4.71
CA VAL C 131 7.28 30.12 -3.27
C VAL C 131 7.51 28.63 -3.02
N ARG C 132 8.60 28.28 -2.34
CA ARG C 132 8.98 26.90 -2.00
C ARG C 132 8.60 26.45 -0.61
N HIS C 133 8.78 27.34 0.37
CA HIS C 133 8.54 26.95 1.75
C HIS C 133 8.18 28.18 2.58
N VAL C 134 7.24 28.00 3.51
CA VAL C 134 6.91 29.00 4.51
C VAL C 134 6.98 28.28 5.84
N GLU C 135 7.83 28.76 6.75
CA GLU C 135 7.97 28.20 8.10
C GLU C 135 7.76 29.29 9.14
N PHE C 136 7.04 28.99 10.20
CA PHE C 136 6.92 29.91 11.32
C PHE C 136 7.98 29.60 12.38
N ASN C 137 8.73 30.62 12.79
CA ASN C 137 9.77 30.49 13.81
C ASN C 137 9.23 30.98 15.16
N GLU C 138 9.11 30.04 16.10
CA GLU C 138 8.57 30.29 17.44
C GLU C 138 9.36 31.29 18.26
N ASP C 139 10.69 31.21 18.19
CA ASP C 139 11.56 32.05 19.00
C ASP C 139 11.51 33.53 18.59
N SER C 140 11.30 33.81 17.30
CA SER C 140 11.29 35.18 16.82
C SER C 140 9.90 35.68 16.45
N GLN C 141 8.94 34.75 16.42
CA GLN C 141 7.54 35.05 16.03
C GLN C 141 7.41 35.59 14.59
N THR C 142 8.28 35.13 13.70
CA THR C 142 8.29 35.56 12.31
C THR C 142 8.22 34.33 11.39
N PHE C 143 7.83 34.56 10.13
CA PHE C 143 7.83 33.49 9.13
C PHE C 143 9.08 33.63 8.27
N THR C 144 9.69 32.50 7.97
CA THR C 144 10.73 32.43 6.92
C THR C 144 10.11 31.91 5.62
N VAL C 145 10.17 32.75 4.59
CA VAL C 145 9.63 32.42 3.29
C VAL C 145 10.78 32.14 2.33
N THR C 146 10.82 30.92 1.79
CA THR C 146 11.87 30.51 0.86
C THR C 146 11.29 30.41 -0.55
N VAL C 147 11.96 31.04 -1.52
CA VAL C 147 11.48 31.11 -2.88
C VAL C 147 12.59 30.80 -3.87
N GLN C 148 12.19 30.44 -5.10
CA GLN C 148 13.13 30.33 -6.21
C GLN C 148 12.87 31.41 -7.25
N ASP C 149 13.86 32.27 -7.46
CA ASP C 149 13.77 33.32 -8.48
C ASP C 149 14.22 32.70 -9.80
N HIS C 150 13.29 32.45 -10.71
CA HIS C 150 13.67 31.74 -11.94
C HIS C 150 14.33 32.64 -12.98
N THR C 151 14.31 33.96 -12.75
CA THR C 151 15.06 34.85 -13.59
C THR C 151 16.57 34.71 -13.33
N THR C 152 16.96 34.68 -12.07
CA THR C 152 18.37 34.57 -11.70
C THR C 152 18.74 33.10 -11.37
N ASP C 153 17.76 32.21 -11.40
CA ASP C 153 17.93 30.82 -10.96
C ASP C 153 18.59 30.72 -9.58
N THR C 154 18.11 31.48 -8.59
CA THR C 154 18.65 31.40 -7.25
C THR C 154 17.52 31.23 -6.25
N ILE C 155 17.82 30.52 -5.17
CA ILE C 155 16.88 30.29 -4.11
C ILE C 155 17.33 31.11 -2.89
N TYR C 156 16.41 31.88 -2.31
CA TYR C 156 16.75 32.71 -1.15
C TYR C 156 15.56 32.73 -0.24
N SER C 157 15.75 33.19 0.99
CA SER C 157 14.66 33.26 1.93
C SER C 157 14.63 34.64 2.57
N ALA C 158 13.47 35.03 3.08
CA ALA C 158 13.33 36.33 3.72
C ALA C 158 12.33 36.19 4.88
N ALA C 159 12.45 37.08 5.88
CA ALA C 159 11.63 37.03 7.09
C ALA C 159 10.44 37.98 7.00
N PHE C 160 9.29 37.53 7.49
CA PHE C 160 8.06 38.32 7.44
C PHE C 160 7.30 38.20 8.73
N ASP C 161 6.53 39.22 9.07
CA ASP C 161 5.74 39.22 10.30
C ASP C 161 4.38 38.60 10.08
N TYR C 162 3.85 38.74 8.87
CA TYR C 162 2.57 38.18 8.52
C TYR C 162 2.63 37.65 7.11
N VAL C 163 1.82 36.66 6.81
CA VAL C 163 1.83 36.03 5.49
C VAL C 163 0.39 35.91 5.02
N VAL C 164 0.12 36.36 3.80
CA VAL C 164 -1.23 36.23 3.25
C VAL C 164 -1.17 35.30 2.02
N CYS C 165 -1.80 34.14 2.13
CA CYS C 165 -1.80 33.13 1.09
C CYS C 165 -2.93 33.32 0.07
N CYS C 166 -2.57 33.61 -1.19
CA CYS C 166 -3.54 33.94 -2.27
C CYS C 166 -3.26 33.08 -3.50
N THR C 167 -2.98 31.79 -3.29
CA THR C 167 -2.46 30.94 -4.37
C THR C 167 -3.57 30.10 -5.05
N GLY C 168 -4.81 30.33 -4.66
CA GLY C 168 -5.94 29.71 -5.36
C GLY C 168 -6.17 28.25 -4.98
N HIS C 169 -7.27 27.70 -5.47
CA HIS C 169 -7.56 26.30 -5.23
C HIS C 169 -8.26 25.62 -6.42
N PHE C 170 -8.10 26.18 -7.61
CA PHE C 170 -8.65 25.58 -8.82
C PHE C 170 -7.54 25.32 -9.86
N SER C 171 -6.36 24.90 -9.37
CA SER C 171 -5.23 24.66 -10.26
C SER C 171 -4.63 23.26 -10.17
N THR C 172 -4.78 22.60 -9.03
CA THR C 172 -4.21 21.27 -8.82
C THR C 172 -5.34 20.28 -9.00
N PRO C 173 -5.29 19.50 -10.09
CA PRO C 173 -6.52 18.81 -10.43
C PRO C 173 -6.81 17.58 -9.56
N TYR C 174 -8.11 17.33 -9.35
CA TYR C 174 -8.56 16.03 -8.87
C TYR C 174 -8.83 15.16 -10.10
N VAL C 175 -8.08 14.06 -10.23
CA VAL C 175 -8.08 13.25 -11.45
C VAL C 175 -8.30 11.76 -11.13
N PRO C 176 -9.57 11.31 -11.06
CA PRO C 176 -9.81 9.92 -10.65
C PRO C 176 -9.53 8.97 -11.81
N GLU C 177 -9.11 7.76 -11.48
CA GLU C 177 -8.83 6.70 -12.44
C GLU C 177 -10.07 5.86 -12.75
N PHE C 178 -10.26 5.48 -14.00
CA PHE C 178 -11.29 4.51 -14.36
C PHE C 178 -10.60 3.33 -15.02
N GLU C 179 -11.18 2.15 -14.83
CA GLU C 179 -10.61 0.92 -15.39
C GLU C 179 -10.47 1.02 -16.91
N GLY C 180 -9.27 0.69 -17.39
CA GLY C 180 -8.97 0.67 -18.80
C GLY C 180 -8.25 1.89 -19.34
N PHE C 181 -8.01 2.90 -18.50
CA PHE C 181 -7.41 4.16 -18.96
C PHE C 181 -6.03 3.91 -19.58
N GLU C 182 -5.32 2.91 -19.08
CA GLU C 182 -3.99 2.59 -19.59
C GLU C 182 -4.01 1.94 -20.98
N LYS C 183 -5.18 1.51 -21.45
CA LYS C 183 -5.25 0.99 -22.84
C LYS C 183 -6.09 1.78 -23.84
N PHE C 184 -6.78 2.81 -23.39
CA PHE C 184 -7.56 3.65 -24.28
C PHE C 184 -6.62 4.37 -25.28
N GLY C 185 -6.98 4.36 -26.56
CA GLY C 185 -6.15 4.92 -27.62
C GLY C 185 -6.28 6.41 -27.89
N GLY C 186 -7.28 7.05 -27.29
CA GLY C 186 -7.49 8.48 -27.53
C GLY C 186 -6.89 9.33 -26.42
N ARG C 187 -6.94 10.64 -26.54
CA ARG C 187 -6.38 11.50 -25.49
C ARG C 187 -7.23 11.40 -24.20
N ILE C 188 -6.55 11.39 -23.06
CA ILE C 188 -7.22 11.56 -21.76
C ILE C 188 -6.60 12.79 -21.07
N LEU C 189 -7.44 13.71 -20.61
CA LEU C 189 -6.95 14.95 -20.00
C LEU C 189 -7.92 15.32 -18.92
N HIS C 190 -7.48 16.16 -18.00
CA HIS C 190 -8.35 16.83 -17.09
C HIS C 190 -8.79 18.17 -17.72
N ALA C 191 -9.90 18.74 -17.25
CA ALA C 191 -10.35 20.07 -17.65
C ALA C 191 -9.24 21.13 -17.58
N HIS C 192 -8.36 20.98 -16.60
CA HIS C 192 -7.22 21.86 -16.35
C HIS C 192 -6.26 21.95 -17.56
N ASP C 193 -6.25 20.88 -18.37
CA ASP C 193 -5.36 20.77 -19.52
C ASP C 193 -6.06 21.19 -20.84
N PHE C 194 -7.35 21.50 -20.75
CA PHE C 194 -8.13 21.85 -21.92
C PHE C 194 -7.78 23.27 -22.41
N ARG C 195 -7.42 23.38 -23.70
CA ARG C 195 -6.97 24.66 -24.25
C ARG C 195 -7.86 25.14 -25.43
N ASP C 196 -7.68 24.57 -26.63
CA ASP C 196 -8.43 25.03 -27.80
C ASP C 196 -9.48 23.99 -28.21
N ALA C 197 -10.76 24.34 -28.04
CA ALA C 197 -11.84 23.45 -28.44
C ALA C 197 -11.72 22.93 -29.88
N LEU C 198 -11.07 23.69 -30.77
CA LEU C 198 -10.87 23.23 -32.16
C LEU C 198 -10.10 21.92 -32.23
N GLU C 199 -9.33 21.58 -31.19
CA GLU C 199 -8.62 20.29 -31.18
C GLU C 199 -9.61 19.12 -31.31
N PHE C 200 -10.88 19.34 -30.96
CA PHE C 200 -11.84 18.26 -30.92
C PHE C 200 -12.93 18.39 -31.99
N LYS C 201 -12.70 19.27 -32.97
CA LYS C 201 -13.62 19.43 -34.09
C LYS C 201 -13.82 18.08 -34.76
N ASP C 202 -15.08 17.71 -35.01
CA ASP C 202 -15.45 16.44 -35.67
C ASP C 202 -15.10 15.18 -34.87
N LYS C 203 -14.88 15.33 -33.57
CA LYS C 203 -14.65 14.15 -32.73
C LYS C 203 -15.80 13.89 -31.80
N THR C 204 -15.82 12.69 -31.24
CA THR C 204 -16.72 12.32 -30.17
C THR C 204 -15.98 12.48 -28.83
N VAL C 205 -16.44 13.40 -27.98
CA VAL C 205 -15.78 13.72 -26.73
C VAL C 205 -16.66 13.28 -25.56
N LEU C 206 -16.05 12.54 -24.63
CA LEU C 206 -16.68 12.22 -23.36
C LEU C 206 -16.24 13.20 -22.24
N LEU C 207 -17.21 13.79 -21.56
CA LEU C 207 -16.95 14.68 -20.46
C LEU C 207 -17.39 13.98 -19.19
N VAL C 208 -16.45 13.75 -18.28
CA VAL C 208 -16.79 13.14 -16.98
C VAL C 208 -16.97 14.22 -15.91
N GLY C 209 -18.20 14.32 -15.40
CA GLY C 209 -18.52 15.32 -14.40
C GLY C 209 -19.84 16.01 -14.71
N SER C 210 -20.37 16.75 -13.75
CA SER C 210 -21.67 17.38 -13.92
C SER C 210 -21.77 18.73 -13.21
N SER C 211 -20.67 19.48 -13.16
CA SER C 211 -20.75 20.81 -12.59
C SER C 211 -20.30 21.84 -13.65
N TYR C 212 -19.77 22.98 -13.22
CA TYR C 212 -19.49 24.11 -14.10
C TYR C 212 -18.50 23.79 -15.21
N SER C 213 -17.47 23.01 -14.87
CA SER C 213 -16.48 22.64 -15.87
C SER C 213 -17.10 21.83 -17.02
N ALA C 214 -17.88 20.80 -16.68
CA ALA C 214 -18.53 19.98 -17.71
C ALA C 214 -19.46 20.83 -18.60
N GLU C 215 -20.32 21.64 -17.97
CA GLU C 215 -21.24 22.51 -18.70
C GLU C 215 -20.49 23.31 -19.77
N ASP C 216 -19.43 23.99 -19.34
CA ASP C 216 -18.82 24.96 -20.20
C ASP C 216 -17.83 24.37 -21.19
N ILE C 217 -17.10 23.34 -20.78
CA ILE C 217 -16.20 22.72 -21.73
C ILE C 217 -16.97 21.98 -22.84
N GLY C 218 -18.06 21.36 -22.45
CA GLY C 218 -18.94 20.75 -23.45
C GLY C 218 -19.50 21.82 -24.37
N SER C 219 -19.96 22.95 -23.79
CA SER C 219 -20.44 24.09 -24.61
C SER C 219 -19.40 24.60 -25.62
N GLN C 220 -18.13 24.70 -25.20
CA GLN C 220 -17.07 25.06 -26.14
C GLN C 220 -16.91 24.02 -27.26
N CYS C 221 -16.85 22.74 -26.88
CA CYS C 221 -16.69 21.68 -27.89
C CYS C 221 -17.85 21.72 -28.91
N TYR C 222 -19.07 21.87 -28.40
CA TYR C 222 -20.27 22.08 -29.22
C TYR C 222 -20.16 23.29 -30.16
N LYS C 223 -19.86 24.47 -29.58
CA LYS C 223 -19.81 25.74 -30.32
C LYS C 223 -18.76 25.71 -31.43
N TYR C 224 -17.64 25.03 -31.17
CA TYR C 224 -16.51 24.96 -32.13
C TYR C 224 -16.48 23.67 -32.98
N GLY C 225 -17.51 22.86 -32.87
CA GLY C 225 -17.76 21.83 -33.90
C GLY C 225 -17.42 20.39 -33.60
N ALA C 226 -17.49 19.98 -32.34
CA ALA C 226 -17.34 18.56 -32.03
C ALA C 226 -18.48 17.78 -32.72
N LYS C 227 -18.21 16.58 -33.17
CA LYS C 227 -19.25 15.76 -33.79
C LYS C 227 -20.30 15.38 -32.75
N LYS C 228 -19.84 14.89 -31.61
CA LYS C 228 -20.75 14.37 -30.63
C LYS C 228 -20.20 14.54 -29.22
N LEU C 229 -21.08 14.89 -28.27
CA LEU C 229 -20.71 15.00 -26.87
C LEU C 229 -21.48 14.01 -26.00
N ILE C 230 -20.77 13.43 -25.03
CA ILE C 230 -21.40 12.63 -23.98
C ILE C 230 -20.94 13.17 -22.62
N SER C 231 -21.90 13.51 -21.76
CA SER C 231 -21.65 13.86 -20.38
C SER C 231 -22.10 12.71 -19.52
N CYS C 232 -21.28 12.29 -18.56
CA CYS C 232 -21.71 11.27 -17.59
C CYS C 232 -21.57 11.77 -16.14
N TYR C 233 -22.50 11.33 -15.28
CA TYR C 233 -22.57 11.92 -13.94
C TYR C 233 -22.42 10.83 -12.89
N ARG C 234 -21.82 11.21 -11.75
CA ARG C 234 -21.66 10.27 -10.62
C ARG C 234 -22.92 10.21 -9.75
N THR C 235 -23.53 11.36 -9.42
CA THR C 235 -24.72 11.30 -8.56
C THR C 235 -26.05 11.72 -9.23
N ALA C 236 -26.08 12.87 -9.88
CA ALA C 236 -27.29 13.34 -10.61
C ALA C 236 -26.94 14.13 -11.87
N PRO C 237 -27.77 14.01 -12.94
CA PRO C 237 -27.49 14.76 -14.17
C PRO C 237 -27.55 16.31 -14.02
N MET C 238 -26.79 17.01 -14.85
CA MET C 238 -26.89 18.46 -14.92
C MET C 238 -28.35 18.87 -15.16
N GLY C 239 -29.00 18.20 -16.11
CA GLY C 239 -30.45 18.30 -16.28
C GLY C 239 -30.95 19.38 -17.21
N TYR C 240 -30.05 20.07 -17.91
CA TYR C 240 -30.45 21.07 -18.91
C TYR C 240 -30.88 20.38 -20.19
N LYS C 241 -31.65 21.09 -21.01
CA LYS C 241 -31.94 20.60 -22.35
C LYS C 241 -30.70 20.92 -23.19
N TRP C 242 -29.97 19.86 -23.57
CA TRP C 242 -28.75 19.97 -24.38
C TRP C 242 -29.10 19.91 -25.86
N PRO C 243 -28.18 20.39 -26.74
CA PRO C 243 -28.46 20.20 -28.17
C PRO C 243 -28.46 18.72 -28.58
N GLU C 244 -28.88 18.48 -29.82
CA GLU C 244 -29.13 17.15 -30.38
C GLU C 244 -27.94 16.18 -30.30
N ASN C 245 -26.72 16.69 -30.55
CA ASN C 245 -25.53 15.84 -30.57
C ASN C 245 -24.84 15.68 -29.20
N TRP C 246 -25.61 15.90 -28.13
CA TRP C 246 -25.08 15.88 -26.76
C TRP C 246 -26.06 15.15 -25.88
N ASP C 247 -25.63 14.08 -25.23
CA ASP C 247 -26.51 13.48 -24.23
C ASP C 247 -25.82 13.21 -22.89
N GLU C 248 -26.61 13.15 -21.82
CA GLU C 248 -26.17 12.80 -20.46
C GLU C 248 -26.45 11.34 -20.11
N ARG C 249 -25.42 10.62 -19.68
CA ARG C 249 -25.48 9.18 -19.30
C ARG C 249 -25.11 9.03 -17.82
N PRO C 250 -25.55 7.94 -17.17
CA PRO C 250 -24.96 7.58 -15.87
C PRO C 250 -23.47 7.28 -16.05
N ASN C 251 -22.76 7.21 -14.93
CA ASN C 251 -21.30 7.27 -14.90
C ASN C 251 -20.53 6.23 -15.72
N LEU C 252 -19.44 6.69 -16.31
CA LEU C 252 -18.42 5.82 -16.90
C LEU C 252 -18.08 4.71 -15.90
N VAL C 253 -18.00 3.46 -16.38
CA VAL C 253 -17.51 2.38 -15.52
C VAL C 253 -16.20 1.76 -16.00
N ARG C 254 -15.99 1.74 -17.32
CA ARG C 254 -14.70 1.36 -17.87
C ARG C 254 -14.58 1.75 -19.32
N VAL C 255 -13.38 1.60 -19.83
CA VAL C 255 -13.04 1.99 -21.14
C VAL C 255 -12.21 0.84 -21.72
N ASP C 256 -12.25 0.63 -23.03
CA ASP C 256 -11.27 -0.25 -23.63
C ASP C 256 -10.40 0.52 -24.62
N THR C 257 -9.91 -0.20 -25.61
CA THR C 257 -9.15 0.37 -26.69
C THR C 257 -9.81 1.63 -27.36
N GLU C 258 -11.14 1.60 -27.53
CA GLU C 258 -11.84 2.64 -28.28
C GLU C 258 -13.16 3.07 -27.66
N ASN C 259 -13.66 2.27 -26.73
CA ASN C 259 -15.04 2.45 -26.28
C ASN C 259 -15.16 2.77 -24.81
N ALA C 260 -16.20 3.52 -24.49
CA ALA C 260 -16.57 3.83 -23.11
C ALA C 260 -17.79 2.99 -22.74
N TYR C 261 -17.79 2.44 -21.53
CA TYR C 261 -18.93 1.69 -20.99
C TYR C 261 -19.45 2.40 -19.77
N PHE C 262 -20.78 2.52 -19.69
CA PHE C 262 -21.44 3.30 -18.66
C PHE C 262 -22.32 2.41 -17.77
N ALA C 263 -22.65 2.90 -16.57
CA ALA C 263 -23.47 2.16 -15.58
C ALA C 263 -24.88 1.81 -16.11
N ASP C 264 -25.19 2.46 -17.23
CA ASP C 264 -26.32 2.31 -18.13
C ASP C 264 -26.44 0.96 -18.81
N GLY C 265 -25.31 0.27 -18.93
CA GLY C 265 -25.17 -0.82 -19.87
C GLY C 265 -24.97 -0.32 -21.29
N SER C 266 -24.99 1.00 -21.51
CA SER C 266 -24.69 1.52 -22.85
C SER C 266 -23.19 1.53 -23.13
N SER C 267 -22.84 1.76 -24.38
CA SER C 267 -21.46 1.73 -24.78
C SER C 267 -21.29 2.46 -26.10
N GLU C 268 -20.18 3.18 -26.26
CA GLU C 268 -19.82 3.70 -27.58
C GLU C 268 -18.41 4.21 -27.76
N LYS C 269 -18.08 4.40 -29.02
CA LYS C 269 -16.78 4.86 -29.44
C LYS C 269 -16.57 6.31 -28.99
N VAL C 270 -15.42 6.61 -28.39
CA VAL C 270 -15.13 8.00 -27.99
C VAL C 270 -13.70 8.30 -28.40
N ASP C 271 -13.44 9.52 -28.87
CA ASP C 271 -12.11 9.90 -29.32
C ASP C 271 -11.25 10.50 -28.22
N ALA C 272 -11.87 11.11 -27.20
CA ALA C 272 -11.13 11.82 -26.17
C ALA C 272 -11.94 11.84 -24.91
N ILE C 273 -11.25 11.84 -23.76
CA ILE C 273 -11.92 11.87 -22.48
C ILE C 273 -11.42 13.07 -21.66
N ILE C 274 -12.36 13.90 -21.21
CA ILE C 274 -12.00 15.07 -20.43
C ILE C 274 -12.62 14.89 -19.07
N LEU C 275 -11.77 14.80 -18.06
CA LEU C 275 -12.25 14.66 -16.72
C LEU C 275 -12.51 16.05 -16.16
N CYS C 276 -13.80 16.34 -15.98
CA CYS C 276 -14.26 17.64 -15.46
C CYS C 276 -14.62 17.44 -14.01
N THR C 277 -13.64 16.93 -13.27
CA THR C 277 -13.88 16.39 -11.93
C THR C 277 -13.34 17.26 -10.78
N GLY C 278 -13.06 18.53 -11.05
CA GLY C 278 -12.71 19.46 -9.96
C GLY C 278 -11.26 19.42 -9.50
N TYR C 279 -11.00 20.07 -8.36
CA TYR C 279 -9.64 20.38 -7.97
C TYR C 279 -9.38 20.06 -6.51
N ILE C 280 -8.12 20.06 -6.12
CA ILE C 280 -7.82 19.90 -4.70
C ILE C 280 -7.12 21.14 -4.11
N HIS C 281 -7.36 21.36 -2.82
CA HIS C 281 -6.63 22.36 -2.06
C HIS C 281 -5.24 21.75 -1.85
N HIS C 282 -4.23 22.41 -2.39
CA HIS C 282 -2.87 21.89 -2.38
C HIS C 282 -1.86 23.02 -2.13
N PHE C 283 -1.11 22.90 -1.04
CA PHE C 283 -0.11 23.91 -0.71
C PHE C 283 1.21 23.20 -0.41
N PRO C 284 2.01 22.92 -1.46
CA PRO C 284 3.26 22.20 -1.28
C PRO C 284 4.30 22.96 -0.45
N PHE C 285 4.13 24.27 -0.28
CA PHE C 285 5.05 25.10 0.50
C PHE C 285 4.71 25.25 2.01
N LEU C 286 3.70 24.52 2.48
CA LEU C 286 3.27 24.61 3.87
C LEU C 286 3.38 23.25 4.56
N ASN C 287 3.87 23.24 5.80
CA ASN C 287 3.83 22.06 6.67
C ASN C 287 2.49 22.02 7.39
N ASP C 288 2.24 20.96 8.16
CA ASP C 288 0.90 20.77 8.76
C ASP C 288 0.45 21.88 9.74
N ASP C 289 1.39 22.59 10.32
CA ASP C 289 1.05 23.69 11.25
C ASP C 289 0.28 24.85 10.56
N LEU C 290 0.50 25.07 9.26
CA LEU C 290 -0.07 26.21 8.51
C LEU C 290 -1.03 25.80 7.38
N ARG C 291 -1.15 24.50 7.17
CA ARG C 291 -1.69 23.99 5.93
C ARG C 291 -3.18 23.67 5.93
N LEU C 292 -3.94 24.38 5.09
CA LEU C 292 -5.39 24.25 5.04
C LEU C 292 -5.74 22.97 4.30
N VAL C 293 -6.61 22.18 4.90
CA VAL C 293 -7.01 20.90 4.30
C VAL C 293 -8.53 20.93 4.28
N THR C 294 -9.11 20.93 3.08
CA THR C 294 -10.57 21.06 2.96
C THR C 294 -10.99 20.59 1.57
N ASN C 295 -12.26 20.20 1.43
CA ASN C 295 -12.87 20.05 0.12
C ASN C 295 -13.39 21.44 -0.34
N ASN C 296 -13.75 21.54 -1.62
CA ASN C 296 -14.28 22.78 -2.17
C ASN C 296 -15.66 23.08 -1.60
N ARG C 297 -15.85 24.17 -0.87
CA ARG C 297 -17.14 24.40 -0.18
C ARG C 297 -17.25 25.84 0.27
N LEU C 298 -18.45 26.24 0.69
CA LEU C 298 -18.72 27.61 1.07
C LEU C 298 -18.09 27.99 2.39
N TRP C 299 -17.93 27.00 3.27
CA TRP C 299 -17.34 27.26 4.56
C TRP C 299 -16.29 26.24 5.00
N PRO C 300 -15.02 26.37 4.49
CA PRO C 300 -13.93 25.60 5.11
C PRO C 300 -13.73 25.98 6.58
N LEU C 301 -13.31 24.98 7.36
CA LEU C 301 -13.07 25.13 8.80
C LEU C 301 -11.67 25.67 9.07
N ASN C 302 -11.44 26.11 10.31
CA ASN C 302 -10.15 26.65 10.76
C ASN C 302 -9.77 28.03 10.24
N LEU C 303 -10.75 28.74 9.70
CA LEU C 303 -10.58 30.08 9.14
C LEU C 303 -11.55 31.06 9.80
N TYR C 304 -11.02 31.88 10.71
CA TYR C 304 -11.86 32.85 11.41
C TYR C 304 -12.28 33.91 10.38
N LYS C 305 -13.58 34.15 10.28
CA LYS C 305 -14.16 35.04 9.23
C LYS C 305 -13.80 34.59 7.81
N GLY C 306 -13.51 33.28 7.68
CA GLY C 306 -13.10 32.67 6.41
C GLY C 306 -11.70 33.03 5.94
N VAL C 307 -10.92 33.69 6.81
CA VAL C 307 -9.68 34.33 6.41
C VAL C 307 -8.51 34.04 7.35
N VAL C 308 -8.76 34.06 8.65
CA VAL C 308 -7.66 34.03 9.63
C VAL C 308 -7.38 32.58 10.03
N TRP C 309 -6.17 32.08 9.75
CA TRP C 309 -5.80 30.72 10.11
C TRP C 309 -5.86 30.62 11.64
N GLU C 310 -6.76 29.80 12.19
CA GLU C 310 -6.99 29.79 13.66
C GLU C 310 -5.84 29.27 14.54
N ASP C 311 -4.99 28.38 14.00
CA ASP C 311 -3.82 27.87 14.74
C ASP C 311 -2.64 28.83 14.80
N ASN C 312 -2.62 29.80 13.88
CA ASN C 312 -1.59 30.85 13.87
C ASN C 312 -2.19 32.04 13.14
N PRO C 313 -2.81 32.96 13.91
CA PRO C 313 -3.51 34.04 13.26
C PRO C 313 -2.61 35.15 12.71
N LYS C 314 -1.31 34.88 12.52
CA LYS C 314 -0.46 35.78 11.74
C LYS C 314 -0.41 35.32 10.27
N PHE C 315 -1.15 34.26 9.98
CA PHE C 315 -1.21 33.67 8.65
C PHE C 315 -2.66 33.83 8.18
N PHE C 316 -2.85 34.26 6.93
CA PHE C 316 -4.19 34.48 6.36
C PHE C 316 -4.37 33.77 5.03
N TYR C 317 -5.62 33.43 4.68
CA TYR C 317 -5.96 32.88 3.40
C TYR C 317 -7.03 33.73 2.70
N ILE C 318 -6.81 34.05 1.43
CA ILE C 318 -7.83 34.75 0.67
C ILE C 318 -8.40 33.85 -0.40
N GLY C 319 -9.73 33.82 -0.52
CA GLY C 319 -10.39 33.17 -1.64
C GLY C 319 -10.44 31.64 -1.63
N MET C 320 -10.36 31.04 -0.47
CA MET C 320 -10.26 29.58 -0.37
C MET C 320 -11.60 28.91 -0.38
N GLN C 321 -12.67 29.69 -0.22
CA GLN C 321 -14.04 29.19 -0.35
C GLN C 321 -14.41 28.91 -1.81
N ASP C 322 -15.45 28.09 -2.01
CA ASP C 322 -16.08 27.98 -3.33
C ASP C 322 -16.68 29.33 -3.70
N GLN C 323 -16.87 29.57 -5.00
CA GLN C 323 -17.11 30.94 -5.45
C GLN C 323 -18.37 31.13 -6.29
N TRP C 324 -19.41 31.68 -5.68
CA TRP C 324 -20.54 32.21 -6.44
C TRP C 324 -20.19 33.67 -6.70
N TYR C 325 -20.11 34.45 -5.63
CA TYR C 325 -19.37 35.71 -5.63
C TYR C 325 -17.88 35.38 -5.83
N SER C 326 -17.13 36.34 -6.36
CA SER C 326 -15.68 36.14 -6.52
C SER C 326 -14.90 37.43 -6.29
N PHE C 327 -14.78 38.29 -7.31
CA PHE C 327 -13.90 39.45 -7.18
C PHE C 327 -14.21 40.29 -5.95
N ASN C 328 -15.49 40.64 -5.70
CA ASN C 328 -15.71 41.53 -4.56
C ASN C 328 -15.74 40.80 -3.22
N MET C 329 -15.82 39.47 -3.26
CA MET C 329 -15.53 38.67 -2.04
C MET C 329 -14.04 38.70 -1.64
N PHE C 330 -13.14 38.57 -2.62
CA PHE C 330 -11.71 38.66 -2.33
C PHE C 330 -11.38 40.02 -1.75
N ASP C 331 -11.97 41.07 -2.32
CA ASP C 331 -11.84 42.43 -1.79
C ASP C 331 -12.28 42.47 -0.33
N ALA C 332 -13.45 41.93 -0.04
CA ALA C 332 -14.04 42.03 1.31
C ALA C 332 -13.12 41.33 2.28
N GLN C 333 -12.58 40.19 1.85
CA GLN C 333 -11.60 39.44 2.67
C GLN C 333 -10.26 40.17 2.82
N ALA C 334 -9.75 40.72 1.71
CA ALA C 334 -8.46 41.41 1.74
C ALA C 334 -8.50 42.68 2.60
N TRP C 335 -9.61 43.42 2.51
CA TRP C 335 -9.80 44.58 3.36
C TRP C 335 -9.81 44.18 4.84
N TYR C 336 -10.44 43.05 5.13
CA TYR C 336 -10.54 42.54 6.50
C TYR C 336 -9.15 42.08 7.02
N ALA C 337 -8.48 41.23 6.25
CA ALA C 337 -7.07 40.85 6.56
C ALA C 337 -6.16 42.06 6.80
N ARG C 338 -6.25 43.05 5.91
CA ARG C 338 -5.49 44.28 6.05
C ARG C 338 -5.76 44.90 7.42
N ASP C 339 -7.04 45.02 7.80
CA ASP C 339 -7.39 45.72 9.02
C ASP C 339 -6.95 44.98 10.28
N VAL C 340 -6.97 43.64 10.22
CA VAL C 340 -6.41 42.80 11.27
C VAL C 340 -4.91 43.06 11.38
N ILE C 341 -4.20 42.98 10.24
CA ILE C 341 -2.75 43.17 10.24
C ILE C 341 -2.36 44.54 10.78
N MET C 342 -3.13 45.56 10.40
CA MET C 342 -2.88 46.93 10.84
C MET C 342 -3.33 47.23 12.28
N GLY C 343 -4.00 46.29 12.94
CA GLY C 343 -4.42 46.47 14.34
C GLY C 343 -5.73 47.24 14.46
N ARG C 344 -6.41 47.49 13.34
CA ARG C 344 -7.72 48.14 13.38
C ARG C 344 -8.83 47.23 13.90
N LEU C 345 -8.67 45.92 13.73
CA LEU C 345 -9.66 44.95 14.20
C LEU C 345 -9.04 43.87 15.08
N PRO C 346 -8.88 44.13 16.39
CA PRO C 346 -8.25 43.09 17.25
C PRO C 346 -9.02 41.76 17.17
N LEU C 347 -8.30 40.66 17.21
CA LEU C 347 -8.87 39.31 17.15
C LEU C 347 -9.41 38.85 18.50
N PRO C 348 -10.50 38.05 18.51
CA PRO C 348 -10.91 37.52 19.80
C PRO C 348 -10.01 36.34 20.19
N SER C 349 -10.28 35.71 21.34
CA SER C 349 -9.51 34.54 21.77
C SER C 349 -9.74 33.39 20.79
N LYS C 350 -8.88 32.39 20.86
CA LYS C 350 -8.99 31.22 20.02
C LYS C 350 -10.32 30.49 20.19
N GLU C 351 -10.79 30.48 21.43
CA GLU C 351 -12.07 29.89 21.77
C GLU C 351 -13.26 30.56 21.11
N GLU C 352 -13.25 31.89 21.11
CA GLU C 352 -14.31 32.64 20.46
C GLU C 352 -14.26 32.42 18.93
N MET C 353 -13.07 32.37 18.36
CA MET C 353 -12.88 32.13 16.93
C MET C 353 -13.53 30.81 16.54
N LYS C 354 -13.13 29.78 17.26
CA LYS C 354 -13.66 28.43 17.11
C LYS C 354 -15.18 28.41 17.19
N ALA C 355 -15.75 29.05 18.22
CA ALA C 355 -17.22 29.09 18.34
C ALA C 355 -17.87 29.81 17.16
N ASP C 356 -17.29 30.93 16.75
CA ASP C 356 -17.82 31.66 15.60
C ASP C 356 -17.77 30.80 14.33
N SER C 357 -16.63 30.13 14.08
CA SER C 357 -16.49 29.31 12.88
C SER C 357 -17.42 28.12 12.87
N MET C 358 -17.69 27.57 14.05
CA MET C 358 -18.61 26.46 14.15
C MET C 358 -20.05 26.89 13.78
N ALA C 359 -20.48 28.04 14.29
CA ALA C 359 -21.80 28.56 13.90
C ALA C 359 -21.91 28.78 12.41
N TRP C 360 -20.86 29.28 11.74
CA TRP C 360 -20.94 29.41 10.26
C TRP C 360 -21.01 28.04 9.56
N ARG C 361 -20.31 27.05 10.11
CA ARG C 361 -20.35 25.70 9.53
C ARG C 361 -21.73 25.05 9.71
N GLU C 362 -22.30 25.18 10.90
CA GLU C 362 -23.66 24.69 11.13
C GLU C 362 -24.65 25.25 10.13
N LYS C 363 -24.59 26.55 9.88
CA LYS C 363 -25.46 27.12 8.87
C LYS C 363 -25.15 26.56 7.48
N GLU C 364 -23.87 26.44 7.12
CA GLU C 364 -23.50 25.86 5.82
C GLU C 364 -24.11 24.48 5.54
N LEU C 365 -24.15 23.61 6.55
CA LEU C 365 -24.65 22.23 6.40
C LEU C 365 -26.17 22.17 6.10
N THR C 366 -26.84 23.26 6.45
CA THR C 366 -28.27 23.48 6.29
C THR C 366 -28.71 23.79 4.83
N LEU C 367 -27.76 24.20 3.99
CA LEU C 367 -28.07 24.76 2.67
C LEU C 367 -28.45 23.70 1.64
N VAL C 368 -29.50 23.95 0.86
CA VAL C 368 -29.95 22.99 -0.16
C VAL C 368 -30.03 23.56 -1.59
N THR C 369 -30.72 24.70 -1.76
CA THR C 369 -30.88 25.32 -3.07
C THR C 369 -29.72 26.27 -3.44
N ALA C 370 -29.49 26.42 -4.74
CA ALA C 370 -28.58 27.45 -5.27
C ALA C 370 -28.81 28.82 -4.65
N GLU C 371 -30.09 29.23 -4.55
CA GLU C 371 -30.43 30.53 -3.96
C GLU C 371 -29.97 30.61 -2.50
N GLU C 372 -30.14 29.52 -1.77
CA GLU C 372 -29.67 29.47 -0.39
C GLU C 372 -28.16 29.60 -0.31
N MET C 373 -27.49 29.00 -1.29
CA MET C 373 -26.03 29.05 -1.36
C MET C 373 -25.43 30.43 -1.68
N TYR C 374 -25.81 31.05 -2.80
CA TYR C 374 -25.27 32.39 -3.06
C TYR C 374 -25.71 33.39 -2.00
N THR C 375 -26.89 33.20 -1.41
CA THR C 375 -27.39 34.12 -0.38
C THR C 375 -26.55 34.01 0.89
N TYR C 376 -26.23 32.78 1.27
CA TYR C 376 -25.33 32.55 2.41
C TYR C 376 -23.98 33.23 2.17
N GLN C 377 -23.44 33.12 0.97
CA GLN C 377 -22.16 33.76 0.66
C GLN C 377 -22.28 35.31 0.69
N GLY C 378 -23.43 35.82 0.23
CA GLY C 378 -23.73 37.27 0.36
C GLY C 378 -23.77 37.73 1.82
N ASP C 379 -24.35 36.90 2.69
CA ASP C 379 -24.40 37.18 4.14
C ASP C 379 -22.98 37.19 4.74
N TYR C 380 -22.15 36.23 4.31
CA TYR C 380 -20.75 36.22 4.71
C TYR C 380 -20.05 37.53 4.31
N ILE C 381 -20.16 37.89 3.03
CA ILE C 381 -19.59 39.14 2.51
C ILE C 381 -20.13 40.40 3.22
N GLN C 382 -21.44 40.42 3.51
CA GLN C 382 -22.08 41.54 4.22
C GLN C 382 -21.40 41.76 5.57
N ASN C 383 -21.25 40.66 6.32
CA ASN C 383 -20.56 40.70 7.60
C ASN C 383 -19.12 41.25 7.48
N LEU C 384 -18.39 40.87 6.42
CA LEU C 384 -17.04 41.41 6.19
C LEU C 384 -17.00 42.92 5.83
N ILE C 385 -17.79 43.33 4.85
CA ILE C 385 -17.73 44.72 4.40
C ILE C 385 -18.25 45.71 5.45
N ASP C 386 -19.10 45.23 6.38
CA ASP C 386 -19.55 46.09 7.50
C ASP C 386 -18.46 46.43 8.49
N MET C 387 -17.41 45.62 8.53
CA MET C 387 -16.36 45.80 9.53
C MET C 387 -15.23 46.74 9.07
N THR C 388 -15.32 47.12 7.81
CA THR C 388 -14.20 47.71 7.10
C THR C 388 -14.67 48.94 6.29
N ASP C 389 -13.74 49.74 5.76
CA ASP C 389 -14.13 50.89 4.89
C ASP C 389 -14.33 50.48 3.43
N TYR C 390 -14.32 49.18 3.14
CA TYR C 390 -14.71 48.76 1.80
C TYR C 390 -16.13 49.28 1.51
N PRO C 391 -16.36 49.85 0.31
CA PRO C 391 -17.67 50.48 0.10
C PRO C 391 -18.77 49.42 0.21
N SER C 392 -19.81 49.69 0.99
CA SER C 392 -20.90 48.74 1.00
C SER C 392 -21.57 48.82 -0.35
N PHE C 393 -22.01 47.68 -0.83
CA PHE C 393 -22.75 47.69 -2.06
C PHE C 393 -23.98 46.88 -1.78
N ASP C 394 -24.90 46.90 -2.72
CA ASP C 394 -26.19 46.30 -2.52
C ASP C 394 -26.12 44.77 -2.73
N ILE C 395 -25.98 44.03 -1.62
CA ILE C 395 -25.91 42.56 -1.69
C ILE C 395 -27.23 41.85 -2.03
N PRO C 396 -28.36 42.23 -1.37
CA PRO C 396 -29.64 41.64 -1.86
C PRO C 396 -29.91 41.92 -3.35
N ALA C 397 -29.46 43.05 -3.89
CA ALA C 397 -29.68 43.28 -5.32
C ALA C 397 -28.73 42.44 -6.17
N THR C 398 -27.54 42.12 -5.61
CA THR C 398 -26.67 41.18 -6.30
C THR C 398 -27.27 39.75 -6.28
N ASN C 399 -27.83 39.37 -5.14
CA ASN C 399 -28.48 38.06 -5.03
C ASN C 399 -29.62 37.92 -6.05
N LYS C 400 -30.35 39.01 -6.28
CA LYS C 400 -31.43 39.02 -7.26
C LYS C 400 -30.90 38.91 -8.68
N THR C 401 -29.73 39.50 -8.96
CA THR C 401 -29.07 39.33 -10.25
C THR C 401 -28.70 37.84 -10.48
N PHE C 402 -28.21 37.16 -9.43
CA PHE C 402 -27.90 35.72 -9.47
C PHE C 402 -29.16 34.92 -9.79
N LEU C 403 -30.27 35.27 -9.11
CA LEU C 403 -31.57 34.64 -9.35
C LEU C 403 -31.95 34.73 -10.83
N GLU C 404 -31.88 35.93 -11.40
CA GLU C 404 -32.14 36.11 -12.84
C GLU C 404 -31.24 35.20 -13.68
N TRP C 405 -29.94 35.21 -13.36
CA TRP C 405 -28.97 34.39 -14.10
C TRP C 405 -29.31 32.91 -14.07
N LYS C 406 -29.67 32.41 -12.90
CA LYS C 406 -30.10 31.02 -12.72
C LYS C 406 -31.25 30.65 -13.65
N HIS C 407 -32.28 31.50 -13.69
CA HIS C 407 -33.43 31.25 -14.55
C HIS C 407 -33.04 31.28 -16.00
N HIS C 408 -32.18 32.22 -16.38
CA HIS C 408 -31.72 32.28 -17.76
C HIS C 408 -31.05 30.96 -18.17
N LYS C 409 -30.20 30.40 -17.31
CA LYS C 409 -29.53 29.12 -17.58
C LYS C 409 -30.57 28.00 -17.76
N LYS C 410 -31.57 27.95 -16.88
CA LYS C 410 -32.64 26.95 -16.99
C LYS C 410 -33.46 27.11 -18.28
N GLU C 411 -33.84 28.33 -18.63
CA GLU C 411 -34.54 28.60 -19.89
C GLU C 411 -33.79 27.98 -21.07
N ASN C 412 -32.49 28.27 -21.18
CA ASN C 412 -31.69 27.76 -22.29
C ASN C 412 -30.20 27.90 -22.00
N ILE C 413 -29.56 26.76 -21.77
CA ILE C 413 -28.15 26.71 -21.38
C ILE C 413 -27.20 27.29 -22.45
N MET C 414 -27.64 27.31 -23.72
CA MET C 414 -26.80 27.82 -24.79
C MET C 414 -26.96 29.34 -25.04
N THR C 415 -27.96 29.98 -24.43
CA THR C 415 -28.18 31.39 -24.69
C THR C 415 -28.16 32.25 -23.43
N PHE C 416 -27.85 31.66 -22.28
CA PHE C 416 -27.82 32.45 -21.04
C PHE C 416 -26.88 33.68 -21.13
N ARG C 417 -25.79 33.54 -21.89
CA ARG C 417 -24.81 34.62 -22.02
C ARG C 417 -25.29 35.77 -22.92
N ASP C 418 -26.46 35.61 -23.52
CA ASP C 418 -27.05 36.66 -24.36
C ASP C 418 -27.92 37.69 -23.60
N HIS C 419 -28.01 37.55 -22.28
CA HIS C 419 -28.79 38.46 -21.46
C HIS C 419 -27.93 39.55 -20.82
N SER C 420 -28.59 40.61 -20.36
CA SER C 420 -27.95 41.79 -19.82
C SER C 420 -28.52 42.09 -18.43
N TYR C 421 -27.72 42.71 -17.56
CA TYR C 421 -28.19 43.05 -16.20
C TYR C 421 -27.73 44.46 -15.86
N ARG C 422 -28.28 45.06 -14.83
CA ARG C 422 -27.77 46.37 -14.43
C ARG C 422 -26.68 46.27 -13.34
N SER C 423 -25.68 47.14 -13.46
CA SER C 423 -24.63 47.27 -12.45
C SER C 423 -25.25 47.66 -11.14
N LEU C 424 -24.80 47.03 -10.06
CA LEU C 424 -25.23 47.39 -8.72
C LEU C 424 -24.35 48.50 -8.15
N MET C 425 -23.29 48.85 -8.86
CA MET C 425 -22.43 49.93 -8.40
C MET C 425 -22.85 51.27 -9.03
N THR C 426 -23.24 51.25 -10.30
CA THR C 426 -23.56 52.50 -11.01
C THR C 426 -25.02 52.62 -11.50
N GLY C 427 -25.77 51.53 -11.47
CA GLY C 427 -27.09 51.49 -12.08
C GLY C 427 -27.08 51.38 -13.60
N THR C 428 -25.90 51.45 -14.23
CA THR C 428 -25.79 51.36 -15.69
C THR C 428 -26.31 50.01 -16.21
N MET C 429 -27.27 50.05 -17.13
CA MET C 429 -27.76 48.81 -17.78
C MET C 429 -26.74 48.35 -18.83
N ALA C 430 -26.45 47.05 -18.86
CA ALA C 430 -25.57 46.50 -19.90
C ALA C 430 -26.33 46.45 -21.22
N PRO C 431 -25.71 46.92 -22.31
CA PRO C 431 -26.30 46.77 -23.63
C PRO C 431 -26.20 45.30 -24.05
N LYS C 432 -26.96 44.91 -25.08
CA LYS C 432 -26.82 43.61 -25.72
C LYS C 432 -25.47 43.59 -26.46
N HIS C 433 -24.80 42.44 -26.47
CA HIS C 433 -23.57 42.31 -27.24
C HIS C 433 -23.89 42.31 -28.74
N HIS C 434 -22.94 42.69 -29.59
CA HIS C 434 -23.20 42.80 -31.02
C HIS C 434 -23.42 41.44 -31.71
N THR C 435 -23.05 40.34 -31.06
CA THR C 435 -23.11 39.01 -31.67
C THR C 435 -23.57 37.99 -30.63
N PRO C 436 -24.59 37.16 -30.96
CA PRO C 436 -25.03 36.10 -30.05
C PRO C 436 -23.86 35.16 -29.74
N TRP C 437 -23.83 34.62 -28.53
CA TRP C 437 -22.72 33.78 -28.05
C TRP C 437 -22.36 32.65 -29.01
N ILE C 438 -23.37 31.95 -29.50
CA ILE C 438 -23.12 30.80 -30.37
C ILE C 438 -22.36 31.19 -31.63
N ASP C 439 -22.54 32.44 -32.08
CA ASP C 439 -21.87 32.93 -33.29
C ASP C 439 -20.60 33.75 -33.05
N ALA C 440 -20.36 34.13 -31.78
CA ALA C 440 -19.21 34.97 -31.45
C ALA C 440 -17.95 34.11 -31.27
N LEU C 441 -17.36 33.74 -32.40
CA LEU C 441 -16.23 32.80 -32.46
C LEU C 441 -14.91 33.43 -32.05
N ASP C 442 -14.69 34.68 -32.46
CA ASP C 442 -13.50 35.45 -32.03
C ASP C 442 -13.63 35.82 -30.53
N ASP C 443 -12.66 35.40 -29.72
CA ASP C 443 -12.69 35.69 -28.28
C ASP C 443 -11.82 36.90 -27.86
N SER C 444 -11.23 37.60 -28.83
CA SER C 444 -10.30 38.68 -28.48
C SER C 444 -11.00 39.88 -27.81
N LEU C 445 -10.26 40.58 -26.96
CA LEU C 445 -10.72 41.84 -26.40
C LEU C 445 -11.08 42.83 -27.53
N GLU C 446 -10.25 42.87 -28.57
CA GLU C 446 -10.45 43.82 -29.66
C GLU C 446 -11.78 43.60 -30.41
N ALA C 447 -12.10 42.34 -30.73
CA ALA C 447 -13.39 42.01 -31.32
C ALA C 447 -14.57 42.31 -30.38
N TYR C 448 -14.39 42.04 -29.09
CA TYR C 448 -15.51 42.24 -28.15
C TYR C 448 -15.84 43.73 -28.00
N LEU C 449 -14.82 44.56 -27.90
CA LEU C 449 -15.01 45.98 -27.60
C LEU C 449 -15.26 46.82 -28.86
N SER C 450 -14.90 46.30 -30.03
CA SER C 450 -15.19 46.97 -31.29
C SER C 450 -16.58 46.67 -31.80
N ASP C 451 -16.98 47.48 -32.77
CA ASP C 451 -18.15 47.25 -33.57
C ASP C 451 -18.06 45.95 -34.40
N LYS C 452 -19.20 45.29 -34.55
CA LYS C 452 -19.45 44.28 -35.60
C LYS C 452 -20.16 43.03 -35.07
N ALA D 7 21.04 -17.27 42.57
CA ALA D 7 20.99 -15.79 42.36
C ALA D 7 20.84 -15.52 40.86
N THR D 8 21.81 -15.89 40.04
CA THR D 8 21.61 -15.75 38.60
C THR D 8 20.48 -16.65 38.02
N ARG D 9 19.72 -16.10 37.08
CA ARG D 9 18.47 -16.69 36.62
C ARG D 9 18.34 -16.68 35.10
N ILE D 10 18.04 -17.84 34.52
CA ILE D 10 18.00 -18.01 33.07
C ILE D 10 16.59 -18.37 32.62
N ALA D 11 16.07 -17.70 31.59
CA ALA D 11 14.85 -18.14 30.91
C ALA D 11 15.18 -18.87 29.61
N ILE D 12 14.56 -20.03 29.43
CA ILE D 12 14.74 -20.81 28.23
C ILE D 12 13.38 -20.84 27.53
N LEU D 13 13.34 -20.37 26.28
CA LEU D 13 12.05 -20.21 25.63
C LEU D 13 11.83 -21.39 24.71
N GLY D 14 10.92 -22.30 25.07
CA GLY D 14 10.63 -23.51 24.28
C GLY D 14 11.26 -24.78 24.87
N ALA D 15 10.50 -25.89 24.88
CA ALA D 15 10.98 -27.22 25.32
C ALA D 15 10.87 -28.22 24.17
N GLY D 16 11.30 -27.81 22.99
CA GLY D 16 11.56 -28.77 21.92
C GLY D 16 12.97 -29.31 22.10
N PRO D 17 13.47 -30.07 21.12
CA PRO D 17 14.84 -30.59 21.23
C PRO D 17 15.89 -29.55 21.67
N SER D 18 15.79 -28.30 21.20
CA SER D 18 16.75 -27.27 21.58
C SER D 18 16.64 -26.90 23.05
N GLY D 19 15.43 -26.62 23.53
CA GLY D 19 15.21 -26.26 24.93
C GLY D 19 15.53 -27.42 25.87
N MET D 20 15.15 -28.62 25.48
CA MET D 20 15.56 -29.84 26.17
C MET D 20 17.08 -29.97 26.26
N ALA D 21 17.77 -29.78 25.14
CA ALA D 21 19.23 -29.77 25.15
C ALA D 21 19.82 -28.73 26.10
N GLN D 22 19.21 -27.53 26.13
CA GLN D 22 19.73 -26.47 26.99
C GLN D 22 19.60 -26.84 28.47
N LEU D 23 18.47 -27.43 28.85
CA LEU D 23 18.27 -27.93 30.22
C LEU D 23 19.23 -29.09 30.53
N ARG D 24 19.36 -30.01 29.58
CA ARG D 24 20.30 -31.13 29.67
C ARG D 24 21.75 -30.66 29.88
N ALA D 25 22.19 -29.65 29.12
CA ALA D 25 23.53 -29.05 29.28
C ALA D 25 23.78 -28.59 30.72
N PHE D 26 22.87 -27.78 31.28
CA PHE D 26 23.02 -27.31 32.66
C PHE D 26 22.97 -28.47 33.67
N GLN D 27 22.06 -29.42 33.46
CA GLN D 27 21.91 -30.51 34.42
C GLN D 27 23.20 -31.34 34.45
N SER D 28 23.77 -31.55 33.27
CA SER D 28 25.04 -32.25 33.15
C SER D 28 26.16 -31.57 33.89
N ALA D 29 26.20 -30.23 33.86
CA ALA D 29 27.25 -29.51 34.57
C ALA D 29 27.06 -29.68 36.07
N GLN D 30 25.81 -29.57 36.53
CA GLN D 30 25.44 -29.81 37.92
C GLN D 30 25.83 -31.23 38.40
N GLU D 31 25.50 -32.25 37.61
CA GLU D 31 25.82 -33.64 37.96
C GLU D 31 27.34 -33.82 38.18
N LYS D 32 28.14 -33.12 37.38
CA LYS D 32 29.60 -33.12 37.53
C LYS D 32 30.07 -32.29 38.70
N GLY D 33 29.15 -31.62 39.40
CA GLY D 33 29.49 -30.94 40.64
C GLY D 33 29.57 -29.44 40.60
N ALA D 34 29.25 -28.82 39.46
CA ALA D 34 29.32 -27.36 39.37
C ALA D 34 28.02 -26.72 39.90
N GLU D 35 28.13 -25.51 40.43
CA GLU D 35 26.99 -24.70 40.78
C GLU D 35 26.41 -24.09 39.48
N ILE D 36 25.11 -24.24 39.28
CA ILE D 36 24.43 -23.70 38.09
C ILE D 36 23.43 -22.59 38.44
N PRO D 37 23.10 -21.71 37.47
CA PRO D 37 22.03 -20.72 37.72
C PRO D 37 20.68 -21.39 37.94
N GLU D 38 19.72 -20.63 38.46
CA GLU D 38 18.32 -21.03 38.49
C GLU D 38 17.76 -20.96 37.07
N LEU D 39 16.93 -21.94 36.75
CA LEU D 39 16.43 -22.09 35.38
C LEU D 39 14.93 -22.08 35.37
N VAL D 40 14.35 -21.31 34.44
CA VAL D 40 12.93 -21.44 34.13
C VAL D 40 12.77 -21.60 32.60
N CYS D 41 12.03 -22.63 32.20
CA CYS D 41 11.76 -22.90 30.79
C CYS D 41 10.25 -22.74 30.59
N PHE D 42 9.87 -21.95 29.59
CA PHE D 42 8.46 -21.77 29.22
C PHE D 42 8.13 -22.52 27.92
N GLU D 43 7.01 -23.23 27.92
CA GLU D 43 6.57 -24.00 26.75
C GLU D 43 5.05 -23.83 26.60
N LYS D 44 4.60 -23.49 25.39
CA LYS D 44 3.18 -23.19 25.17
C LYS D 44 2.33 -24.45 25.02
N GLN D 45 2.96 -25.53 24.57
CA GLN D 45 2.28 -26.83 24.44
C GLN D 45 2.17 -27.49 25.83
N ALA D 46 1.40 -28.58 25.92
CA ALA D 46 1.16 -29.25 27.20
C ALA D 46 2.24 -30.30 27.53
N ASP D 47 3.10 -30.57 26.56
CA ASP D 47 4.19 -31.54 26.73
C ASP D 47 5.39 -31.13 25.86
N TRP D 48 6.55 -31.72 26.13
CA TRP D 48 7.78 -31.40 25.41
C TRP D 48 8.00 -32.23 24.15
N GLY D 49 9.01 -31.85 23.36
CA GLY D 49 9.30 -32.48 22.09
C GLY D 49 9.21 -31.56 20.87
N GLY D 50 8.60 -30.38 21.01
CA GLY D 50 8.58 -29.41 19.90
C GLY D 50 7.87 -29.98 18.67
N GLN D 51 8.52 -29.94 17.52
CA GLN D 51 7.93 -30.47 16.28
C GLN D 51 7.47 -31.92 16.50
N TRP D 52 8.22 -32.64 17.34
CA TRP D 52 8.07 -34.11 17.42
C TRP D 52 6.85 -34.48 18.24
N ASN D 53 6.30 -33.52 18.96
CA ASN D 53 5.06 -33.71 19.72
C ASN D 53 3.88 -33.51 18.75
N TYR D 54 3.31 -34.61 18.28
CA TYR D 54 2.28 -34.59 17.25
C TYR D 54 0.98 -33.95 17.72
N THR D 55 0.31 -33.26 16.80
CA THR D 55 -1.04 -32.81 17.09
C THR D 55 -1.95 -32.94 15.88
N TRP D 56 -3.18 -33.36 16.13
CA TRP D 56 -4.22 -33.29 15.10
C TRP D 56 -4.64 -31.83 14.80
N ARG D 57 -4.33 -30.91 15.71
CA ARG D 57 -4.74 -29.52 15.57
C ARG D 57 -4.00 -28.78 14.47
N THR D 58 -4.62 -27.72 13.97
CA THR D 58 -4.17 -27.04 12.79
C THR D 58 -4.48 -25.54 12.99
N GLY D 59 -3.64 -24.64 12.47
CA GLY D 59 -3.94 -23.21 12.59
C GLY D 59 -3.63 -22.63 13.96
N LEU D 60 -4.64 -22.59 14.83
CA LEU D 60 -4.53 -22.08 16.20
C LEU D 60 -4.87 -23.21 17.17
N ASP D 61 -4.22 -23.26 18.33
CA ASP D 61 -4.35 -24.42 19.23
C ASP D 61 -5.51 -24.22 20.19
N GLU D 62 -5.63 -25.09 21.21
CA GLU D 62 -6.76 -24.95 22.13
C GLU D 62 -6.79 -23.65 22.95
N ASN D 63 -5.67 -22.94 23.02
CA ASN D 63 -5.65 -21.67 23.74
C ASN D 63 -5.70 -20.45 22.81
N GLY D 64 -5.78 -20.66 21.50
CA GLY D 64 -5.68 -19.56 20.53
C GLY D 64 -4.24 -19.16 20.17
N GLU D 65 -3.26 -19.95 20.57
CA GLU D 65 -1.87 -19.76 20.12
C GLU D 65 -1.64 -20.48 18.79
N PRO D 66 -0.80 -19.92 17.91
CA PRO D 66 -0.47 -20.64 16.68
C PRO D 66 -0.06 -22.09 16.98
N VAL D 67 -0.59 -23.02 16.21
CA VAL D 67 -0.26 -24.44 16.31
C VAL D 67 1.21 -24.56 15.91
N HIS D 68 2.00 -25.26 16.71
CA HIS D 68 3.43 -25.24 16.48
C HIS D 68 3.93 -26.34 15.54
N SER D 69 3.58 -27.58 15.82
CA SER D 69 4.13 -28.69 15.05
C SER D 69 3.65 -28.66 13.60
N SER D 70 4.57 -28.90 12.68
CA SER D 70 4.25 -29.07 11.27
C SER D 70 4.19 -30.56 10.87
N MET D 71 4.35 -31.44 11.85
CA MET D 71 4.56 -32.86 11.57
C MET D 71 3.24 -33.59 11.33
N TYR D 72 3.30 -34.66 10.56
CA TYR D 72 2.10 -35.27 10.02
C TYR D 72 2.13 -36.75 10.35
N ARG D 73 1.01 -37.42 10.14
CA ARG D 73 0.96 -38.88 10.27
C ARG D 73 1.94 -39.52 9.30
N TYR D 74 2.53 -40.63 9.71
CA TYR D 74 3.40 -41.48 8.88
C TYR D 74 4.78 -40.91 8.63
N LEU D 75 5.07 -39.76 9.25
CA LEU D 75 6.39 -39.17 9.20
C LEU D 75 7.43 -40.13 9.80
N TRP D 76 8.49 -40.34 9.03
CA TRP D 76 9.71 -40.97 9.51
C TRP D 76 10.89 -40.03 9.26
N SER D 77 11.94 -40.26 10.04
CA SER D 77 13.24 -39.65 9.94
C SER D 77 13.62 -39.38 8.48
N ASN D 78 14.04 -38.14 8.16
CA ASN D 78 14.37 -37.82 6.77
C ASN D 78 15.83 -38.13 6.43
N GLY D 79 16.63 -38.28 7.47
CA GLY D 79 18.03 -38.64 7.34
C GLY D 79 18.33 -39.81 8.26
N PRO D 80 19.55 -40.36 8.20
CA PRO D 80 19.93 -41.46 9.08
C PRO D 80 19.91 -41.07 10.56
N LYS D 81 19.34 -41.92 11.43
CA LYS D 81 19.31 -41.58 12.85
C LYS D 81 20.73 -41.46 13.38
N GLU D 82 21.65 -42.19 12.75
CA GLU D 82 23.07 -42.12 13.10
C GLU D 82 23.65 -40.69 13.02
N CYS D 83 23.08 -39.85 12.16
CA CYS D 83 23.55 -38.47 12.03
C CYS D 83 23.00 -37.50 13.12
N LEU D 84 22.05 -37.97 13.91
CA LEU D 84 21.43 -37.12 14.92
C LEU D 84 21.49 -37.69 16.35
N GLU D 85 22.16 -38.83 16.50
CA GLU D 85 22.35 -39.47 17.80
C GLU D 85 23.01 -38.52 18.79
N PHE D 86 22.54 -38.51 20.04
CA PHE D 86 23.19 -37.72 21.09
C PHE D 86 24.47 -38.44 21.45
N ALA D 87 25.53 -37.68 21.63
CA ALA D 87 26.79 -38.24 22.07
C ALA D 87 26.78 -38.67 23.54
N ASP D 88 25.83 -38.20 24.35
CA ASP D 88 25.79 -38.55 25.78
C ASP D 88 24.62 -39.49 26.16
N TYR D 89 23.92 -40.03 25.17
CA TYR D 89 22.70 -40.83 25.41
C TYR D 89 22.36 -41.55 24.12
N THR D 90 22.88 -42.76 23.98
CA THR D 90 22.94 -43.43 22.69
C THR D 90 21.62 -44.13 22.38
N PHE D 91 21.41 -44.46 21.10
CA PHE D 91 20.26 -45.31 20.75
C PHE D 91 20.32 -46.64 21.52
N ASP D 92 21.50 -47.26 21.57
CA ASP D 92 21.68 -48.52 22.34
C ASP D 92 21.19 -48.36 23.78
N GLU D 93 21.64 -47.31 24.46
CA GLU D 93 21.18 -47.07 25.84
C GLU D 93 19.68 -46.89 25.94
N HIS D 94 19.08 -46.16 25.00
CA HIS D 94 17.66 -45.85 25.19
C HIS D 94 16.78 -47.04 24.91
N PHE D 95 17.07 -47.73 23.80
CA PHE D 95 16.22 -48.81 23.35
C PHE D 95 16.63 -50.24 23.82
N GLY D 96 17.86 -50.39 24.34
CA GLY D 96 18.36 -51.72 24.77
C GLY D 96 18.57 -52.77 23.66
N LYS D 97 18.44 -52.37 22.39
CA LYS D 97 18.66 -53.25 21.25
C LYS D 97 18.92 -52.39 19.99
N PRO D 98 19.43 -53.01 18.90
CA PRO D 98 19.57 -52.26 17.63
C PRO D 98 18.23 -52.08 16.93
N ILE D 99 18.06 -50.94 16.25
CA ILE D 99 16.84 -50.67 15.49
C ILE D 99 17.28 -50.15 14.14
N ALA D 100 16.36 -50.09 13.16
CA ALA D 100 16.72 -49.61 11.83
C ALA D 100 17.02 -48.10 11.80
N SER D 101 17.43 -47.59 10.65
CA SER D 101 18.07 -46.30 10.59
C SER D 101 17.14 -45.09 10.42
N TYR D 102 15.87 -45.34 10.11
CA TYR D 102 14.92 -44.26 9.83
C TYR D 102 13.63 -44.41 10.65
N PRO D 103 13.70 -44.14 11.96
CA PRO D 103 12.54 -44.38 12.80
C PRO D 103 11.39 -43.39 12.53
N PRO D 104 10.14 -43.85 12.74
CA PRO D 104 8.94 -43.02 12.77
C PRO D 104 9.05 -41.93 13.83
N ARG D 105 8.33 -40.84 13.59
CA ARG D 105 8.26 -39.70 14.52
C ARG D 105 8.14 -40.13 15.98
N GLU D 106 7.21 -41.03 16.27
CA GLU D 106 6.94 -41.44 17.66
C GLU D 106 8.15 -42.10 18.35
N VAL D 107 8.95 -42.82 17.55
CA VAL D 107 10.16 -43.46 18.06
C VAL D 107 11.24 -42.43 18.39
N LEU D 108 11.44 -41.46 17.50
CA LEU D 108 12.40 -40.39 17.78
C LEU D 108 11.91 -39.53 18.94
N TRP D 109 10.61 -39.25 18.99
CA TRP D 109 10.04 -38.50 20.11
C TRP D 109 10.34 -39.19 21.45
N ASP D 110 10.13 -40.50 21.50
CA ASP D 110 10.36 -41.28 22.69
C ASP D 110 11.82 -41.20 23.11
N TYR D 111 12.71 -41.28 22.12
CA TYR D 111 14.16 -41.19 22.34
C TYR D 111 14.59 -39.83 22.94
N ILE D 112 14.16 -38.72 22.34
CA ILE D 112 14.59 -37.40 22.87
C ILE D 112 14.05 -37.13 24.27
N LYS D 113 12.82 -37.57 24.53
CA LYS D 113 12.24 -37.46 25.88
C LYS D 113 13.01 -38.35 26.88
N GLY D 114 13.45 -39.53 26.46
CA GLY D 114 14.20 -40.46 27.35
C GLY D 114 15.40 -39.83 28.04
N ARG D 115 16.16 -39.02 27.28
CA ARG D 115 17.31 -38.33 27.83
C ARG D 115 16.94 -37.33 28.94
N VAL D 116 15.92 -36.51 28.71
CA VAL D 116 15.52 -35.50 29.71
C VAL D 116 14.66 -36.08 30.81
N GLU D 117 13.98 -37.19 30.52
CA GLU D 117 13.34 -37.97 31.60
C GLU D 117 14.43 -38.45 32.60
N LYS D 118 15.52 -39.02 32.07
CA LYS D 118 16.65 -39.50 32.85
C LYS D 118 17.37 -38.33 33.54
N ALA D 119 17.46 -37.17 32.86
CA ALA D 119 18.06 -35.98 33.44
C ALA D 119 17.29 -35.39 34.63
N GLY D 120 15.98 -35.64 34.68
CA GLY D 120 15.12 -35.10 35.72
C GLY D 120 14.80 -33.63 35.54
N VAL D 121 14.93 -33.10 34.33
CA VAL D 121 14.78 -31.66 34.12
C VAL D 121 13.34 -31.17 33.85
N ARG D 122 12.36 -32.08 33.82
CA ARG D 122 10.96 -31.65 33.61
C ARG D 122 10.53 -30.58 34.61
N LYS D 123 11.07 -30.69 35.82
CA LYS D 123 10.70 -29.78 36.91
C LYS D 123 10.99 -28.28 36.63
N TYR D 124 11.84 -27.97 35.65
CA TYR D 124 12.16 -26.56 35.35
C TYR D 124 11.13 -25.91 34.39
N ILE D 125 10.25 -26.72 33.86
CA ILE D 125 9.40 -26.29 32.75
C ILE D 125 8.00 -25.88 33.19
N ARG D 126 7.58 -24.72 32.73
CA ARG D 126 6.19 -24.30 32.84
C ARG D 126 5.48 -24.51 31.51
N PHE D 127 4.69 -25.57 31.46
CA PHE D 127 3.92 -25.94 30.27
C PHE D 127 2.66 -25.12 30.11
N ASN D 128 2.02 -25.22 28.96
CA ASN D 128 0.78 -24.48 28.73
C ASN D 128 0.99 -22.96 29.00
N THR D 129 2.20 -22.48 28.73
CA THR D 129 2.57 -21.10 29.03
C THR D 129 3.22 -20.46 27.78
N ALA D 130 2.58 -19.42 27.26
CA ALA D 130 3.06 -18.78 26.04
C ALA D 130 3.83 -17.51 26.39
N VAL D 131 5.03 -17.39 25.83
CA VAL D 131 5.85 -16.20 25.98
C VAL D 131 5.24 -15.10 25.09
N ARG D 132 4.86 -13.98 25.70
CA ARG D 132 4.32 -12.80 25.02
C ARG D 132 5.36 -11.75 24.66
N HIS D 133 6.29 -11.46 25.57
CA HIS D 133 7.19 -10.34 25.34
C HIS D 133 8.48 -10.58 26.10
N VAL D 134 9.61 -10.22 25.49
CA VAL D 134 10.87 -10.17 26.20
C VAL D 134 11.44 -8.77 25.96
N GLU D 135 11.76 -8.07 27.04
CA GLU D 135 12.28 -6.69 26.99
C GLU D 135 13.55 -6.66 27.82
N PHE D 136 14.60 -6.04 27.29
CA PHE D 136 15.83 -5.82 28.07
C PHE D 136 15.74 -4.45 28.76
N ASN D 137 16.02 -4.42 30.04
CA ASN D 137 16.02 -3.21 30.85
C ASN D 137 17.47 -2.77 31.05
N GLU D 138 17.83 -1.66 30.41
CA GLU D 138 19.19 -1.08 30.46
C GLU D 138 19.67 -0.76 31.88
N ASP D 139 18.78 -0.19 32.70
CA ASP D 139 19.09 0.29 34.04
C ASP D 139 19.52 -0.83 34.99
N SER D 140 18.77 -1.94 35.00
CA SER D 140 19.09 -3.09 35.84
C SER D 140 19.95 -4.17 35.14
N GLN D 141 20.17 -4.02 33.84
CA GLN D 141 20.80 -5.06 33.00
C GLN D 141 20.11 -6.45 33.04
N THR D 142 18.79 -6.47 33.14
CA THR D 142 18.06 -7.73 33.20
C THR D 142 16.96 -7.74 32.11
N PHE D 143 16.47 -8.92 31.78
CA PHE D 143 15.33 -9.05 30.86
C PHE D 143 14.02 -9.20 31.65
N THR D 144 12.93 -8.58 31.17
CA THR D 144 11.60 -8.86 31.74
C THR D 144 10.86 -9.76 30.76
N VAL D 145 10.52 -10.96 31.21
CA VAL D 145 9.78 -11.92 30.38
C VAL D 145 8.30 -11.93 30.83
N THR D 146 7.39 -11.68 29.90
CA THR D 146 5.98 -11.60 30.16
C THR D 146 5.36 -12.82 29.45
N VAL D 147 4.59 -13.59 30.19
CA VAL D 147 4.02 -14.79 29.63
C VAL D 147 2.54 -14.90 29.95
N GLN D 148 1.82 -15.68 29.15
CA GLN D 148 0.46 -16.04 29.51
C GLN D 148 0.37 -17.50 29.95
N ASP D 149 0.00 -17.72 31.19
CA ASP D 149 -0.18 -19.08 31.69
C ASP D 149 -1.59 -19.51 31.34
N HIS D 150 -1.76 -20.40 30.37
CA HIS D 150 -3.11 -20.75 29.95
C HIS D 150 -3.83 -21.73 30.89
N THR D 151 -3.16 -22.27 31.90
CA THR D 151 -3.83 -23.09 32.90
C THR D 151 -4.61 -22.21 33.91
N THR D 152 -4.02 -21.09 34.31
CA THR D 152 -4.68 -20.18 35.20
C THR D 152 -5.30 -18.98 34.46
N ASP D 153 -5.06 -18.86 33.16
CA ASP D 153 -5.48 -17.67 32.35
C ASP D 153 -4.97 -16.39 33.01
N THR D 154 -3.69 -16.35 33.36
CA THR D 154 -3.14 -15.15 33.96
C THR D 154 -1.88 -14.76 33.19
N ILE D 155 -1.63 -13.46 33.14
CA ILE D 155 -0.49 -12.92 32.46
C ILE D 155 0.43 -12.36 33.53
N TYR D 156 1.68 -12.78 33.55
CA TYR D 156 2.61 -12.33 34.56
C TYR D 156 4.00 -12.19 33.97
N SER D 157 4.88 -11.51 34.67
CA SER D 157 6.22 -11.36 34.18
C SER D 157 7.23 -11.66 35.27
N ALA D 158 8.44 -12.04 34.87
CA ALA D 158 9.52 -12.28 35.81
C ALA D 158 10.82 -11.75 35.22
N ALA D 159 11.82 -11.51 36.06
CA ALA D 159 13.10 -10.93 35.64
C ALA D 159 14.14 -12.02 35.47
N PHE D 160 14.95 -11.90 34.43
CA PHE D 160 16.05 -12.85 34.19
C PHE D 160 17.33 -12.17 33.77
N ASP D 161 18.46 -12.80 34.09
CA ASP D 161 19.80 -12.29 33.75
C ASP D 161 20.23 -12.67 32.34
N TYR D 162 19.78 -13.83 31.87
CA TYR D 162 20.09 -14.33 30.52
C TYR D 162 18.83 -14.97 29.96
N VAL D 163 18.70 -14.91 28.63
CA VAL D 163 17.59 -15.54 27.91
C VAL D 163 18.16 -16.38 26.76
N VAL D 164 17.69 -17.61 26.67
CA VAL D 164 18.05 -18.51 25.60
C VAL D 164 16.77 -18.81 24.77
N CYS D 165 16.71 -18.31 23.54
CA CYS D 165 15.56 -18.52 22.67
C CYS D 165 15.62 -19.85 21.89
N CYS D 166 14.67 -20.74 22.14
CA CYS D 166 14.65 -22.07 21.51
C CYS D 166 13.30 -22.34 20.84
N THR D 167 12.75 -21.34 20.16
CA THR D 167 11.37 -21.45 19.69
C THR D 167 11.22 -21.99 18.28
N GLY D 168 12.32 -22.32 17.63
CA GLY D 168 12.30 -22.94 16.31
C GLY D 168 12.11 -21.95 15.17
N HIS D 169 12.25 -22.44 13.95
CA HIS D 169 11.97 -21.62 12.78
C HIS D 169 11.28 -22.37 11.66
N PHE D 170 10.65 -23.50 11.98
CA PHE D 170 9.88 -24.24 10.98
C PHE D 170 8.40 -24.35 11.34
N SER D 171 7.82 -23.29 11.88
CA SER D 171 6.42 -23.33 12.32
C SER D 171 5.52 -22.22 11.79
N THR D 172 6.12 -21.09 11.43
CA THR D 172 5.37 -19.98 10.86
C THR D 172 5.56 -20.06 9.35
N PRO D 173 4.49 -20.43 8.63
CA PRO D 173 4.67 -20.71 7.21
C PRO D 173 4.93 -19.47 6.33
N TYR D 174 5.77 -19.65 5.32
CA TYR D 174 5.82 -18.77 4.17
C TYR D 174 4.79 -19.30 3.16
N VAL D 175 3.77 -18.50 2.85
CA VAL D 175 2.63 -18.97 2.06
C VAL D 175 2.35 -18.01 0.91
N PRO D 176 3.00 -18.21 -0.25
CA PRO D 176 2.77 -17.25 -1.35
C PRO D 176 1.40 -17.43 -1.97
N GLU D 177 0.87 -16.34 -2.51
CA GLU D 177 -0.41 -16.35 -3.21
C GLU D 177 -0.17 -16.55 -4.70
N PHE D 178 -1.08 -17.28 -5.32
CA PHE D 178 -1.09 -17.43 -6.77
C PHE D 178 -2.43 -16.93 -7.31
N GLU D 179 -2.41 -16.44 -8.54
CA GLU D 179 -3.60 -15.86 -9.14
C GLU D 179 -4.68 -16.91 -9.20
N GLY D 180 -5.83 -16.55 -8.65
CA GLY D 180 -7.02 -17.39 -8.73
C GLY D 180 -7.34 -18.22 -7.49
N PHE D 181 -6.51 -18.10 -6.44
CA PHE D 181 -6.71 -18.92 -5.23
C PHE D 181 -8.07 -18.64 -4.60
N GLU D 182 -8.57 -17.43 -4.75
CA GLU D 182 -9.88 -17.09 -4.17
C GLU D 182 -11.06 -17.71 -4.92
N LYS D 183 -10.82 -18.27 -6.10
CA LYS D 183 -11.87 -18.92 -6.94
C LYS D 183 -11.84 -20.44 -6.89
N PHE D 184 -10.69 -20.99 -6.51
CA PHE D 184 -10.43 -22.42 -6.65
C PHE D 184 -11.32 -23.17 -5.69
N GLY D 185 -11.87 -24.30 -6.11
CA GLY D 185 -12.88 -24.98 -5.30
C GLY D 185 -12.43 -26.08 -4.36
N GLY D 186 -11.18 -26.52 -4.48
CA GLY D 186 -10.65 -27.58 -3.63
C GLY D 186 -9.87 -27.00 -2.45
N ARG D 187 -9.29 -27.86 -1.64
CA ARG D 187 -8.57 -27.37 -0.48
C ARG D 187 -7.24 -26.70 -0.88
N ILE D 188 -6.96 -25.52 -0.31
CA ILE D 188 -5.61 -24.95 -0.32
C ILE D 188 -5.02 -24.91 1.11
N LEU D 189 -3.84 -25.50 1.25
CA LEU D 189 -3.15 -25.57 2.54
C LEU D 189 -1.66 -25.43 2.35
N HIS D 190 -0.99 -25.05 3.43
CA HIS D 190 0.45 -25.08 3.47
C HIS D 190 0.85 -26.46 4.03
N ALA D 191 2.07 -26.92 3.73
CA ALA D 191 2.65 -28.13 4.34
C ALA D 191 2.45 -28.21 5.86
N HIS D 192 2.46 -27.06 6.52
CA HIS D 192 2.40 -26.98 7.97
C HIS D 192 1.06 -27.48 8.51
N ASP D 193 0.02 -27.41 7.67
CA ASP D 193 -1.34 -27.82 8.02
C ASP D 193 -1.64 -29.26 7.58
N PHE D 194 -0.70 -29.93 6.92
CA PHE D 194 -0.88 -31.30 6.42
C PHE D 194 -0.79 -32.31 7.58
N ARG D 195 -1.77 -33.21 7.68
CA ARG D 195 -1.84 -34.14 8.81
C ARG D 195 -1.94 -35.61 8.34
N ASP D 196 -3.12 -36.06 7.94
CA ASP D 196 -3.26 -37.43 7.47
C ASP D 196 -3.31 -37.56 5.95
N ALA D 197 -2.33 -38.24 5.35
CA ALA D 197 -2.32 -38.40 3.89
C ALA D 197 -3.59 -39.09 3.36
N LEU D 198 -4.26 -39.86 4.19
CA LEU D 198 -5.52 -40.54 3.75
C LEU D 198 -6.61 -39.55 3.36
N GLU D 199 -6.53 -38.32 3.84
CA GLU D 199 -7.48 -37.29 3.44
C GLU D 199 -7.49 -37.08 1.90
N PHE D 200 -6.38 -37.45 1.25
CA PHE D 200 -6.14 -37.22 -0.18
C PHE D 200 -6.14 -38.51 -1.02
N LYS D 201 -6.53 -39.62 -0.40
CA LYS D 201 -6.72 -40.90 -1.11
C LYS D 201 -7.64 -40.72 -2.32
N ASP D 202 -7.25 -41.24 -3.48
CA ASP D 202 -8.02 -41.14 -4.75
C ASP D 202 -8.15 -39.74 -5.32
N LYS D 203 -7.32 -38.81 -4.87
CA LYS D 203 -7.38 -37.46 -5.38
C LYS D 203 -6.14 -37.09 -6.16
N THR D 204 -6.25 -35.97 -6.87
CA THR D 204 -5.13 -35.38 -7.59
C THR D 204 -4.66 -34.21 -6.75
N VAL D 205 -3.40 -34.29 -6.32
CA VAL D 205 -2.82 -33.33 -5.41
C VAL D 205 -1.70 -32.56 -6.13
N LEU D 206 -1.76 -31.23 -6.05
CA LEU D 206 -0.66 -30.38 -6.53
C LEU D 206 0.19 -29.98 -5.33
N LEU D 207 1.50 -30.24 -5.43
CA LEU D 207 2.44 -29.82 -4.42
C LEU D 207 3.30 -28.72 -5.00
N VAL D 208 3.29 -27.55 -4.37
CA VAL D 208 4.08 -26.45 -4.85
C VAL D 208 5.35 -26.38 -4.06
N GLY D 209 6.47 -26.59 -4.74
CA GLY D 209 7.77 -26.54 -4.09
C GLY D 209 8.64 -27.69 -4.56
N SER D 210 9.92 -27.64 -4.23
CA SER D 210 10.86 -28.65 -4.71
C SER D 210 11.97 -28.98 -3.71
N SER D 211 11.66 -28.92 -2.43
CA SER D 211 12.68 -29.27 -1.42
C SER D 211 12.12 -30.40 -0.54
N TYR D 212 12.62 -30.53 0.70
CA TYR D 212 12.33 -31.70 1.56
C TYR D 212 10.86 -31.96 1.81
N SER D 213 10.15 -30.87 2.05
CA SER D 213 8.77 -30.96 2.38
C SER D 213 7.95 -31.45 1.13
N ALA D 214 8.22 -30.93 -0.07
CA ALA D 214 7.53 -31.45 -1.27
C ALA D 214 7.81 -32.95 -1.48
N GLU D 215 9.09 -33.34 -1.38
CA GLU D 215 9.55 -34.72 -1.57
C GLU D 215 8.78 -35.65 -0.64
N ASP D 216 8.74 -35.30 0.64
CA ASP D 216 8.16 -36.19 1.62
C ASP D 216 6.63 -36.18 1.72
N ILE D 217 6.01 -35.01 1.59
CA ILE D 217 4.56 -34.99 1.66
C ILE D 217 4.01 -35.69 0.40
N GLY D 218 4.61 -35.42 -0.75
CA GLY D 218 4.27 -36.18 -1.96
C GLY D 218 4.45 -37.68 -1.77
N SER D 219 5.56 -38.09 -1.17
CA SER D 219 5.80 -39.51 -0.86
C SER D 219 4.71 -40.11 -0.01
N GLN D 220 4.25 -39.39 1.01
CA GLN D 220 3.15 -39.85 1.83
C GLN D 220 1.87 -39.97 1.03
N CYS D 221 1.55 -38.97 0.21
CA CYS D 221 0.32 -39.02 -0.56
C CYS D 221 0.37 -40.19 -1.54
N TYR D 222 1.55 -40.41 -2.12
CA TYR D 222 1.76 -41.58 -2.99
C TYR D 222 1.52 -42.90 -2.24
N LYS D 223 2.21 -43.06 -1.11
CA LYS D 223 2.20 -44.28 -0.32
C LYS D 223 0.81 -44.64 0.17
N TYR D 224 -0.02 -43.64 0.48
CA TYR D 224 -1.36 -43.85 1.07
C TYR D 224 -2.48 -43.71 0.01
N GLY D 225 -2.09 -43.63 -1.25
CA GLY D 225 -3.04 -43.90 -2.32
C GLY D 225 -3.66 -42.72 -3.04
N ALA D 226 -2.94 -41.60 -3.13
CA ALA D 226 -3.44 -40.50 -3.95
C ALA D 226 -3.58 -41.03 -5.39
N LYS D 227 -4.54 -40.52 -6.14
CA LYS D 227 -4.67 -40.92 -7.53
C LYS D 227 -3.50 -40.35 -8.32
N LYS D 228 -3.19 -39.07 -8.13
CA LYS D 228 -2.19 -38.41 -8.97
C LYS D 228 -1.51 -37.31 -8.19
N LEU D 229 -0.20 -37.21 -8.39
CA LEU D 229 0.60 -36.14 -7.81
C LEU D 229 1.22 -35.29 -8.92
N ILE D 230 1.20 -33.99 -8.73
CA ILE D 230 1.97 -33.05 -9.55
C ILE D 230 2.78 -32.20 -8.59
N SER D 231 4.09 -32.16 -8.78
CA SER D 231 4.87 -31.20 -8.06
C SER D 231 5.36 -30.15 -9.06
N CYS D 232 5.39 -28.88 -8.67
CA CYS D 232 5.90 -27.82 -9.54
C CYS D 232 7.01 -27.03 -8.88
N TYR D 233 7.96 -26.55 -9.69
CA TYR D 233 9.15 -25.90 -9.16
C TYR D 233 9.35 -24.46 -9.66
N ARG D 234 9.90 -23.63 -8.79
CA ARG D 234 10.18 -22.22 -9.11
C ARG D 234 11.50 -22.03 -9.87
N THR D 235 12.51 -22.83 -9.54
CA THR D 235 13.88 -22.61 -10.02
C THR D 235 14.40 -23.83 -10.79
N ALA D 236 14.39 -24.99 -10.12
CA ALA D 236 14.91 -26.22 -10.69
C ALA D 236 14.16 -27.44 -10.14
N PRO D 237 13.85 -28.42 -11.01
CA PRO D 237 13.19 -29.65 -10.57
C PRO D 237 14.00 -30.40 -9.51
N MET D 238 13.29 -31.11 -8.63
CA MET D 238 13.94 -31.99 -7.65
C MET D 238 14.82 -33.00 -8.38
N GLY D 239 14.29 -33.59 -9.46
CA GLY D 239 15.10 -34.38 -10.39
C GLY D 239 15.01 -35.90 -10.24
N TYR D 240 14.43 -36.36 -9.14
CA TYR D 240 14.37 -37.78 -8.82
C TYR D 240 13.48 -38.51 -9.81
N LYS D 241 13.70 -39.81 -9.93
CA LYS D 241 12.80 -40.62 -10.71
C LYS D 241 11.57 -40.94 -9.85
N TRP D 242 10.44 -40.35 -10.22
CA TRP D 242 9.20 -40.48 -9.48
C TRP D 242 8.37 -41.64 -10.03
N PRO D 243 7.46 -42.20 -9.19
CA PRO D 243 6.50 -43.23 -9.63
C PRO D 243 5.69 -42.75 -10.81
N GLU D 244 4.99 -43.68 -11.45
CA GLU D 244 4.26 -43.40 -12.71
C GLU D 244 3.11 -42.38 -12.58
N ASN D 245 2.50 -42.26 -11.40
CA ASN D 245 1.38 -41.31 -11.20
C ASN D 245 1.82 -39.94 -10.61
N TRP D 246 3.08 -39.57 -10.83
CA TRP D 246 3.65 -38.36 -10.26
C TRP D 246 4.52 -37.69 -11.31
N ASP D 247 4.17 -36.47 -11.73
CA ASP D 247 5.09 -35.71 -12.57
C ASP D 247 5.51 -34.35 -12.01
N GLU D 248 6.70 -33.91 -12.38
CA GLU D 248 7.25 -32.59 -12.04
C GLU D 248 7.09 -31.64 -13.20
N ARG D 249 6.66 -30.42 -12.90
CA ARG D 249 6.38 -29.39 -13.90
C ARG D 249 6.98 -28.06 -13.50
N PRO D 250 7.27 -27.20 -14.48
CA PRO D 250 7.54 -25.77 -14.19
C PRO D 250 6.39 -25.09 -13.43
N ASN D 251 6.67 -23.96 -12.79
CA ASN D 251 5.81 -23.42 -11.73
C ASN D 251 4.37 -23.17 -12.16
N LEU D 252 3.47 -23.40 -11.21
CA LEU D 252 2.10 -22.89 -11.23
C LEU D 252 2.06 -21.41 -11.62
N VAL D 253 1.18 -21.04 -12.56
CA VAL D 253 1.01 -19.62 -12.86
C VAL D 253 -0.35 -19.09 -12.41
N ARG D 254 -1.38 -19.94 -12.46
CA ARG D 254 -2.68 -19.52 -12.01
C ARG D 254 -3.60 -20.73 -11.86
N VAL D 255 -4.70 -20.55 -11.15
CA VAL D 255 -5.70 -21.58 -11.05
C VAL D 255 -7.07 -20.96 -11.35
N ASP D 256 -8.01 -21.79 -11.76
CA ASP D 256 -9.42 -21.36 -11.83
C ASP D 256 -10.26 -22.22 -10.89
N THR D 257 -11.57 -22.30 -11.10
CA THR D 257 -12.45 -23.03 -10.19
C THR D 257 -12.02 -24.48 -9.98
N GLU D 258 -11.42 -25.10 -10.99
CA GLU D 258 -11.06 -26.52 -10.91
C GLU D 258 -9.64 -26.86 -11.38
N ASN D 259 -9.01 -25.99 -12.18
CA ASN D 259 -7.76 -26.38 -12.85
C ASN D 259 -6.56 -25.55 -12.45
N ALA D 260 -5.39 -26.18 -12.52
CA ALA D 260 -4.08 -25.53 -12.39
C ALA D 260 -3.44 -25.31 -13.77
N TYR D 261 -2.81 -24.14 -13.96
CA TYR D 261 -2.11 -23.79 -15.20
C TYR D 261 -0.66 -23.54 -14.88
N PHE D 262 0.25 -24.09 -15.69
CA PHE D 262 1.68 -24.08 -15.39
C PHE D 262 2.47 -23.31 -16.44
N ALA D 263 3.70 -22.89 -16.12
CA ALA D 263 4.52 -22.07 -17.03
C ALA D 263 4.89 -22.86 -18.30
N ASP D 264 4.56 -24.14 -18.25
CA ASP D 264 4.48 -25.10 -19.34
C ASP D 264 3.57 -24.77 -20.53
N GLY D 265 2.47 -24.10 -20.26
CA GLY D 265 1.34 -24.09 -21.18
C GLY D 265 0.41 -25.26 -20.88
N SER D 266 0.84 -26.18 -20.03
CA SER D 266 -0.02 -27.31 -19.62
C SER D 266 -1.05 -26.90 -18.57
N SER D 267 -2.07 -27.73 -18.42
CA SER D 267 -3.05 -27.53 -17.37
C SER D 267 -3.78 -28.82 -17.05
N GLU D 268 -4.26 -28.92 -15.80
CA GLU D 268 -5.19 -29.99 -15.44
C GLU D 268 -5.96 -29.82 -14.14
N LYS D 269 -6.89 -30.75 -13.95
CA LYS D 269 -7.79 -30.81 -12.82
C LYS D 269 -6.97 -31.19 -11.62
N VAL D 270 -7.24 -30.53 -10.50
CA VAL D 270 -6.46 -30.70 -9.29
C VAL D 270 -7.51 -30.62 -8.18
N ASP D 271 -7.42 -31.52 -7.19
CA ASP D 271 -8.38 -31.55 -6.07
C ASP D 271 -7.97 -30.71 -4.87
N ALA D 272 -6.66 -30.59 -4.64
CA ALA D 272 -6.12 -29.91 -3.48
C ALA D 272 -4.74 -29.36 -3.81
N ILE D 273 -4.36 -28.26 -3.18
CA ILE D 273 -3.06 -27.68 -3.44
C ILE D 273 -2.36 -27.55 -2.09
N ILE D 274 -1.14 -28.09 -2.03
CA ILE D 274 -0.33 -28.04 -0.84
C ILE D 274 0.91 -27.19 -1.13
N LEU D 275 0.99 -26.06 -0.42
CA LEU D 275 2.14 -25.16 -0.57
C LEU D 275 3.27 -25.70 0.31
N CYS D 276 4.29 -26.25 -0.34
CA CYS D 276 5.44 -26.82 0.34
C CYS D 276 6.56 -25.82 0.20
N THR D 277 6.26 -24.60 0.65
CA THR D 277 7.08 -23.42 0.38
C THR D 277 7.92 -22.89 1.55
N GLY D 278 8.08 -23.68 2.63
CA GLY D 278 9.01 -23.30 3.70
C GLY D 278 8.39 -22.33 4.72
N TYR D 279 9.25 -21.73 5.53
CA TYR D 279 8.82 -21.02 6.75
C TYR D 279 9.54 -19.72 6.93
N ILE D 280 9.05 -18.90 7.85
CA ILE D 280 9.76 -17.66 8.16
C ILE D 280 10.26 -17.69 9.61
N HIS D 281 11.36 -16.98 9.85
CA HIS D 281 11.85 -16.78 11.21
C HIS D 281 10.94 -15.72 11.78
N HIS D 282 10.20 -16.09 12.81
CA HIS D 282 9.15 -15.24 13.33
C HIS D 282 9.21 -15.23 14.86
N PHE D 283 9.43 -14.05 15.45
CA PHE D 283 9.50 -13.93 16.90
C PHE D 283 8.58 -12.79 17.38
N PRO D 284 7.27 -13.08 17.54
CA PRO D 284 6.33 -12.01 17.89
C PRO D 284 6.51 -11.44 19.30
N PHE D 285 7.32 -12.10 20.14
CA PHE D 285 7.60 -11.62 21.49
C PHE D 285 8.90 -10.81 21.60
N LEU D 286 9.55 -10.48 20.49
CA LEU D 286 10.79 -9.70 20.55
C LEU D 286 10.66 -8.36 19.82
N ASN D 287 11.14 -7.26 20.41
CA ASN D 287 11.28 -6.01 19.65
C ASN D 287 12.58 -6.08 18.80
N ASP D 288 12.81 -5.06 17.96
CA ASP D 288 13.92 -5.06 17.00
C ASP D 288 15.32 -5.13 17.64
N ASP D 289 15.47 -4.66 18.87
CA ASP D 289 16.74 -4.79 19.58
C ASP D 289 17.21 -6.26 19.79
N LEU D 290 16.28 -7.19 19.87
CA LEU D 290 16.61 -8.63 20.16
C LEU D 290 16.26 -9.60 19.04
N ARG D 291 15.55 -9.11 18.03
CA ARG D 291 14.85 -9.97 17.11
C ARG D 291 15.68 -10.37 15.90
N LEU D 292 15.91 -11.68 15.75
CA LEU D 292 16.69 -12.22 14.64
C LEU D 292 15.87 -12.16 13.34
N VAL D 293 16.49 -11.62 12.29
CA VAL D 293 15.83 -11.46 10.99
C VAL D 293 16.74 -12.16 9.98
N THR D 294 16.26 -13.25 9.40
CA THR D 294 17.11 -14.01 8.47
C THR D 294 16.24 -14.92 7.63
N ASN D 295 16.74 -15.31 6.46
CA ASN D 295 16.13 -16.43 5.74
C ASN D 295 16.71 -17.74 6.28
N ASN D 296 16.14 -18.87 5.85
CA ASN D 296 16.62 -20.18 6.25
C ASN D 296 17.96 -20.57 5.59
N ARG D 297 19.03 -20.70 6.38
CA ARG D 297 20.37 -20.87 5.79
C ARG D 297 21.36 -21.41 6.81
N LEU D 298 22.53 -21.82 6.32
CA LEU D 298 23.57 -22.40 7.18
C LEU D 298 24.21 -21.39 8.12
N TRP D 299 24.24 -20.12 7.70
CA TRP D 299 24.87 -19.11 8.53
C TRP D 299 24.08 -17.80 8.60
N PRO D 300 23.06 -17.72 9.48
CA PRO D 300 22.47 -16.40 9.74
C PRO D 300 23.51 -15.47 10.35
N LEU D 301 23.42 -14.19 10.01
CA LEU D 301 24.29 -13.15 10.54
C LEU D 301 23.82 -12.70 11.94
N ASN D 302 24.69 -12.00 12.66
CA ASN D 302 24.42 -11.42 13.99
C ASN D 302 24.46 -12.39 15.18
N LEU D 303 24.92 -13.61 14.91
CA LEU D 303 25.04 -14.69 15.90
C LEU D 303 26.50 -15.15 16.00
N TYR D 304 27.13 -14.76 17.11
CA TYR D 304 28.50 -15.14 17.32
C TYR D 304 28.54 -16.64 17.66
N LYS D 305 29.38 -17.37 16.94
CA LYS D 305 29.37 -18.85 16.96
C LYS D 305 27.96 -19.41 16.68
N GLY D 306 27.17 -18.71 15.86
CA GLY D 306 25.83 -19.13 15.51
C GLY D 306 24.82 -19.13 16.67
N VAL D 307 25.16 -18.53 17.80
CA VAL D 307 24.40 -18.63 19.06
C VAL D 307 24.22 -17.31 19.83
N VAL D 308 25.28 -16.51 19.93
CA VAL D 308 25.24 -15.32 20.81
C VAL D 308 24.74 -14.11 20.01
N TRP D 309 23.62 -13.52 20.44
CA TRP D 309 23.07 -12.31 19.79
C TRP D 309 24.12 -11.21 19.94
N GLU D 310 24.69 -10.75 18.83
CA GLU D 310 25.81 -9.81 18.89
C GLU D 310 25.46 -8.40 19.43
N ASP D 311 24.21 -7.97 19.27
CA ASP D 311 23.76 -6.66 19.82
C ASP D 311 23.47 -6.68 21.33
N ASN D 312 23.21 -7.86 21.89
CA ASN D 312 23.07 -7.98 23.33
C ASN D 312 23.46 -9.39 23.66
N PRO D 313 24.75 -9.61 24.05
CA PRO D 313 25.22 -10.98 24.19
C PRO D 313 24.77 -11.69 25.47
N LYS D 314 23.77 -11.15 26.15
CA LYS D 314 23.15 -11.90 27.23
C LYS D 314 21.94 -12.66 26.68
N PHE D 315 21.66 -12.46 25.39
CA PHE D 315 20.58 -13.17 24.70
C PHE D 315 21.19 -14.19 23.72
N PHE D 316 20.60 -15.39 23.69
CA PHE D 316 21.13 -16.53 22.89
C PHE D 316 20.03 -17.15 22.02
N TYR D 317 20.41 -17.72 20.89
CA TYR D 317 19.50 -18.44 20.05
C TYR D 317 20.08 -19.82 19.78
N ILE D 318 19.27 -20.87 19.92
CA ILE D 318 19.68 -22.25 19.58
C ILE D 318 18.90 -22.75 18.40
N GLY D 319 19.59 -23.41 17.48
CA GLY D 319 18.90 -24.10 16.41
C GLY D 319 18.33 -23.20 15.30
N MET D 320 18.83 -21.98 15.13
CA MET D 320 18.23 -21.08 14.14
C MET D 320 18.78 -21.26 12.72
N GLN D 321 19.82 -22.07 12.58
CA GLN D 321 20.38 -22.42 11.27
C GLN D 321 19.50 -23.46 10.56
N ASP D 322 19.65 -23.54 9.23
CA ASP D 322 19.11 -24.71 8.50
C ASP D 322 19.80 -25.98 9.03
N GLN D 323 19.13 -27.12 8.89
CA GLN D 323 19.56 -28.29 9.63
C GLN D 323 19.86 -29.50 8.74
N TRP D 324 21.14 -29.77 8.48
CA TRP D 324 21.54 -31.11 8.01
C TRP D 324 21.76 -31.94 9.29
N TYR D 325 22.76 -31.55 10.07
CA TYR D 325 22.82 -31.98 11.45
C TYR D 325 21.63 -31.36 12.17
N SER D 326 21.20 -31.99 13.25
CA SER D 326 20.11 -31.42 14.03
C SER D 326 20.36 -31.63 15.52
N PHE D 327 19.93 -32.77 16.08
CA PHE D 327 20.00 -32.94 17.55
C PHE D 327 21.39 -32.68 18.18
N ASN D 328 22.47 -33.25 17.61
CA ASN D 328 23.77 -33.01 18.22
C ASN D 328 24.39 -31.66 17.90
N MET D 329 23.88 -30.98 16.87
CA MET D 329 24.17 -29.55 16.69
C MET D 329 23.55 -28.70 17.80
N PHE D 330 22.30 -28.97 18.16
CA PHE D 330 21.64 -28.20 19.26
C PHE D 330 22.39 -28.39 20.56
N ASP D 331 22.81 -29.64 20.79
CA ASP D 331 23.66 -29.95 21.95
C ASP D 331 24.93 -29.13 21.90
N ALA D 332 25.62 -29.15 20.77
CA ALA D 332 26.88 -28.43 20.70
C ALA D 332 26.63 -26.95 21.05
N GLN D 333 25.52 -26.41 20.54
CA GLN D 333 25.17 -25.00 20.76
C GLN D 333 24.78 -24.77 22.23
N ALA D 334 24.00 -25.69 22.78
CA ALA D 334 23.52 -25.54 24.17
C ALA D 334 24.65 -25.63 25.20
N TRP D 335 25.62 -26.51 24.94
CA TRP D 335 26.79 -26.63 25.78
C TRP D 335 27.60 -25.33 25.71
N TYR D 336 27.71 -24.78 24.50
CA TYR D 336 28.42 -23.53 24.30
C TYR D 336 27.72 -22.39 25.04
N ALA D 337 26.42 -22.19 24.79
CA ALA D 337 25.64 -21.15 25.49
C ALA D 337 25.76 -21.30 27.02
N ARG D 338 25.60 -22.53 27.51
CA ARG D 338 25.83 -22.77 28.93
C ARG D 338 27.19 -22.26 29.44
N ASP D 339 28.27 -22.64 28.75
CA ASP D 339 29.63 -22.25 29.19
C ASP D 339 29.88 -20.74 29.14
N VAL D 340 29.27 -20.05 28.16
CA VAL D 340 29.33 -18.58 28.14
C VAL D 340 28.58 -18.04 29.36
N ILE D 341 27.40 -18.60 29.63
CA ILE D 341 26.56 -18.12 30.72
C ILE D 341 27.25 -18.29 32.07
N MET D 342 27.89 -19.44 32.26
CA MET D 342 28.62 -19.77 33.49
C MET D 342 30.00 -19.11 33.59
N GLY D 343 30.37 -18.30 32.60
CA GLY D 343 31.65 -17.56 32.65
C GLY D 343 32.85 -18.42 32.32
N ARG D 344 32.63 -19.59 31.75
CA ARG D 344 33.73 -20.47 31.39
C ARG D 344 34.41 -20.06 30.08
N LEU D 345 33.65 -19.41 29.20
CA LEU D 345 34.14 -19.00 27.89
C LEU D 345 33.86 -17.52 27.66
N PRO D 346 34.73 -16.66 28.18
CA PRO D 346 34.45 -15.22 28.10
C PRO D 346 34.38 -14.78 26.62
N LEU D 347 33.51 -13.83 26.36
CA LEU D 347 33.25 -13.36 25.02
C LEU D 347 34.32 -12.39 24.55
N PRO D 348 34.71 -12.45 23.27
CA PRO D 348 35.56 -11.36 22.74
C PRO D 348 34.81 -10.02 22.62
N SER D 349 35.49 -8.96 22.18
CA SER D 349 34.82 -7.69 21.95
C SER D 349 33.83 -7.81 20.79
N LYS D 350 32.93 -6.83 20.68
CA LYS D 350 31.93 -6.81 19.62
C LYS D 350 32.58 -6.82 18.23
N GLU D 351 33.66 -6.05 18.08
CA GLU D 351 34.43 -5.99 16.83
C GLU D 351 34.95 -7.36 16.43
N GLU D 352 35.49 -8.10 17.39
CA GLU D 352 36.00 -9.44 17.12
C GLU D 352 34.89 -10.45 16.77
N MET D 353 33.75 -10.34 17.44
CA MET D 353 32.62 -11.20 17.14
C MET D 353 32.18 -10.99 15.69
N LYS D 354 32.04 -9.72 15.31
CA LYS D 354 31.65 -9.35 13.96
C LYS D 354 32.62 -9.91 12.91
N ALA D 355 33.92 -9.71 13.11
CA ALA D 355 34.92 -10.26 12.18
C ALA D 355 34.82 -11.78 12.07
N ASP D 356 34.59 -12.46 13.20
CA ASP D 356 34.48 -13.93 13.17
C ASP D 356 33.24 -14.33 12.36
N SER D 357 32.10 -13.68 12.60
CA SER D 357 30.88 -14.04 11.89
C SER D 357 30.95 -13.73 10.39
N MET D 358 31.61 -12.64 10.03
CA MET D 358 31.81 -12.32 8.62
C MET D 358 32.61 -13.40 7.91
N ALA D 359 33.65 -13.92 8.54
CA ALA D 359 34.45 -15.02 7.96
C ALA D 359 33.60 -16.27 7.78
N TRP D 360 32.74 -16.58 8.75
CA TRP D 360 31.82 -17.73 8.56
C TRP D 360 30.84 -17.47 7.42
N ARG D 361 30.33 -16.25 7.31
CA ARG D 361 29.40 -15.97 6.20
C ARG D 361 30.10 -16.05 4.83
N GLU D 362 31.33 -15.55 4.76
CA GLU D 362 32.08 -15.62 3.50
C GLU D 362 32.24 -17.05 3.00
N LYS D 363 32.54 -17.96 3.93
CA LYS D 363 32.69 -19.35 3.58
C LYS D 363 31.35 -19.92 3.16
N GLU D 364 30.30 -19.61 3.92
CA GLU D 364 28.97 -20.05 3.59
C GLU D 364 28.62 -19.73 2.13
N LEU D 365 28.98 -18.53 1.67
CA LEU D 365 28.61 -18.08 0.32
C LEU D 365 29.35 -18.84 -0.80
N THR D 366 30.43 -19.55 -0.45
CA THR D 366 31.20 -20.31 -1.46
C THR D 366 30.59 -21.69 -1.76
N LEU D 367 29.63 -22.11 -0.93
CA LEU D 367 29.18 -23.51 -0.91
C LEU D 367 28.25 -23.81 -2.05
N VAL D 368 28.51 -24.91 -2.77
CA VAL D 368 27.70 -25.24 -3.94
C VAL D 368 26.99 -26.57 -3.78
N THR D 369 27.75 -27.62 -3.47
CA THR D 369 27.15 -28.97 -3.43
C THR D 369 26.60 -29.33 -2.04
N ALA D 370 25.70 -30.30 -2.01
CA ALA D 370 25.21 -30.90 -0.78
C ALA D 370 26.35 -31.30 0.14
N GLU D 371 27.39 -31.90 -0.44
CA GLU D 371 28.50 -32.36 0.36
C GLU D 371 29.21 -31.20 1.06
N GLU D 372 29.43 -30.10 0.33
CA GLU D 372 30.03 -28.92 0.92
C GLU D 372 29.15 -28.37 2.04
N MET D 373 27.84 -28.43 1.85
CA MET D 373 26.90 -27.90 2.86
C MET D 373 26.93 -28.63 4.20
N TYR D 374 26.70 -29.94 4.21
CA TYR D 374 26.76 -30.67 5.49
C TYR D 374 28.15 -30.71 6.09
N THR D 375 29.18 -30.67 5.23
CA THR D 375 30.55 -30.62 5.76
C THR D 375 30.83 -29.28 6.45
N TYR D 376 30.41 -28.18 5.83
CA TYR D 376 30.55 -26.86 6.49
C TYR D 376 29.85 -26.89 7.84
N GLN D 377 28.65 -27.46 7.88
CA GLN D 377 27.93 -27.53 9.15
C GLN D 377 28.64 -28.46 10.13
N GLY D 378 29.24 -29.55 9.63
CA GLY D 378 30.16 -30.34 10.47
C GLY D 378 31.35 -29.55 11.01
N ASP D 379 31.99 -28.73 10.15
CA ASP D 379 33.07 -27.86 10.63
C ASP D 379 32.59 -26.90 11.71
N TYR D 380 31.37 -26.38 11.54
CA TYR D 380 30.79 -25.52 12.56
C TYR D 380 30.65 -26.25 13.90
N ILE D 381 30.03 -27.43 13.86
CA ILE D 381 29.85 -28.24 15.08
C ILE D 381 31.18 -28.64 15.72
N GLN D 382 32.15 -29.05 14.89
CA GLN D 382 33.50 -29.37 15.37
C GLN D 382 34.04 -28.24 16.21
N ASN D 383 34.04 -27.03 15.63
CA ASN D 383 34.51 -25.84 16.36
C ASN D 383 33.81 -25.66 17.70
N LEU D 384 32.50 -25.93 17.76
CA LEU D 384 31.76 -25.80 19.04
C LEU D 384 32.10 -26.87 20.12
N ILE D 385 32.16 -28.14 19.70
CA ILE D 385 32.41 -29.22 20.67
C ILE D 385 33.86 -29.22 21.15
N ASP D 386 34.81 -28.68 20.36
CA ASP D 386 36.19 -28.54 20.89
C ASP D 386 36.30 -27.51 22.03
N MET D 387 35.26 -26.69 22.24
CA MET D 387 35.37 -25.63 23.24
C MET D 387 34.78 -26.01 24.59
N THR D 388 34.03 -27.11 24.60
CA THR D 388 33.29 -27.55 25.79
C THR D 388 33.57 -29.03 26.07
N ASP D 389 33.04 -29.52 27.20
CA ASP D 389 33.10 -30.94 27.58
C ASP D 389 32.03 -31.82 26.93
N TYR D 390 31.35 -31.33 25.90
CA TYR D 390 30.48 -32.20 25.13
C TYR D 390 31.37 -33.25 24.45
N PRO D 391 30.99 -34.53 24.55
CA PRO D 391 31.93 -35.55 24.10
C PRO D 391 32.25 -35.35 22.62
N SER D 392 33.52 -35.52 22.25
CA SER D 392 33.82 -35.46 20.83
C SER D 392 33.32 -36.71 20.16
N PHE D 393 32.88 -36.54 18.93
CA PHE D 393 32.43 -37.67 18.18
C PHE D 393 32.98 -37.47 16.79
N ASP D 394 32.92 -38.52 15.99
CA ASP D 394 33.60 -38.52 14.74
C ASP D 394 32.76 -37.79 13.67
N ILE D 395 33.02 -36.50 13.50
CA ILE D 395 32.27 -35.69 12.52
C ILE D 395 32.56 -36.08 11.07
N PRO D 396 33.86 -36.31 10.72
CA PRO D 396 34.10 -36.79 9.37
C PRO D 396 33.38 -38.09 9.03
N ALA D 397 33.26 -39.02 9.98
CA ALA D 397 32.51 -40.25 9.67
C ALA D 397 30.99 -40.01 9.63
N THR D 398 30.53 -38.98 10.34
CA THR D 398 29.13 -38.55 10.18
C THR D 398 28.91 -37.94 8.78
N ASN D 399 29.85 -37.12 8.32
CA ASN D 399 29.80 -36.61 6.93
C ASN D 399 29.71 -37.72 5.88
N LYS D 400 30.47 -38.80 6.08
CA LYS D 400 30.45 -39.96 5.17
C LYS D 400 29.13 -40.70 5.22
N THR D 401 28.47 -40.69 6.37
CA THR D 401 27.12 -41.23 6.46
C THR D 401 26.11 -40.38 5.67
N PHE D 402 26.21 -39.05 5.74
CA PHE D 402 25.35 -38.18 4.93
C PHE D 402 25.57 -38.49 3.44
N LEU D 403 26.83 -38.70 3.05
CA LEU D 403 27.19 -38.99 1.66
C LEU D 403 26.48 -40.25 1.18
N GLU D 404 26.51 -41.30 1.99
CA GLU D 404 25.79 -42.54 1.66
C GLU D 404 24.32 -42.29 1.48
N TRP D 405 23.72 -41.65 2.49
CA TRP D 405 22.31 -41.23 2.45
C TRP D 405 21.96 -40.52 1.15
N LYS D 406 22.79 -39.56 0.75
CA LYS D 406 22.60 -38.79 -0.49
C LYS D 406 22.53 -39.71 -1.73
N HIS D 407 23.47 -40.65 -1.80
CA HIS D 407 23.51 -41.63 -2.88
C HIS D 407 22.27 -42.51 -2.86
N HIS D 408 21.83 -42.96 -1.68
CA HIS D 408 20.64 -43.79 -1.63
C HIS D 408 19.39 -43.05 -2.12
N LYS D 409 19.29 -41.76 -1.81
CA LYS D 409 18.17 -40.96 -2.31
C LYS D 409 18.24 -40.87 -3.84
N LYS D 410 19.43 -40.56 -4.36
CA LYS D 410 19.65 -40.52 -5.82
C LYS D 410 19.30 -41.84 -6.52
N GLU D 411 19.72 -42.97 -5.95
CA GLU D 411 19.44 -44.30 -6.52
C GLU D 411 17.93 -44.59 -6.60
N ASN D 412 17.20 -44.25 -5.54
CA ASN D 412 15.76 -44.45 -5.55
C ASN D 412 15.09 -43.75 -4.39
N ILE D 413 14.33 -42.71 -4.72
CA ILE D 413 13.73 -41.80 -3.71
C ILE D 413 12.69 -42.50 -2.83
N MET D 414 12.16 -43.61 -3.32
CA MET D 414 11.15 -44.38 -2.57
C MET D 414 11.72 -45.48 -1.64
N THR D 415 13.00 -45.82 -1.78
CA THR D 415 13.57 -46.89 -0.95
C THR D 415 14.76 -46.45 -0.13
N PHE D 416 15.10 -45.17 -0.15
CA PHE D 416 16.24 -44.71 0.62
C PHE D 416 16.08 -45.03 2.09
N ARG D 417 14.85 -45.05 2.59
CA ARG D 417 14.61 -45.35 4.00
C ARG D 417 14.84 -46.83 4.39
N ASP D 418 15.06 -47.68 3.39
CA ASP D 418 15.26 -49.13 3.59
C ASP D 418 16.72 -49.52 3.89
N HIS D 419 17.63 -48.57 3.80
CA HIS D 419 19.04 -48.81 4.05
C HIS D 419 19.38 -48.65 5.52
N SER D 420 20.55 -49.14 5.91
CA SER D 420 21.06 -49.13 7.29
C SER D 420 22.45 -48.52 7.34
N TYR D 421 22.82 -47.95 8.47
CA TYR D 421 24.13 -47.32 8.62
C TYR D 421 24.65 -47.67 10.00
N ARG D 422 25.93 -47.46 10.25
CA ARG D 422 26.46 -47.69 11.59
C ARG D 422 26.51 -46.46 12.49
N SER D 423 26.25 -46.68 13.78
CA SER D 423 26.33 -45.60 14.75
C SER D 423 27.77 -45.16 14.86
N LEU D 424 27.98 -43.83 14.89
CA LEU D 424 29.29 -43.22 15.13
C LEU D 424 29.60 -43.12 16.61
N MET D 425 28.60 -43.33 17.47
CA MET D 425 28.83 -43.28 18.91
C MET D 425 29.21 -44.63 19.47
N THR D 426 28.60 -45.70 18.97
CA THR D 426 28.82 -47.07 19.48
C THR D 426 29.41 -48.05 18.47
N GLY D 427 29.36 -47.75 17.18
CA GLY D 427 29.90 -48.65 16.18
C GLY D 427 28.99 -49.80 15.80
N THR D 428 27.83 -49.93 16.45
CA THR D 428 26.89 -51.01 16.12
C THR D 428 26.17 -50.69 14.80
N MET D 429 26.14 -51.69 13.92
CA MET D 429 25.47 -51.59 12.63
C MET D 429 23.96 -51.69 12.87
N ALA D 430 23.19 -50.81 12.23
CA ALA D 430 21.73 -50.89 12.35
C ALA D 430 21.22 -52.06 11.52
N PRO D 431 20.28 -52.82 12.07
CA PRO D 431 19.75 -53.92 11.25
C PRO D 431 18.74 -53.40 10.24
N LYS D 432 18.40 -54.23 9.27
CA LYS D 432 17.35 -53.94 8.32
C LYS D 432 16.02 -53.97 9.07
N HIS D 433 15.09 -53.09 8.71
CA HIS D 433 13.78 -53.09 9.37
C HIS D 433 12.98 -54.30 8.88
N HIS D 434 12.01 -54.74 9.67
CA HIS D 434 11.22 -55.89 9.32
C HIS D 434 10.30 -55.67 8.12
N THR D 435 10.06 -54.42 7.73
CA THR D 435 9.14 -54.14 6.63
C THR D 435 9.70 -53.00 5.77
N PRO D 436 9.61 -53.14 4.43
CA PRO D 436 9.99 -52.07 3.52
C PRO D 436 9.10 -50.84 3.72
N TRP D 437 9.69 -49.65 3.54
CA TRP D 437 8.97 -48.41 3.83
C TRP D 437 7.62 -48.37 3.13
N ILE D 438 7.57 -48.79 1.87
CA ILE D 438 6.34 -48.67 1.08
C ILE D 438 5.19 -49.50 1.66
N ASP D 439 5.53 -50.57 2.37
CA ASP D 439 4.51 -51.43 2.95
C ASP D 439 4.33 -51.20 4.44
N ALA D 440 5.20 -50.38 5.05
CA ALA D 440 5.09 -50.14 6.51
C ALA D 440 4.05 -49.06 6.80
N LEU D 441 2.79 -49.44 6.69
CA LEU D 441 1.66 -48.50 6.74
C LEU D 441 1.38 -47.96 8.15
N ASP D 442 1.61 -48.82 9.15
CA ASP D 442 1.49 -48.48 10.56
C ASP D 442 2.73 -47.69 11.04
N ASP D 443 2.50 -46.45 11.54
CA ASP D 443 3.60 -45.57 11.97
C ASP D 443 3.86 -45.61 13.49
N SER D 444 3.11 -46.44 14.21
CA SER D 444 3.22 -46.46 15.68
C SER D 444 4.57 -47.00 16.14
N LEU D 445 5.02 -46.51 17.30
CA LEU D 445 6.22 -46.98 17.98
C LEU D 445 6.12 -48.49 18.24
N GLU D 446 4.95 -48.95 18.67
CA GLU D 446 4.75 -50.34 19.00
C GLU D 446 4.95 -51.29 17.80
N ALA D 447 4.38 -50.95 16.63
CA ALA D 447 4.61 -51.79 15.47
C ALA D 447 6.08 -51.72 15.00
N TYR D 448 6.71 -50.56 15.20
CA TYR D 448 8.08 -50.39 14.76
C TYR D 448 9.06 -51.21 15.60
N LEU D 449 8.84 -51.25 16.91
CA LEU D 449 9.77 -51.93 17.83
C LEU D 449 9.49 -53.43 18.00
N SER D 450 8.38 -53.92 17.46
CA SER D 450 8.05 -55.34 17.60
C SER D 450 8.70 -56.19 16.48
N ASP D 451 8.50 -57.50 16.54
CA ASP D 451 9.17 -58.47 15.63
C ASP D 451 8.61 -58.71 14.22
N LYS D 452 7.35 -58.36 13.97
CA LYS D 452 6.72 -58.72 12.68
C LYS D 452 6.31 -57.58 11.77
PA FAD E . -14.22 -7.70 13.00
O1A FAD E . -13.79 -9.09 13.43
O2A FAD E . -15.04 -7.78 11.76
O5B FAD E . -12.92 -6.76 12.78
C5B FAD E . -11.87 -6.68 13.70
C4B FAD E . -10.63 -6.14 12.99
O4B FAD E . -9.55 -6.10 13.90
C3B FAD E . -10.19 -7.00 11.82
O3B FAD E . -10.10 -6.19 10.64
C2B FAD E . -8.83 -7.54 12.23
O2B FAD E . -7.91 -7.67 11.16
C1B FAD E . -8.37 -6.46 13.19
N9A FAD E . -7.36 -6.95 14.14
C8A FAD E . -7.55 -7.99 15.02
N7A FAD E . -6.42 -8.13 15.75
C5A FAD E . -5.53 -7.20 15.36
C6A FAD E . -4.24 -6.88 15.78
N6A FAD E . -3.57 -7.71 16.58
N1A FAD E . -3.58 -5.83 15.19
C2A FAD E . -4.16 -5.08 14.19
N3A FAD E . -5.44 -5.40 13.78
C4A FAD E . -6.12 -6.42 14.35
N1 FAD E . -23.07 -10.00 11.38
C2 FAD E . -24.21 -9.58 10.72
O2 FAD E . -24.77 -8.52 11.05
N3 FAD E . -24.71 -10.33 9.69
C4 FAD E . -24.08 -11.50 9.32
O4 FAD E . -24.56 -12.15 8.39
C4X FAD E . -22.93 -11.91 9.98
N5 FAD E . -22.30 -13.08 9.62
C5X FAD E . -21.16 -13.52 10.26
C6 FAD E . -20.55 -14.72 9.85
C7 FAD E . -19.37 -15.15 10.48
C7M FAD E . -18.73 -16.43 10.04
C8 FAD E . -18.83 -14.38 11.54
C8M FAD E . -17.59 -14.83 12.27
C9 FAD E . -19.45 -13.20 11.93
C9A FAD E . -20.63 -12.75 11.30
N10 FAD E . -21.25 -11.56 11.67
C10 FAD E . -22.41 -11.15 11.01
C1' FAD E . -20.77 -10.73 12.84
C2' FAD E . -19.52 -9.89 12.78
O2' FAD E . -19.01 -10.01 14.10
C3' FAD E . -19.93 -8.44 12.54
O3' FAD E . -20.63 -8.32 11.33
C4' FAD E . -18.74 -7.49 12.40
O4' FAD E . -17.89 -8.00 11.39
C5' FAD E . -17.97 -7.28 13.68
O5' FAD E . -17.14 -6.19 13.38
P FAD E . -15.88 -5.76 14.25
O1P FAD E . -15.19 -4.56 13.59
O2P FAD E . -16.26 -5.55 15.71
O3P FAD E . -14.94 -7.05 14.26
PN NA0 F . -21.57 -19.90 16.54
O1N NA0 F . -22.51 -21.00 16.11
O2N NA0 F . -20.22 -19.77 15.88
O5D NA0 F . -22.30 -18.47 16.43
C5D NA0 F . -21.65 -17.47 15.63
C4B NA0 F . -21.73 -23.66 20.04
O4B NA0 F . -21.09 -24.88 19.68
C3B NA0 F . -23.08 -24.07 20.64
O3B NA0 F . -23.91 -24.71 19.66
C2B NA0 F . -22.49 -25.10 21.59
O2B NA0 F . -23.43 -26.00 22.11
C1B NA0 F . -21.50 -25.82 20.67
N9A NA0 F . -20.41 -26.38 21.49
C8A NA0 F . -19.52 -25.78 22.29
N7A NA0 F . -18.72 -26.72 22.84
C5A NA0 F . -19.13 -27.91 22.38
C6A NA0 F . -18.74 -29.21 22.57
N6A NA0 F . -17.71 -29.50 23.37
N1A NA0 F . -19.39 -30.21 21.93
C2A NA0 F . -20.42 -29.97 21.11
N3A NA0 F . -20.81 -28.72 20.92
C4A NA0 F . -20.20 -27.69 21.53
O3 NA0 F . -21.23 -20.01 18.13
PA NA0 F . -22.28 -19.99 19.34
O2A NA0 F . -23.57 -19.39 18.84
O1A NA0 F . -21.54 -19.41 20.49
O5B NA0 F . -22.44 -21.53 19.72
C5B NA0 F . -21.82 -22.58 19.01
C4D NA0 F . -22.24 -16.11 15.94
O4D NA0 F . -23.66 -16.19 15.74
C3D NA0 F . -21.74 -14.99 15.04
O3D NA0 F . -21.35 -15.44 13.75
C2D NA0 F . -22.96 -14.13 14.83
O2D NA0 F . -22.87 -13.61 13.50
C1D NA0 F . -24.10 -15.12 14.93
N1N NA0 F . -25.30 -14.61 15.57
C2N NA0 F . -26.29 -14.17 14.79
C3N NA0 F . -27.47 -13.71 15.37
C7N NA0 F . -28.55 -13.17 14.48
O7N NA0 F . -28.51 -13.35 13.27
C4N NA0 F . -27.60 -13.71 16.75
C5N NA0 F . -26.54 -14.18 17.54
C6N NA0 F . -25.39 -14.64 16.92
P2B NA0 F . -24.44 -25.63 23.33
O2X NA0 F . -23.77 -24.64 24.24
O1X NA0 F . -24.60 -27.00 23.90
O3X NA0 F . -25.63 -25.10 22.59
CAA NA0 F . -29.65 -12.36 15.07
C1 PEG G . -10.27 -43.70 3.51
O1 PEG G . -10.58 -45.09 3.67
C2 PEG G . -10.13 -43.02 4.87
O2 PEG G . -10.91 -41.81 4.85
C3 PEG G . -11.04 -41.22 6.13
C4 PEG G . -12.39 -40.55 6.24
O4 PEG G . -13.26 -41.47 6.89
C1 PEG H . -13.95 -50.02 11.28
O1 PEG H . -13.47 -49.81 12.61
C2 PEG H . -13.12 -49.20 10.30
O2 PEG H . -13.70 -49.37 9.00
C3 PEG H . -14.30 -48.18 8.49
C4 PEG H . -15.42 -48.49 7.49
O4 PEG H . -16.55 -47.63 7.76
C1 PEG I . -31.18 -29.11 -4.08
O1 PEG I . -31.83 -30.15 -4.81
C2 PEG I . -30.14 -29.78 -3.18
O2 PEG I . -28.89 -29.89 -3.83
C3 PEG I . -28.45 -31.25 -3.89
C4 PEG I . -27.26 -31.37 -4.85
O4 PEG I . -27.01 -30.07 -5.41
C1 PEG J . -31.46 -0.66 33.53
O1 PEG J . -30.72 -1.73 34.10
C2 PEG J . -32.23 -1.31 32.40
O2 PEG J . -31.80 -2.67 32.23
C3 PEG J . -32.74 -3.50 31.53
C4 PEG J . -33.28 -2.88 30.25
O4 PEG J . -34.70 -2.69 30.37
N1 EPE K . -16.03 15.13 3.95
C2 EPE K . -15.39 14.15 3.05
C3 EPE K . -13.89 14.12 3.29
N4 EPE K . -13.28 15.44 3.27
C5 EPE K . -14.01 16.57 3.86
C6 EPE K . -15.53 16.49 3.66
C7 EPE K . -12.06 15.61 2.49
C8 EPE K . -11.26 16.91 2.70
O8 EPE K . -10.91 17.09 4.06
C9 EPE K . -17.49 15.14 3.77
C10 EPE K . -18.09 13.75 3.94
S EPE K . -19.65 13.70 4.86
O1S EPE K . -19.45 14.29 6.18
O2S EPE K . -20.09 12.31 4.99
O3S EPE K . -20.68 14.43 4.13
PA FAD L . 14.13 7.75 -12.89
O1A FAD L . 13.60 9.01 -13.56
O2A FAD L . 13.79 6.50 -13.66
O5B FAD L . 13.51 7.56 -11.42
C5B FAD L . 13.55 8.58 -10.42
C4B FAD L . 12.60 8.22 -9.27
O4B FAD L . 12.59 9.36 -8.40
C3B FAD L . 11.16 8.06 -9.76
O3B FAD L . 10.61 6.83 -9.34
C2B FAD L . 10.41 9.27 -9.20
O2B FAD L . 9.04 9.02 -8.85
C1B FAD L . 11.25 9.60 -7.98
N9A FAD L . 11.12 10.99 -7.52
C8A FAD L . 11.38 12.14 -8.25
N7A FAD L . 11.12 13.21 -7.45
C5A FAD L . 10.72 12.77 -6.25
C6A FAD L . 10.35 13.43 -5.09
N6A FAD L . 10.35 14.76 -5.01
N1A FAD L . 9.99 12.68 -4.00
C2A FAD L . 9.97 11.31 -4.05
N3A FAD L . 10.35 10.67 -5.21
C4A FAD L . 10.70 11.36 -6.29
N1 FAD L . 17.43 4.16 -20.71
C2 FAD L . 17.86 2.98 -21.30
O2 FAD L . 18.86 2.42 -20.89
N3 FAD L . 17.17 2.44 -22.37
C4 FAD L . 16.05 3.07 -22.86
O4 FAD L . 15.45 2.56 -23.81
C4X FAD L . 15.62 4.26 -22.28
N5 FAD L . 14.50 4.92 -22.76
C5X FAD L . 14.06 6.10 -22.16
C6 FAD L . 12.92 6.73 -22.67
C7 FAD L . 12.49 7.93 -22.07
C7M FAD L . 11.27 8.60 -22.62
C8 FAD L . 13.20 8.47 -20.98
C8M FAD L . 12.79 9.75 -20.31
C9 FAD L . 14.34 7.83 -20.50
C9A FAD L . 14.79 6.64 -21.08
N10 FAD L . 15.92 5.99 -20.60
C10 FAD L . 16.33 4.80 -21.19
C1' FAD L . 16.78 6.54 -19.49
C2' FAD L . 16.34 6.58 -18.04
O2' FAD L . 16.89 7.80 -17.56
C3' FAD L . 17.06 5.44 -17.29
O3' FAD L . 16.77 4.25 -17.94
C4' FAD L . 16.60 5.23 -15.84
O4' FAD L . 15.19 5.21 -15.75
C5' FAD L . 17.14 6.32 -14.93
O5' FAD L . 16.79 5.88 -13.63
P FAD L . 16.82 6.84 -12.37
O1P FAD L . 16.38 6.05 -11.16
O2P FAD L . 18.15 7.56 -12.26
O3P FAD L . 15.69 7.97 -12.68
PN NA0 M . 15.94 14.01 -25.88
O1N NA0 M . 15.84 14.03 -27.40
O2N NA0 M . 14.69 13.98 -25.02
O5D NA0 M . 16.83 12.78 -25.41
C5D NA0 M . 16.29 11.91 -24.42
C4B NA0 M . 16.98 18.68 -28.06
O4B NA0 M . 15.83 19.36 -28.56
C3B NA0 M . 17.99 18.68 -29.21
O3B NA0 M . 17.53 17.99 -30.39
C2B NA0 M . 17.83 20.18 -29.44
O2B NA0 M . 18.41 20.55 -30.66
C1B NA0 M . 16.32 20.34 -29.46
N9A NA0 M . 15.90 21.69 -29.09
C8A NA0 M . 16.04 22.34 -27.91
N7A NA0 M . 15.49 23.57 -28.06
C5A NA0 M . 15.02 23.67 -29.32
C6A NA0 M . 14.38 24.68 -30.03
N6A NA0 M . 14.11 25.87 -29.43
N1A NA0 M . 14.03 24.46 -31.32
C2A NA0 M . 14.30 23.29 -31.93
N3A NA0 M . 14.93 22.30 -31.26
C4A NA0 M . 15.29 22.49 -29.96
O3 NA0 M . 16.82 15.27 -25.36
PA NA0 M . 18.28 15.70 -25.87
O2A NA0 M . 19.05 14.52 -26.40
O1A NA0 M . 18.84 16.45 -24.70
O5B NA0 M . 18.02 16.83 -27.01
C5B NA0 M . 16.74 17.37 -27.35
C4D NA0 M . 17.40 11.00 -23.90
O4D NA0 M . 17.97 10.25 -24.97
C3D NA0 M . 16.98 9.97 -22.87
O3D NA0 M . 15.70 9.38 -23.13
C2D NA0 M . 18.04 8.91 -23.03
O2D NA0 M . 17.51 7.62 -22.72
C1D NA0 M . 18.35 8.95 -24.52
N1N NA0 M . 19.76 8.72 -24.80
C2N NA0 M . 20.10 7.53 -25.32
C3N NA0 M . 21.44 7.24 -25.64
C7N NA0 M . 21.72 5.88 -26.20
O7N NA0 M . 20.81 5.26 -26.73
C4N NA0 M . 22.42 8.21 -25.44
C5N NA0 M . 22.03 9.44 -24.89
C6N NA0 M . 20.69 9.68 -24.58
P2B NA0 M . 19.96 20.98 -30.71
O2X NA0 M . 20.43 21.25 -29.32
O1X NA0 M . 19.86 22.21 -31.56
O3X NA0 M . 20.59 19.80 -31.36
CAA NA0 M . 23.06 5.24 -26.09
C1 PEG N . 41.29 11.56 -15.41
O1 PEG N . 42.55 12.01 -14.91
C2 PEG N . 41.20 11.83 -16.90
O2 PEG N . 40.03 11.20 -17.40
C3 PEG N . 40.06 10.94 -18.81
C4 PEG N . 40.20 9.43 -19.01
O4 PEG N . 39.45 9.07 -20.17
C1 PEG O . -9.47 22.38 -37.27
O1 PEG O . -9.32 23.46 -38.20
C2 PEG O . -8.45 22.58 -36.14
O2 PEG O . -7.18 22.94 -36.68
C3 PEG O . -6.18 21.94 -36.45
C4 PEG O . -4.80 22.59 -36.51
O4 PEG O . -4.38 22.78 -37.88
C1 PEG P . -5.03 29.95 -42.68
O1 PEG P . -5.36 30.74 -41.56
C2 PEG P . -5.91 28.72 -42.66
O2 PEG P . -5.28 27.79 -43.53
C3 PEG P . -5.75 26.44 -43.37
C4 PEG P . -5.26 25.59 -44.53
O4 PEG P . -3.90 25.22 -44.33
C1 PEG Q . 20.62 28.27 -33.00
O1 PEG Q . 20.27 28.61 -31.65
C2 PEG Q . 21.81 27.32 -33.04
O2 PEG Q . 22.31 27.20 -34.39
C3 PEG Q . 21.67 28.12 -35.28
C4 PEG Q . 22.36 28.20 -36.64
O4 PEG Q . 21.54 28.99 -37.51
N1 EPE R . 18.12 -12.94 0.48
C2 EPE R . 17.17 -11.78 0.55
C3 EPE R . 16.22 -11.88 1.75
N4 EPE R . 16.98 -11.97 2.99
C5 EPE R . 18.29 -12.60 2.95
C6 EPE R . 18.44 -13.56 1.77
C7 EPE R . 16.80 -10.92 3.99
C8 EPE R . 16.69 -11.41 5.44
O8 EPE R . 15.33 -11.64 5.74
C9 EPE R . 19.39 -12.60 -0.17
C10 EPE R . 19.21 -12.47 -1.67
S EPE R . 20.76 -12.31 -2.58
O1S EPE R . 21.26 -13.66 -2.82
O2S EPE R . 21.74 -11.53 -1.83
O3S EPE R . 20.48 -11.68 -3.87
PA FAD S . -5.92 32.45 -8.85
O1A FAD S . -5.89 30.97 -9.04
O2A FAD S . -6.56 33.20 -10.00
O5B FAD S . -4.44 33.00 -8.68
C5B FAD S . -3.52 32.40 -7.79
C4B FAD S . -2.14 32.96 -8.14
O4B FAD S . -1.21 32.33 -7.28
C3B FAD S . -1.66 32.68 -9.58
O3B FAD S . -1.15 33.88 -10.18
C2B FAD S . -0.54 31.67 -9.37
O2B FAD S . 0.50 31.76 -10.32
C1B FAD S . -0.03 32.03 -8.00
N9A FAD S . 0.70 30.94 -7.34
C8A FAD S . 0.22 29.70 -7.03
N7A FAD S . 1.21 29.00 -6.42
C5A FAD S . 2.30 29.79 -6.33
C6A FAD S . 3.58 29.59 -5.80
N6A FAD S . 3.93 28.42 -5.26
N1A FAD S . 4.51 30.61 -5.86
C2A FAD S . 4.19 31.83 -6.41
N3A FAD S . 2.93 32.02 -6.93
C4A FAD S . 2.00 31.02 -6.89
N1 FAD S . -14.69 33.37 -11.41
C2 FAD S . -15.65 34.29 -11.84
O2 FAD S . -16.03 35.19 -11.09
N3 FAD S . -16.18 34.23 -13.11
C4 FAD S . -15.78 33.25 -13.98
O4 FAD S . -16.27 33.19 -15.12
C4X FAD S . -14.84 32.30 -13.55
N5 FAD S . -14.45 31.31 -14.42
C5X FAD S . -13.52 30.37 -14.04
C6 FAD S . -13.15 29.36 -14.95
C7 FAD S . -12.20 28.41 -14.57
C7M FAD S . -11.79 27.33 -15.56
C8 FAD S . -11.63 28.46 -13.29
C8M FAD S . -10.61 27.41 -12.85
C9 FAD S . -12.02 29.46 -12.39
C9A FAD S . -12.97 30.41 -12.76
N10 FAD S . -13.35 31.41 -11.88
C10 FAD S . -14.29 32.37 -12.28
C1' FAD S . -12.83 31.47 -10.46
C2' FAD S . -11.45 31.96 -10.17
O2' FAD S . -11.13 31.20 -9.03
C3' FAD S . -11.50 33.42 -9.74
O3' FAD S . -12.13 34.22 -10.72
C4' FAD S . -10.10 33.97 -9.44
O4' FAD S . -9.22 33.67 -10.51
C5' FAD S . -9.52 33.45 -8.13
O5' FAD S . -8.51 34.39 -7.79
P FAD S . -7.28 34.03 -6.84
O1P FAD S . -6.22 35.11 -6.88
O2P FAD S . -7.80 33.65 -5.48
O3P FAD S . -6.71 32.65 -7.45
PN NA0 T . -15.87 22.17 -11.35
O1N NA0 T . -16.98 21.56 -12.16
O2N NA0 T . -14.48 22.27 -11.96
O5D NA0 T . -16.32 23.64 -10.86
C5D NA0 T . -15.51 24.80 -11.16
C4B NA0 T . -17.17 17.35 -9.81
O4B NA0 T . -16.73 16.33 -10.72
C3B NA0 T . -18.65 17.06 -9.57
O3B NA0 T . -19.48 17.22 -10.75
C2B NA0 T . -18.49 15.59 -9.31
O2B NA0 T . -19.73 14.92 -9.35
C1B NA0 T . -17.56 15.19 -10.46
N9A NA0 T . -16.78 14.01 -10.05
C8A NA0 T . -15.88 13.91 -9.07
N7A NA0 T . -15.41 12.64 -9.06
C5A NA0 T . -16.05 11.96 -10.03
C6A NA0 T . -16.02 10.66 -10.49
N6A NA0 T . -15.19 9.78 -9.91
N1A NA0 T . -16.82 10.30 -11.52
C2A NA0 T . -17.65 11.18 -12.10
N3A NA0 T . -17.71 12.45 -11.67
C4A NA0 T . -16.92 12.84 -10.64
O3 NA0 T . -15.72 21.30 -9.98
PA NA0 T . -16.88 21.05 -8.89
O2A NA0 T . -18.01 22.04 -9.08
O1A NA0 T . -16.16 20.96 -7.57
O5B NA0 T . -17.44 19.60 -9.21
C5B NA0 T . -16.86 18.77 -10.21
C4D NA0 T . -15.91 25.93 -10.24
O4D NA0 T . -17.27 26.31 -10.45
C3D NA0 T . -15.06 27.19 -10.41
O3D NA0 T . -14.62 27.36 -11.77
C2D NA0 T . -16.04 28.30 -10.12
O2D NA0 T . -15.64 29.41 -10.92
C1D NA0 T . -17.36 27.72 -10.60
N1N NA0 T . -18.55 28.18 -9.89
C2N NA0 T . -19.27 29.17 -10.44
C3N NA0 T . -20.43 29.64 -9.82
C7N NA0 T . -21.19 30.77 -10.45
O7N NA0 T . -21.18 30.90 -11.67
C4N NA0 T . -20.85 29.06 -8.63
C5N NA0 T . -20.07 28.04 -8.07
C6N NA0 T . -18.92 27.60 -8.73
P2B NA0 T . -20.68 14.82 -8.04
O2X NA0 T . -19.83 15.20 -6.86
O1X NA0 T . -21.09 13.39 -8.05
O3X NA0 T . -21.81 15.72 -8.38
CAA NA0 T . -21.89 31.75 -9.57
C1 PEG U . -0.90 55.55 -7.15
O1 PEG U . 0.32 55.91 -7.81
C2 PEG U . -1.62 56.80 -6.65
O2 PEG U . -2.97 56.78 -7.16
C3 PEG U . -4.00 56.48 -6.17
C4 PEG U . -5.40 56.58 -6.79
O4 PEG U . -6.10 55.38 -6.52
C1 PEG V . -7.62 3.92 -32.81
O1 PEG V . -8.51 3.61 -33.89
C2 PEG V . -8.33 4.29 -31.52
O2 PEG V . -8.83 5.62 -31.61
C3 PEG V . -9.00 6.35 -30.38
C4 PEG V . -10.01 5.73 -29.43
O4 PEG V . -11.35 5.76 -29.93
C1 PEG W . -13.13 -3.38 -30.27
O1 PEG W . -13.21 -3.37 -28.85
C2 PEG W . -12.58 -2.03 -30.73
O2 PEG W . -13.41 -1.50 -31.76
C3 PEG W . -14.56 -0.86 -31.23
C4 PEG W . -15.24 0.02 -32.27
O4 PEG W . -16.31 0.72 -31.62
PA FAD X . 11.08 -27.02 17.66
O1A FAD X . 10.24 -26.29 16.61
O2A FAD X . 11.04 -28.52 17.56
O5B FAD X . 10.52 -26.59 19.11
C5B FAD X . 10.32 -25.22 19.45
C4B FAD X . 9.53 -25.17 20.76
O4B FAD X . 9.28 -23.82 21.15
C3B FAD X . 8.16 -25.83 20.58
O3B FAD X . 7.99 -26.78 21.61
C2B FAD X . 7.17 -24.69 20.72
O2B FAD X . 5.96 -25.05 21.35
C1B FAD X . 7.95 -23.72 21.58
N9A FAD X . 7.46 -22.34 21.40
C8A FAD X . 7.43 -21.65 20.22
N7A FAD X . 6.95 -20.41 20.50
C5A FAD X . 6.68 -20.32 21.83
C6A FAD X . 6.16 -19.29 22.63
N6A FAD X . 5.87 -18.07 22.13
N1A FAD X . 6.03 -19.51 23.97
C2A FAD X . 6.35 -20.74 24.53
N3A FAD X . 6.86 -21.73 23.73
C4A FAD X . 7.01 -21.53 22.41
N1 FAD X . 14.97 -33.05 11.93
C2 FAD X . 15.65 -34.27 11.87
O2 FAD X . 16.76 -34.41 12.37
N3 FAD X . 15.07 -35.35 11.24
C4 FAD X . 13.83 -35.23 10.65
O4 FAD X . 13.33 -36.21 10.09
C4X FAD X . 13.14 -34.00 10.69
N5 FAD X . 11.89 -33.87 10.09
C5X FAD X . 11.20 -32.68 10.16
C6 FAD X . 9.93 -32.56 9.54
C7 FAD X . 9.24 -31.34 9.61
C7M FAD X . 7.86 -31.20 8.97
C8 FAD X . 9.83 -30.25 10.28
C8M FAD X . 9.16 -28.91 10.36
C9 FAD X . 11.10 -30.38 10.86
C9A FAD X . 11.79 -31.58 10.80
N10 FAD X . 13.04 -31.70 11.41
C10 FAD X . 13.72 -32.91 11.34
C1' FAD X . 13.74 -30.51 12.04
C2' FAD X . 13.36 -29.89 13.36
O2' FAD X . 13.60 -28.52 13.18
C3' FAD X . 14.34 -30.41 14.42
O3' FAD X . 14.30 -31.82 14.39
C4' FAD X . 13.97 -29.95 15.81
O4' FAD X . 12.60 -30.18 16.09
C5' FAD X . 14.24 -28.47 16.07
O5' FAD X . 14.04 -28.37 17.45
P FAD X . 13.90 -27.00 18.23
O1P FAD X . 13.68 -27.24 19.71
O2P FAD X . 14.99 -26.02 17.86
O3P FAD X . 12.55 -26.42 17.57
PN NA0 Y . 11.14 -27.14 3.18
O1N NA0 Y . 11.08 -27.85 1.86
O2N NA0 Y . 9.92 -27.06 4.06
O5D NA0 Y . 12.33 -27.76 4.07
C5D NA0 Y . 11.96 -28.28 5.36
C4B NA0 Y . 11.01 -23.92 -0.94
O4B NA0 Y . 9.70 -23.77 -1.50
C3B NA0 Y . 11.93 -24.16 -2.13
O3B NA0 Y . 11.61 -25.37 -2.83
C2B NA0 Y . 11.38 -23.04 -2.98
O2B NA0 Y . 11.82 -23.12 -4.32
C1B NA0 Y . 9.88 -23.22 -2.81
N9A NA0 Y . 9.17 -21.94 -3.02
C8A NA0 Y . 9.23 -20.80 -2.30
N7A NA0 Y . 8.43 -19.87 -2.88
C5A NA0 Y . 7.88 -20.45 -3.97
C6A NA0 Y . 6.99 -20.02 -4.94
N6A NA0 Y . 6.48 -18.77 -4.94
N1A NA0 Y . 6.63 -20.89 -5.91
C2A NA0 Y . 7.13 -22.14 -5.96
N3A NA0 Y . 7.98 -22.57 -5.04
C4A NA0 Y . 8.36 -21.74 -4.03
O3 NA0 Y . 11.63 -25.62 2.91
PA NA0 Y . 12.95 -25.18 2.11
O2A NA0 Y . 13.96 -26.31 2.07
O1A NA0 Y . 13.30 -23.84 2.64
O5B NA0 Y . 12.45 -24.92 0.60
C5B NA0 Y . 11.09 -24.91 0.19
C4D NA0 Y . 13.24 -28.41 6.17
O4D NA0 Y . 14.09 -29.30 5.45
C3D NA0 Y . 13.09 -28.99 7.57
O3D NA0 Y . 11.98 -29.91 7.66
C2D NA0 Y . 14.39 -29.76 7.75
O2D NA0 Y . 14.19 -30.90 8.59
C1D NA0 Y . 14.68 -30.24 6.34
N1N NA0 Y . 16.07 -30.31 5.97
C2N NA0 Y . 16.65 -31.53 6.00
C3N NA0 Y . 17.98 -31.69 5.63
C7N NA0 Y . 18.58 -33.06 5.72
O7N NA0 Y . 17.86 -34.03 5.84
C4N NA0 Y . 18.70 -30.55 5.22
C5N NA0 Y . 18.08 -29.29 5.18
C6N NA0 Y . 16.74 -29.20 5.57
P2B NA0 Y . 13.27 -22.53 -4.72
O2X NA0 Y . 13.58 -21.48 -3.68
O1X NA0 Y . 13.01 -21.92 -6.07
O3X NA0 Y . 14.15 -23.72 -4.71
CAA NA0 Y . 20.06 -33.27 5.71
N1 EPE Z . 20.11 -37.96 38.34
C2 EPE Z . 19.12 -37.07 37.67
C3 EPE Z . 17.89 -36.90 38.56
N4 EPE Z . 18.29 -36.45 39.89
C5 EPE Z . 19.73 -36.31 40.18
C6 EPE Z . 20.51 -37.52 39.69
C7 EPE Z . 17.31 -36.05 40.89
C8 EPE Z . 17.94 -35.21 42.02
O8 EPE Z . 17.10 -35.32 43.15
C9 EPE Z . 21.33 -38.21 37.54
C10 EPE Z . 20.98 -38.19 36.06
S EPE Z . 22.42 -38.40 34.96
O1S EPE Z . 23.05 -39.67 35.30
O2S EPE Z . 23.36 -37.28 35.11
O3S EPE Z . 21.91 -38.45 33.57
C1 PEG AA . 36.40 -23.25 7.65
O1 PEG AA . 35.82 -24.55 7.65
C2 PEG AA . 35.28 -22.22 7.62
O2 PEG AA . 35.46 -21.36 8.75
C3 PEG AA . 35.56 -20.00 8.43
C4 PEG AA . 35.78 -19.23 9.72
O4 PEG AA . 37.18 -19.21 10.02
C1 PEG BA . -15.79 -28.80 -8.51
O1 PEG BA . -16.22 -30.14 -8.80
C2 PEG BA . -14.99 -28.77 -7.19
O2 PEG BA . -13.68 -29.31 -7.39
C3 PEG BA . -12.64 -28.43 -6.98
C4 PEG BA . -11.31 -29.15 -7.15
O4 PEG BA . -10.90 -28.97 -8.51
C1 PEG CA . -12.79 -29.25 -15.32
O1 PEG CA . -11.51 -29.82 -15.67
C2 PEG CA . -12.90 -27.92 -16.02
O2 PEG CA . -13.97 -27.16 -15.45
C3 PEG CA . -13.66 -25.77 -15.32
C4 PEG CA . -13.77 -25.08 -16.67
O4 PEG CA . -12.92 -23.92 -16.68
C1 PEG DA . 13.14 -17.35 -9.41
O1 PEG DA . 12.00 -16.61 -8.96
C2 PEG DA . 12.86 -17.74 -10.86
O2 PEG DA . 14.04 -18.34 -11.42
C3 PEG DA . 13.74 -19.09 -12.61
C4 PEG DA . 13.74 -18.24 -13.88
O4 PEG DA . 12.39 -18.03 -14.35
#